data_6AWM
# 
_entry.id   6AWM 
# 
_audit_conform.dict_name       mmcif_pdbx.dic 
_audit_conform.dict_version    5.391 
_audit_conform.dict_location   http://mmcif.pdb.org/dictionaries/ascii/mmcif_pdbx.dic 
# 
loop_
_database_2.database_id 
_database_2.database_code 
_database_2.pdbx_database_accession 
_database_2.pdbx_DOI 
PDB   6AWM         pdb_00006awm 10.2210/pdb6awm/pdb 
WWPDB D_1000229938 ?            ?                   
BMRB  30338        ?            10.13018/BMR30338   
# 
loop_
_pdbx_audit_revision_history.ordinal 
_pdbx_audit_revision_history.data_content_type 
_pdbx_audit_revision_history.major_revision 
_pdbx_audit_revision_history.minor_revision 
_pdbx_audit_revision_history.revision_date 
1 'Structure model' 1 0 2018-03-07 
2 'Structure model' 1 1 2018-11-28 
3 'Structure model' 1 2 2024-05-01 
# 
_pdbx_audit_revision_details.ordinal             1 
_pdbx_audit_revision_details.revision_ordinal    1 
_pdbx_audit_revision_details.data_content_type   'Structure model' 
_pdbx_audit_revision_details.provider            repository 
_pdbx_audit_revision_details.type                'Initial release' 
_pdbx_audit_revision_details.description         ? 
_pdbx_audit_revision_details.details             ? 
# 
loop_
_pdbx_audit_revision_group.ordinal 
_pdbx_audit_revision_group.revision_ordinal 
_pdbx_audit_revision_group.data_content_type 
_pdbx_audit_revision_group.group 
1 2 'Structure model' 'Data collection'     
2 2 'Structure model' 'Database references' 
3 3 'Structure model' 'Data collection'     
4 3 'Structure model' 'Database references' 
# 
loop_
_pdbx_audit_revision_category.ordinal 
_pdbx_audit_revision_category.revision_ordinal 
_pdbx_audit_revision_category.data_content_type 
_pdbx_audit_revision_category.category 
1 2 'Structure model' citation              
2 2 'Structure model' citation_author       
3 3 'Structure model' chem_comp_atom        
4 3 'Structure model' chem_comp_bond        
5 3 'Structure model' database_2            
6 3 'Structure model' pdbx_nmr_software     
7 3 'Structure model' pdbx_nmr_spectrometer 
# 
loop_
_pdbx_audit_revision_item.ordinal 
_pdbx_audit_revision_item.revision_ordinal 
_pdbx_audit_revision_item.data_content_type 
_pdbx_audit_revision_item.item 
1 2 'Structure model' '_citation.country'                   
2 2 'Structure model' '_citation.journal_id_ISSN'           
3 2 'Structure model' '_citation.pdbx_database_id_PubMed'   
4 2 'Structure model' '_citation.title'                     
5 2 'Structure model' '_citation_author.name'               
6 3 'Structure model' '_database_2.pdbx_DOI'                
7 3 'Structure model' '_database_2.pdbx_database_accession' 
8 3 'Structure model' '_pdbx_nmr_software.name'             
9 3 'Structure model' '_pdbx_nmr_spectrometer.model'        
# 
_pdbx_database_status.status_code                     REL 
_pdbx_database_status.status_code_sf                  ? 
_pdbx_database_status.status_code_mr                  REL 
_pdbx_database_status.entry_id                        6AWM 
_pdbx_database_status.recvd_initial_deposition_date   2017-09-05 
_pdbx_database_status.SG_entry                        N 
_pdbx_database_status.deposit_site                    RCSB 
_pdbx_database_status.process_site                    RCSB 
_pdbx_database_status.status_code_cs                  REL 
_pdbx_database_status.methods_development_category    ? 
_pdbx_database_status.pdb_format_compatible           Y 
_pdbx_database_status.status_code_nmr_data            ? 
# 
_pdbx_database_related.db_name        BMRB 
_pdbx_database_related.details        'PawL-Derived Peptide PLP-12' 
_pdbx_database_related.db_id          30338 
_pdbx_database_related.content_type   unspecified 
# 
loop_
_audit_author.name 
_audit_author.pdbx_ordinal 
_audit_author.identifier_ORCID 
'Fisher, M.'   1 0000-0002-6971-4285 
'Mylne, J.S.'  2 0000-0003-4957-6388 
'Howard, M.J.' 3 ?                   
# 
_citation.abstract                  ? 
_citation.abstract_id_CAS           ? 
_citation.book_id_ISBN              ? 
_citation.book_publisher            ? 
_citation.book_publisher_city       ? 
_citation.book_title                ? 
_citation.coordinate_linkage        ? 
_citation.country                   UK 
_citation.database_id_Medline       ? 
_citation.details                   ? 
_citation.id                        primary 
_citation.journal_abbrev            'Plant Direct' 
_citation.journal_id_ASTM           ? 
_citation.journal_id_CSD            ? 
_citation.journal_id_ISSN           2475-4455 
_citation.journal_full              ? 
_citation.journal_issue             ? 
_citation.journal_volume            2 
_citation.language                  ? 
_citation.page_first                ? 
_citation.page_last                 ? 
_citation.title                     'A family of small, cyclic peptides buried in preproalbumin since the Eocene epoch.' 
_citation.year                      2018 
_citation.database_id_CSD           ? 
_citation.pdbx_database_id_DOI      10.1002/pld3.42 
_citation.pdbx_database_id_PubMed   30417166 
_citation.unpublished_flag          ? 
# 
loop_
_citation_author.citation_id 
_citation_author.name 
_citation_author.ordinal 
_citation_author.identifier_ORCID 
primary 'Fisher, M.F.'   1  ? 
primary 'Zhang, J.'      2  ? 
primary 'Taylor, N.L.'   3  ? 
primary 'Howard, M.J.'   4  ? 
primary 'Berkowitz, O.'  5  ? 
primary 'Debowski, A.W.' 6  ? 
primary 'Behsaz, B.'     7  ? 
primary 'Whelan, J.'     8  ? 
primary 'Pevzner, P.A.'  9  ? 
primary 'Mylne, J.S.'    10 ? 
# 
_entity.id                         1 
_entity.type                       polymer 
_entity.src_method                 syn 
_entity.pdbx_description           GLY-LEU-LEU-GLY-ILE-THR-ASP 
_entity.formula_weight             687.784 
_entity.pdbx_number_of_molecules   1 
_entity.pdbx_ec                    ? 
_entity.pdbx_mutation              ? 
_entity.pdbx_fragment              ? 
_entity.details                    ? 
# 
_entity_poly.entity_id                      1 
_entity_poly.type                           'polypeptide(L)' 
_entity_poly.nstd_linkage                   no 
_entity_poly.nstd_monomer                   no 
_entity_poly.pdbx_seq_one_letter_code       GLLGITD 
_entity_poly.pdbx_seq_one_letter_code_can   GLLGITD 
_entity_poly.pdbx_strand_id                 A 
_entity_poly.pdbx_target_identifier         ? 
# 
loop_
_entity_poly_seq.entity_id 
_entity_poly_seq.num 
_entity_poly_seq.mon_id 
_entity_poly_seq.hetero 
1 1 GLY n 
1 2 LEU n 
1 3 LEU n 
1 4 GLY n 
1 5 ILE n 
1 6 THR n 
1 7 ASP n 
# 
_pdbx_entity_src_syn.entity_id              1 
_pdbx_entity_src_syn.pdbx_src_id            1 
_pdbx_entity_src_syn.pdbx_alt_source_flag   sample 
_pdbx_entity_src_syn.pdbx_beg_seq_num       1 
_pdbx_entity_src_syn.pdbx_end_seq_num       7 
_pdbx_entity_src_syn.organism_scientific    'Senecio pinnatifolius' 
_pdbx_entity_src_syn.organism_common_name   ? 
_pdbx_entity_src_syn.ncbi_taxonomy_id       904569 
_pdbx_entity_src_syn.details                ? 
# 
loop_
_chem_comp.id 
_chem_comp.type 
_chem_comp.mon_nstd_flag 
_chem_comp.name 
_chem_comp.pdbx_synonyms 
_chem_comp.formula 
_chem_comp.formula_weight 
ASP 'L-peptide linking' y 'ASPARTIC ACID' ? 'C4 H7 N O4'  133.103 
GLY 'peptide linking'   y GLYCINE         ? 'C2 H5 N O2'  75.067  
ILE 'L-peptide linking' y ISOLEUCINE      ? 'C6 H13 N O2' 131.173 
LEU 'L-peptide linking' y LEUCINE         ? 'C6 H13 N O2' 131.173 
THR 'L-peptide linking' y THREONINE       ? 'C4 H9 N O3'  119.119 
# 
loop_
_pdbx_poly_seq_scheme.asym_id 
_pdbx_poly_seq_scheme.entity_id 
_pdbx_poly_seq_scheme.seq_id 
_pdbx_poly_seq_scheme.mon_id 
_pdbx_poly_seq_scheme.ndb_seq_num 
_pdbx_poly_seq_scheme.pdb_seq_num 
_pdbx_poly_seq_scheme.auth_seq_num 
_pdbx_poly_seq_scheme.pdb_mon_id 
_pdbx_poly_seq_scheme.auth_mon_id 
_pdbx_poly_seq_scheme.pdb_strand_id 
_pdbx_poly_seq_scheme.pdb_ins_code 
_pdbx_poly_seq_scheme.hetero 
A 1 1 GLY 1 1 1 GLY GLY A . n 
A 1 2 LEU 2 2 2 LEU LEU A . n 
A 1 3 LEU 3 3 3 LEU LEU A . n 
A 1 4 GLY 4 4 4 GLY GLY A . n 
A 1 5 ILE 5 5 5 ILE ILE A . n 
A 1 6 THR 6 6 6 THR THR A . n 
A 1 7 ASP 7 7 7 ASP ASP A . n 
# 
_exptl.absorpt_coefficient_mu     ? 
_exptl.absorpt_correction_T_max   ? 
_exptl.absorpt_correction_T_min   ? 
_exptl.absorpt_correction_type    ? 
_exptl.absorpt_process_details    ? 
_exptl.entry_id                   6AWM 
_exptl.crystals_number            ? 
_exptl.details                    ? 
_exptl.method                     'SOLUTION NMR' 
_exptl.method_details             ? 
# 
_struct.entry_id                     6AWM 
_struct.title                        'PawL-Derived Peptide PLP-4' 
_struct.pdbx_model_details           ? 
_struct.pdbx_formula_weight          ? 
_struct.pdbx_formula_weight_method   ? 
_struct.pdbx_model_type_details      ? 
_struct.pdbx_CASP_flag               N 
# 
_struct_keywords.entry_id        6AWM 
_struct_keywords.text            'orbitide, cyclic peptide, plant peptide, buried peptide, DE NOVO PROTEIN' 
_struct_keywords.pdbx_keywords   'DE NOVO PROTEIN' 
# 
_struct_asym.id                            A 
_struct_asym.pdbx_blank_PDB_chainid_flag   N 
_struct_asym.pdbx_modified                 N 
_struct_asym.entity_id                     1 
_struct_asym.details                       ? 
# 
_struct_ref.id                         1 
_struct_ref.db_name                    PDB 
_struct_ref.db_code                    6AWM 
_struct_ref.pdbx_db_accession          6AWM 
_struct_ref.pdbx_db_isoform            ? 
_struct_ref.entity_id                  1 
_struct_ref.pdbx_seq_one_letter_code   ? 
_struct_ref.pdbx_align_begin           1 
# 
_struct_ref_seq.align_id                      1 
_struct_ref_seq.ref_id                        1 
_struct_ref_seq.pdbx_PDB_id_code              6AWM 
_struct_ref_seq.pdbx_strand_id                A 
_struct_ref_seq.seq_align_beg                 1 
_struct_ref_seq.pdbx_seq_align_beg_ins_code   ? 
_struct_ref_seq.seq_align_end                 7 
_struct_ref_seq.pdbx_seq_align_end_ins_code   ? 
_struct_ref_seq.pdbx_db_accession             6AWM 
_struct_ref_seq.db_align_beg                  1 
_struct_ref_seq.pdbx_db_align_beg_ins_code    ? 
_struct_ref_seq.db_align_end                  7 
_struct_ref_seq.pdbx_db_align_end_ins_code    ? 
_struct_ref_seq.pdbx_auth_seq_align_beg       1 
_struct_ref_seq.pdbx_auth_seq_align_end       7 
# 
_pdbx_struct_assembly.id                   1 
_pdbx_struct_assembly.details              author_defined_assembly 
_pdbx_struct_assembly.method_details       ? 
_pdbx_struct_assembly.oligomeric_details   monomeric 
_pdbx_struct_assembly.oligomeric_count     1 
# 
loop_
_pdbx_struct_assembly_prop.biol_id 
_pdbx_struct_assembly_prop.type 
_pdbx_struct_assembly_prop.value 
_pdbx_struct_assembly_prop.details 
1 'ABSA (A^2)' 0   ? 
1 MORE         0   ? 
1 'SSA (A^2)'  860 ? 
# 
_pdbx_struct_assembly_gen.assembly_id       1 
_pdbx_struct_assembly_gen.oper_expression   1 
_pdbx_struct_assembly_gen.asym_id_list      A 
# 
_pdbx_struct_assembly_auth_evidence.id                     1 
_pdbx_struct_assembly_auth_evidence.assembly_id            1 
_pdbx_struct_assembly_auth_evidence.experimental_support   'mass spectrometry' 
_pdbx_struct_assembly_auth_evidence.details                ? 
# 
_pdbx_struct_oper_list.id                   1 
_pdbx_struct_oper_list.type                 'identity operation' 
_pdbx_struct_oper_list.name                 1_555 
_pdbx_struct_oper_list.symmetry_operation   ? 
_pdbx_struct_oper_list.matrix[1][1]         1.0000000000 
_pdbx_struct_oper_list.matrix[1][2]         0.0000000000 
_pdbx_struct_oper_list.matrix[1][3]         0.0000000000 
_pdbx_struct_oper_list.vector[1]            0.0000000000 
_pdbx_struct_oper_list.matrix[2][1]         0.0000000000 
_pdbx_struct_oper_list.matrix[2][2]         1.0000000000 
_pdbx_struct_oper_list.matrix[2][3]         0.0000000000 
_pdbx_struct_oper_list.vector[2]            0.0000000000 
_pdbx_struct_oper_list.matrix[3][1]         0.0000000000 
_pdbx_struct_oper_list.matrix[3][2]         0.0000000000 
_pdbx_struct_oper_list.matrix[3][3]         1.0000000000 
_pdbx_struct_oper_list.vector[3]            0.0000000000 
# 
loop_
_pdbx_validate_close_contact.id 
_pdbx_validate_close_contact.PDB_model_num 
_pdbx_validate_close_contact.auth_atom_id_1 
_pdbx_validate_close_contact.auth_asym_id_1 
_pdbx_validate_close_contact.auth_comp_id_1 
_pdbx_validate_close_contact.auth_seq_id_1 
_pdbx_validate_close_contact.PDB_ins_code_1 
_pdbx_validate_close_contact.label_alt_id_1 
_pdbx_validate_close_contact.auth_atom_id_2 
_pdbx_validate_close_contact.auth_asym_id_2 
_pdbx_validate_close_contact.auth_comp_id_2 
_pdbx_validate_close_contact.auth_seq_id_2 
_pdbx_validate_close_contact.PDB_ins_code_2 
_pdbx_validate_close_contact.label_alt_id_2 
_pdbx_validate_close_contact.dist 
1  1  N A GLY 1 ? ? C A ASP 7 ? ? 1.32 
2  2  N A GLY 1 ? ? C A ASP 7 ? ? 1.32 
3  2  N A GLY 1 ? ? O A ASP 7 ? ? 2.19 
4  3  N A GLY 1 ? ? C A ASP 7 ? ? 1.31 
5  4  N A GLY 1 ? ? C A ASP 7 ? ? 1.32 
6  5  N A GLY 1 ? ? C A ASP 7 ? ? 1.32 
7  6  N A GLY 1 ? ? C A ASP 7 ? ? 1.34 
8  7  N A GLY 1 ? ? C A ASP 7 ? ? 1.34 
9  8  N A GLY 1 ? ? C A ASP 7 ? ? 1.34 
10 9  N A GLY 1 ? ? C A ASP 7 ? ? 1.34 
11 10 N A GLY 1 ? ? C A ASP 7 ? ? 1.33 
12 11 N A GLY 1 ? ? C A ASP 7 ? ? 1.34 
13 12 N A GLY 1 ? ? C A ASP 7 ? ? 1.33 
14 13 N A GLY 1 ? ? C A ASP 7 ? ? 1.32 
15 14 N A GLY 1 ? ? C A ASP 7 ? ? 1.33 
16 14 N A GLY 1 ? ? O A ASP 7 ? ? 2.19 
17 15 N A GLY 1 ? ? C A ASP 7 ? ? 1.33 
18 16 N A GLY 1 ? ? C A ASP 7 ? ? 1.32 
19 17 N A GLY 1 ? ? C A ASP 7 ? ? 1.34 
20 18 N A GLY 1 ? ? C A ASP 7 ? ? 1.33 
21 19 N A GLY 1 ? ? C A ASP 7 ? ? 1.32 
22 20 N A GLY 1 ? ? C A ASP 7 ? ? 1.34 
# 
loop_
_pdbx_validate_torsion.id 
_pdbx_validate_torsion.PDB_model_num 
_pdbx_validate_torsion.auth_comp_id 
_pdbx_validate_torsion.auth_asym_id 
_pdbx_validate_torsion.auth_seq_id 
_pdbx_validate_torsion.PDB_ins_code 
_pdbx_validate_torsion.label_alt_id 
_pdbx_validate_torsion.phi 
_pdbx_validate_torsion.psi 
1  1  THR A 6 ? ? 60.02   -69.79  
2  4  LEU A 3 ? ? 58.43   17.46   
3  5  ILE A 5 ? ? 69.87   109.49  
4  5  THR A 6 ? ? 61.73   -16.88  
5  6  LEU A 2 ? ? 55.79   -115.12 
6  7  LEU A 3 ? ? 55.09   -128.05 
7  7  ILE A 5 ? ? -123.80 -51.99  
8  9  LEU A 3 ? ? 58.42   15.83   
9  10 THR A 6 ? ? 60.09   -68.71  
10 11 LEU A 2 ? ? 53.60   -98.27  
11 11 ILE A 5 ? ? 71.62   -37.27  
12 12 LEU A 2 ? ? 55.16   -79.69  
13 12 THR A 6 ? ? -161.20 -47.23  
14 13 LEU A 2 ? ? 48.91   72.89   
15 14 THR A 6 ? ? 47.65   -69.12  
16 15 THR A 6 ? ? 61.09   -82.03  
17 16 LEU A 2 ? ? 48.29   -107.78 
18 17 LEU A 2 ? ? 65.36   -32.60  
19 18 LEU A 3 ? ? 57.45   11.02   
20 18 THR A 6 ? ? -129.68 -90.04  
21 20 LEU A 2 ? ? 55.76   -102.87 
# 
_pdbx_nmr_ensemble.entry_id                                      6AWM 
_pdbx_nmr_ensemble.conformers_calculated_total_number            50 
_pdbx_nmr_ensemble.conformers_submitted_total_number             20 
_pdbx_nmr_ensemble.conformer_selection_criteria                  'structures with the lowest energy' 
_pdbx_nmr_ensemble.representative_conformer                      ? 
_pdbx_nmr_ensemble.average_constraints_per_residue               ? 
_pdbx_nmr_ensemble.average_constraint_violations_per_residue     ? 
_pdbx_nmr_ensemble.maximum_distance_constraint_violation         ? 
_pdbx_nmr_ensemble.average_distance_constraint_violation         ? 
_pdbx_nmr_ensemble.maximum_upper_distance_constraint_violation   ? 
_pdbx_nmr_ensemble.maximum_lower_distance_constraint_violation   ? 
_pdbx_nmr_ensemble.distance_constraint_violation_method          ? 
_pdbx_nmr_ensemble.maximum_torsion_angle_constraint_violation    ? 
_pdbx_nmr_ensemble.average_torsion_angle_constraint_violation    ? 
_pdbx_nmr_ensemble.torsion_angle_constraint_violation_method     ? 
# 
_pdbx_nmr_representative.entry_id             6AWM 
_pdbx_nmr_representative.conformer_id         1 
_pdbx_nmr_representative.selection_criteria   'closest to the average' 
# 
_pdbx_nmr_sample_details.solution_id      1 
_pdbx_nmr_sample_details.contents         '1.0 mg/mL PLP-4, 70% H2O/20% DMSO-d6/10% D2O' 
_pdbx_nmr_sample_details.solvent_system   '70% H2O/20% DMSO-d6/10% D2O' 
_pdbx_nmr_sample_details.label            PLP-4 
_pdbx_nmr_sample_details.type             solution 
_pdbx_nmr_sample_details.details          ? 
# 
_pdbx_nmr_exptl_sample.solution_id           1 
_pdbx_nmr_exptl_sample.component             PLP-4 
_pdbx_nmr_exptl_sample.concentration         1.0 
_pdbx_nmr_exptl_sample.concentration_range   ? 
_pdbx_nmr_exptl_sample.concentration_units   mg/mL 
_pdbx_nmr_exptl_sample.isotopic_labeling     'natural abundance' 
# 
_pdbx_nmr_exptl_sample_conditions.conditions_id          1 
_pdbx_nmr_exptl_sample_conditions.temperature            298 
_pdbx_nmr_exptl_sample_conditions.pressure_units         atm 
_pdbx_nmr_exptl_sample_conditions.pressure               1 
_pdbx_nmr_exptl_sample_conditions.pH                     4.5 
_pdbx_nmr_exptl_sample_conditions.ionic_strength         1.2 
_pdbx_nmr_exptl_sample_conditions.details                ? 
_pdbx_nmr_exptl_sample_conditions.ionic_strength_err     0.2 
_pdbx_nmr_exptl_sample_conditions.ionic_strength_units   mM 
_pdbx_nmr_exptl_sample_conditions.label                  '298 K' 
_pdbx_nmr_exptl_sample_conditions.pH_err                 0.5 
_pdbx_nmr_exptl_sample_conditions.pH_units               pH 
_pdbx_nmr_exptl_sample_conditions.pressure_err           ? 
_pdbx_nmr_exptl_sample_conditions.temperature_err        ? 
_pdbx_nmr_exptl_sample_conditions.temperature_units      K 
# 
loop_
_pdbx_nmr_exptl.experiment_id 
_pdbx_nmr_exptl.conditions_id 
_pdbx_nmr_exptl.solution_id 
_pdbx_nmr_exptl.type 
_pdbx_nmr_exptl.spectrometer_id 
_pdbx_nmr_exptl.sample_state 
1 1 1 '2D ROESY'          1 isotropic 
2 1 1 '2D 1H-1H TOCSY 80' 1 isotropic 
3 1 1 '2D DQF-COSY'       1 isotropic 
4 1 1 '2D 1H-13C HSQC'    1 isotropic 
5 1 1 '2D 1H-1H TOCSY 20' 1 isotropic 
# 
_pdbx_nmr_refine.entry_id           6AWM 
_pdbx_nmr_refine.method             'simulated annealing' 
_pdbx_nmr_refine.details            ? 
_pdbx_nmr_refine.software_ordinal   4 
# 
loop_
_pdbx_nmr_software.ordinal 
_pdbx_nmr_software.classification 
_pdbx_nmr_software.name 
_pdbx_nmr_software.version 
_pdbx_nmr_software.authors 
1 collection              TopSpin 3.5     'Bruker Biospin' 
2 'data analysis'         CcpNMR  2.4.2   CCPN             
3 refinement              YASARA  16.7.22 'Elmar Krieger'  
4 'structure calculation' YASARA  16.7.22 'Elmar Krieger'  
# 
loop_
_chem_comp_atom.comp_id 
_chem_comp_atom.atom_id 
_chem_comp_atom.type_symbol 
_chem_comp_atom.pdbx_aromatic_flag 
_chem_comp_atom.pdbx_stereo_config 
_chem_comp_atom.pdbx_ordinal 
ASP N    N N N 1  
ASP CA   C N S 2  
ASP C    C N N 3  
ASP O    O N N 4  
ASP CB   C N N 5  
ASP CG   C N N 6  
ASP OD1  O N N 7  
ASP OD2  O N N 8  
ASP OXT  O N N 9  
ASP H    H N N 10 
ASP H2   H N N 11 
ASP HA   H N N 12 
ASP HB2  H N N 13 
ASP HB3  H N N 14 
ASP HD2  H N N 15 
ASP HXT  H N N 16 
GLY N    N N N 17 
GLY CA   C N N 18 
GLY C    C N N 19 
GLY O    O N N 20 
GLY OXT  O N N 21 
GLY H    H N N 22 
GLY H2   H N N 23 
GLY HA2  H N N 24 
GLY HA3  H N N 25 
GLY HXT  H N N 26 
ILE N    N N N 27 
ILE CA   C N S 28 
ILE C    C N N 29 
ILE O    O N N 30 
ILE CB   C N S 31 
ILE CG1  C N N 32 
ILE CG2  C N N 33 
ILE CD1  C N N 34 
ILE OXT  O N N 35 
ILE H    H N N 36 
ILE H2   H N N 37 
ILE HA   H N N 38 
ILE HB   H N N 39 
ILE HG12 H N N 40 
ILE HG13 H N N 41 
ILE HG21 H N N 42 
ILE HG22 H N N 43 
ILE HG23 H N N 44 
ILE HD11 H N N 45 
ILE HD12 H N N 46 
ILE HD13 H N N 47 
ILE HXT  H N N 48 
LEU N    N N N 49 
LEU CA   C N S 50 
LEU C    C N N 51 
LEU O    O N N 52 
LEU CB   C N N 53 
LEU CG   C N N 54 
LEU CD1  C N N 55 
LEU CD2  C N N 56 
LEU OXT  O N N 57 
LEU H    H N N 58 
LEU H2   H N N 59 
LEU HA   H N N 60 
LEU HB2  H N N 61 
LEU HB3  H N N 62 
LEU HG   H N N 63 
LEU HD11 H N N 64 
LEU HD12 H N N 65 
LEU HD13 H N N 66 
LEU HD21 H N N 67 
LEU HD22 H N N 68 
LEU HD23 H N N 69 
LEU HXT  H N N 70 
THR N    N N N 71 
THR CA   C N S 72 
THR C    C N N 73 
THR O    O N N 74 
THR CB   C N R 75 
THR OG1  O N N 76 
THR CG2  C N N 77 
THR OXT  O N N 78 
THR H    H N N 79 
THR H2   H N N 80 
THR HA   H N N 81 
THR HB   H N N 82 
THR HG1  H N N 83 
THR HG21 H N N 84 
THR HG22 H N N 85 
THR HG23 H N N 86 
THR HXT  H N N 87 
# 
loop_
_chem_comp_bond.comp_id 
_chem_comp_bond.atom_id_1 
_chem_comp_bond.atom_id_2 
_chem_comp_bond.value_order 
_chem_comp_bond.pdbx_aromatic_flag 
_chem_comp_bond.pdbx_stereo_config 
_chem_comp_bond.pdbx_ordinal 
ASP N   CA   sing N N 1  
ASP N   H    sing N N 2  
ASP N   H2   sing N N 3  
ASP CA  C    sing N N 4  
ASP CA  CB   sing N N 5  
ASP CA  HA   sing N N 6  
ASP C   O    doub N N 7  
ASP C   OXT  sing N N 8  
ASP CB  CG   sing N N 9  
ASP CB  HB2  sing N N 10 
ASP CB  HB3  sing N N 11 
ASP CG  OD1  doub N N 12 
ASP CG  OD2  sing N N 13 
ASP OD2 HD2  sing N N 14 
ASP OXT HXT  sing N N 15 
GLY N   CA   sing N N 16 
GLY N   H    sing N N 17 
GLY N   H2   sing N N 18 
GLY CA  C    sing N N 19 
GLY CA  HA2  sing N N 20 
GLY CA  HA3  sing N N 21 
GLY C   O    doub N N 22 
GLY C   OXT  sing N N 23 
GLY OXT HXT  sing N N 24 
ILE N   CA   sing N N 25 
ILE N   H    sing N N 26 
ILE N   H2   sing N N 27 
ILE CA  C    sing N N 28 
ILE CA  CB   sing N N 29 
ILE CA  HA   sing N N 30 
ILE C   O    doub N N 31 
ILE C   OXT  sing N N 32 
ILE CB  CG1  sing N N 33 
ILE CB  CG2  sing N N 34 
ILE CB  HB   sing N N 35 
ILE CG1 CD1  sing N N 36 
ILE CG1 HG12 sing N N 37 
ILE CG1 HG13 sing N N 38 
ILE CG2 HG21 sing N N 39 
ILE CG2 HG22 sing N N 40 
ILE CG2 HG23 sing N N 41 
ILE CD1 HD11 sing N N 42 
ILE CD1 HD12 sing N N 43 
ILE CD1 HD13 sing N N 44 
ILE OXT HXT  sing N N 45 
LEU N   CA   sing N N 46 
LEU N   H    sing N N 47 
LEU N   H2   sing N N 48 
LEU CA  C    sing N N 49 
LEU CA  CB   sing N N 50 
LEU CA  HA   sing N N 51 
LEU C   O    doub N N 52 
LEU C   OXT  sing N N 53 
LEU CB  CG   sing N N 54 
LEU CB  HB2  sing N N 55 
LEU CB  HB3  sing N N 56 
LEU CG  CD1  sing N N 57 
LEU CG  CD2  sing N N 58 
LEU CG  HG   sing N N 59 
LEU CD1 HD11 sing N N 60 
LEU CD1 HD12 sing N N 61 
LEU CD1 HD13 sing N N 62 
LEU CD2 HD21 sing N N 63 
LEU CD2 HD22 sing N N 64 
LEU CD2 HD23 sing N N 65 
LEU OXT HXT  sing N N 66 
THR N   CA   sing N N 67 
THR N   H    sing N N 68 
THR N   H2   sing N N 69 
THR CA  C    sing N N 70 
THR CA  CB   sing N N 71 
THR CA  HA   sing N N 72 
THR C   O    doub N N 73 
THR C   OXT  sing N N 74 
THR CB  OG1  sing N N 75 
THR CB  CG2  sing N N 76 
THR CB  HB   sing N N 77 
THR OG1 HG1  sing N N 78 
THR CG2 HG21 sing N N 79 
THR CG2 HG22 sing N N 80 
THR CG2 HG23 sing N N 81 
THR OXT HXT  sing N N 82 
# 
_pdbx_nmr_spectrometer.spectrometer_id   1 
_pdbx_nmr_spectrometer.model             'AVANCE III' 
_pdbx_nmr_spectrometer.type              ? 
_pdbx_nmr_spectrometer.manufacturer      Bruker 
_pdbx_nmr_spectrometer.field_strength    600 
_pdbx_nmr_spectrometer.details           ? 
# 
_atom_sites.entry_id                    6AWM 
_atom_sites.fract_transf_matrix[1][1]   1.000000 
_atom_sites.fract_transf_matrix[1][2]   0.000000 
_atom_sites.fract_transf_matrix[1][3]   0.000000 
_atom_sites.fract_transf_matrix[2][1]   0.000000 
_atom_sites.fract_transf_matrix[2][2]   1.000000 
_atom_sites.fract_transf_matrix[2][3]   0.000000 
_atom_sites.fract_transf_matrix[3][1]   0.000000 
_atom_sites.fract_transf_matrix[3][2]   0.000000 
_atom_sites.fract_transf_matrix[3][3]   1.000000 
_atom_sites.fract_transf_vector[1]      0.00000 
_atom_sites.fract_transf_vector[2]      0.00000 
_atom_sites.fract_transf_vector[3]      0.00000 
# 
loop_
_atom_type.symbol 
C 
H 
N 
O 
# 
loop_
_atom_site.group_PDB 
_atom_site.id 
_atom_site.type_symbol 
_atom_site.label_atom_id 
_atom_site.label_alt_id 
_atom_site.label_comp_id 
_atom_site.label_asym_id 
_atom_site.label_entity_id 
_atom_site.label_seq_id 
_atom_site.pdbx_PDB_ins_code 
_atom_site.Cartn_x 
_atom_site.Cartn_y 
_atom_site.Cartn_z 
_atom_site.occupancy 
_atom_site.B_iso_or_equiv 
_atom_site.pdbx_formal_charge 
_atom_site.auth_seq_id 
_atom_site.auth_comp_id 
_atom_site.auth_asym_id 
_atom_site.auth_atom_id 
_atom_site.pdbx_PDB_model_num 
ATOM 1    N N    . GLY A 1 1 ? -2.050 1.216  -0.894 1.00 0.00 ? 1 GLY A N    1  
ATOM 2    C CA   . GLY A 1 1 ? -2.619 0.310  0.093  1.00 0.00 ? 1 GLY A CA   1  
ATOM 3    C C    . GLY A 1 1 ? -2.052 -1.080 0.042  1.00 0.00 ? 1 GLY A C    1  
ATOM 4    O O    . GLY A 1 1 ? -2.119 -1.784 1.044  1.00 0.00 ? 1 GLY A O    1  
ATOM 5    H H1   . GLY A 1 1 ? -1.027 1.336  -0.958 1.00 0.00 ? 1 GLY A H1   1  
ATOM 6    H HA2  . GLY A 1 1 ? -2.449 0.727  1.074  1.00 0.00 ? 1 GLY A HA2  1  
ATOM 7    H HA3  . GLY A 1 1 ? -3.695 0.264  -0.075 1.00 0.00 ? 1 GLY A HA3  1  
ATOM 8    N N    . LEU A 1 2 ? -1.498 -1.486 -1.106 1.00 0.00 ? 2 LEU A N    1  
ATOM 9    C CA   . LEU A 1 2 ? -0.978 -2.846 -1.251 1.00 0.00 ? 2 LEU A CA   1  
ATOM 10   C C    . LEU A 1 2 ? 0.204  -2.961 -0.309 1.00 0.00 ? 2 LEU A C    1  
ATOM 11   O O    . LEU A 1 2 ? 1.216  -2.277 -0.476 1.00 0.00 ? 2 LEU A O    1  
ATOM 12   C CB   . LEU A 1 2 ? -0.516 -3.082 -2.707 1.00 0.00 ? 2 LEU A CB   1  
ATOM 13   C CG   . LEU A 1 2 ? 0.062  -4.470 -3.054 1.00 0.00 ? 2 LEU A CG   1  
ATOM 14   C CD1  . LEU A 1 2 ? -1.077 -5.528 -3.193 1.00 0.00 ? 2 LEU A CD1  1  
ATOM 15   C CD2  . LEU A 1 2 ? 0.922  -4.423 -4.329 1.00 0.00 ? 2 LEU A CD2  1  
ATOM 16   H H    . LEU A 1 2 ? -1.436 -0.871 -1.893 1.00 0.00 ? 2 LEU A H    1  
ATOM 17   H HA   . LEU A 1 2 ? -1.752 -3.569 -0.975 1.00 0.00 ? 2 LEU A HA   1  
ATOM 18   H HB2  . LEU A 1 2 ? -1.356 -2.920 -3.358 1.00 0.00 ? 2 LEU A HB2  1  
ATOM 19   H HB3  . LEU A 1 2 ? 0.218  -2.310 -2.945 1.00 0.00 ? 2 LEU A HB3  1  
ATOM 20   H HG   . LEU A 1 2 ? 0.718  -4.780 -2.240 1.00 0.00 ? 2 LEU A HG   1  
ATOM 21   H HD11 . LEU A 1 2 ? -1.787 -5.233 -3.963 1.00 0.00 ? 2 LEU A HD11 1  
ATOM 22   H HD12 . LEU A 1 2 ? -1.616 -5.606 -2.253 1.00 0.00 ? 2 LEU A HD12 1  
ATOM 23   H HD13 . LEU A 1 2 ? -0.643 -6.493 -3.433 1.00 0.00 ? 2 LEU A HD13 1  
ATOM 24   H HD21 . LEU A 1 2 ? 1.577  -3.545 -4.292 1.00 0.00 ? 2 LEU A HD21 1  
ATOM 25   H HD22 . LEU A 1 2 ? 0.290  -4.364 -5.212 1.00 0.00 ? 2 LEU A HD22 1  
ATOM 26   H HD23 . LEU A 1 2 ? 1.546  -5.311 -4.387 1.00 0.00 ? 2 LEU A HD23 1  
ATOM 27   N N    . LEU A 1 3 ? 0.083  -3.820 0.686  1.00 0.00 ? 3 LEU A N    1  
ATOM 28   C CA   . LEU A 1 3 ? 1.117  -3.988 1.728  1.00 0.00 ? 3 LEU A CA   1  
ATOM 29   C C    . LEU A 1 3 ? 1.486  -2.621 2.389  1.00 0.00 ? 3 LEU A C    1  
ATOM 30   O O    . LEU A 1 3 ? 2.584  -2.410 2.888  1.00 0.00 ? 3 LEU A O    1  
ATOM 31   C CB   . LEU A 1 3 ? 2.386  -4.640 1.146  1.00 0.00 ? 3 LEU A CB   1  
ATOM 32   C CG   . LEU A 1 3 ? 2.221  -6.025 0.509  1.00 0.00 ? 3 LEU A CG   1  
ATOM 33   C CD1  . LEU A 1 3 ? 3.525  -6.392 -0.194 1.00 0.00 ? 3 LEU A CD1  1  
ATOM 34   C CD2  . LEU A 1 3 ? 1.926  -7.111 1.650  1.00 0.00 ? 3 LEU A CD2  1  
ATOM 35   H H    . LEU A 1 3 ? -0.780 -4.322 0.784  1.00 0.00 ? 3 LEU A H    1  
ATOM 36   H HA   . LEU A 1 3 ? 0.719  -4.640 2.482  1.00 0.00 ? 3 LEU A HA   1  
ATOM 37   H HB2  . LEU A 1 3 ? 2.795  -3.965 0.395  1.00 0.00 ? 3 LEU A HB2  1  
ATOM 38   H HB3  . LEU A 1 3 ? 3.106  -4.737 1.958  1.00 0.00 ? 3 LEU A HB3  1  
ATOM 39   H HG   . LEU A 1 3 ? 1.409  -6.021 -0.227 1.00 0.00 ? 3 LEU A HG   1  
ATOM 40   H HD11 . LEU A 1 3 ? 4.363  -6.283 0.507  1.00 0.00 ? 3 LEU A HD11 1  
ATOM 41   H HD12 . LEU A 1 3 ? 3.662  -5.734 -1.068 1.00 0.00 ? 3 LEU A HD12 1  
ATOM 42   H HD13 . LEU A 1 3 ? 3.472  -7.445 -0.541 1.00 0.00 ? 3 LEU A HD13 1  
ATOM 43   H HD21 . LEU A 1 3 ? 0.898  -7.066 1.981  1.00 0.00 ? 3 LEU A HD21 1  
ATOM 44   H HD22 . LEU A 1 3 ? 2.618  -6.929 2.499  1.00 0.00 ? 3 LEU A HD22 1  
ATOM 45   H HD23 . LEU A 1 3 ? 2.127  -8.098 1.238  1.00 0.00 ? 3 LEU A HD23 1  
ATOM 46   N N    . GLY A 1 4 ? 0.544  -1.691 2.343  1.00 0.00 ? 4 GLY A N    1  
ATOM 47   C CA   . GLY A 1 4 ? 0.760  -0.381 2.908  1.00 0.00 ? 4 GLY A CA   1  
ATOM 48   C C    . GLY A 1 4 ? 1.625  0.510  2.005  1.00 0.00 ? 4 GLY A C    1  
ATOM 49   O O    . GLY A 1 4 ? 1.991  1.611  2.390  1.00 0.00 ? 4 GLY A O    1  
ATOM 50   H H    . GLY A 1 4 ? -0.374 -1.896 1.941  1.00 0.00 ? 4 GLY A H    1  
ATOM 51   H HA2  . GLY A 1 4 ? -0.204 0.098  3.076  1.00 0.00 ? 4 GLY A HA2  1  
ATOM 52   H HA3  . GLY A 1 4 ? 1.259  -0.483 3.879  1.00 0.00 ? 4 GLY A HA3  1  
ATOM 53   N N    . ILE A 1 5 ? 1.970  0.062  0.808  1.00 0.00 ? 5 ILE A N    1  
ATOM 54   C CA   . ILE A 1 5 ? 2.850  0.813  -0.068 1.00 0.00 ? 5 ILE A CA   1  
ATOM 55   C C    . ILE A 1 5 ? 2.029  1.721  -0.979 1.00 0.00 ? 5 ILE A C    1  
ATOM 56   O O    . ILE A 1 5 ? 1.414  1.296  -1.939 1.00 0.00 ? 5 ILE A O    1  
ATOM 57   C CB   . ILE A 1 5 ? 3.758  -0.101 -0.955 1.00 0.00 ? 5 ILE A CB   1  
ATOM 58   C CG1  . ILE A 1 5 ? 4.493  -1.128 -0.076 1.00 0.00 ? 5 ILE A CG1  1  
ATOM 59   C CG2  . ILE A 1 5 ? 4.749  0.744  -1.758 1.00 0.00 ? 5 ILE A CG2  1  
ATOM 60   C CD1  . ILE A 1 5 ? 5.162  -2.309 -0.833 1.00 0.00 ? 5 ILE A CD1  1  
ATOM 61   H H    . ILE A 1 5 ? 1.636  -0.861 0.490  1.00 0.00 ? 5 ILE A H    1  
ATOM 62   H HA   . ILE A 1 5 ? 3.485  1.442  0.566  1.00 0.00 ? 5 ILE A HA   1  
ATOM 63   H HB   . ILE A 1 5 ? 3.142  -0.626 -1.665 1.00 0.00 ? 5 ILE A HB   1  
ATOM 64   H HG12 . ILE A 1 5 ? 5.239  -0.609 0.497  1.00 0.00 ? 5 ILE A HG12 1  
ATOM 65   H HG13 . ILE A 1 5 ? 3.806  -1.573 0.642  1.00 0.00 ? 5 ILE A HG13 1  
ATOM 66   H HG21 . ILE A 1 5 ? 4.201  1.462  -2.375 1.00 0.00 ? 5 ILE A HG21 1  
ATOM 67   H HG22 . ILE A 1 5 ? 5.373  0.092  -2.367 1.00 0.00 ? 5 ILE A HG22 1  
ATOM 68   H HG23 . ILE A 1 5 ? 5.381  1.296  -1.093 1.00 0.00 ? 5 ILE A HG23 1  
ATOM 69   H HD11 . ILE A 1 5 ? 4.420  -2.780 -1.499 1.00 0.00 ? 5 ILE A HD11 1  
ATOM 70   H HD12 . ILE A 1 5 ? 5.508  -3.066 -0.135 1.00 0.00 ? 5 ILE A HD12 1  
ATOM 71   H HD13 . ILE A 1 5 ? 5.995  -1.932 -1.415 1.00 0.00 ? 5 ILE A HD13 1  
ATOM 72   N N    . THR A 1 6 ? 2.024  2.994  -0.665 1.00 0.00 ? 6 THR A N    1  
ATOM 73   C CA   . THR A 1 6 ? 1.347  4.045  -1.471 1.00 0.00 ? 6 THR A CA   1  
ATOM 74   C C    . THR A 1 6 ? -0.170 3.918  -1.678 1.00 0.00 ? 6 THR A C    1  
ATOM 75   O O    . THR A 1 6 ? -0.885 4.720  -1.110 1.00 0.00 ? 6 THR A O    1  
ATOM 76   C CB   . THR A 1 6 ? 2.052  4.187  -2.883 1.00 0.00 ? 6 THR A CB   1  
ATOM 77   O OG1  . THR A 1 6 ? 3.430  3.929  -2.771 1.00 0.00 ? 6 THR A OG1  1  
ATOM 78   C CG2  . THR A 1 6 ? 1.870  5.575  -3.476 1.00 0.00 ? 6 THR A CG2  1  
ATOM 79   H H    . THR A 1 6 ? 2.519  3.267  0.163  1.00 0.00 ? 6 THR A H    1  
ATOM 80   H HA   . THR A 1 6 ? 1.508  4.983  -0.946 1.00 0.00 ? 6 THR A HA   1  
ATOM 81   H HB   . THR A 1 6 ? 1.639  3.457  -3.579 1.00 0.00 ? 6 THR A HB   1  
ATOM 82   H HG1  . THR A 1 6 ? 3.837  4.714  -2.409 1.00 0.00 ? 6 THR A HG1  1  
ATOM 83   H HG21 . THR A 1 6 ? 0.794  5.822  -3.515 1.00 0.00 ? 6 THR A HG21 1  
ATOM 84   H HG22 . THR A 1 6 ? 2.262  5.599  -4.489 1.00 0.00 ? 6 THR A HG22 1  
ATOM 85   H HG23 . THR A 1 6 ? 2.380  6.324  -2.873 1.00 0.00 ? 6 THR A HG23 1  
ATOM 86   N N    . ASP A 1 7 ? -0.640 2.946  -2.452 1.00 0.00 ? 7 ASP A N    1  
ATOM 87   C CA   . ASP A 1 7 ? -2.059 2.758  -2.757 1.00 0.00 ? 7 ASP A CA   1  
ATOM 88   C C    . ASP A 1 7 ? -2.795 1.860  -1.775 1.00 0.00 ? 7 ASP A C    1  
ATOM 89   O O    . ASP A 1 7 ? -4.011 1.798  -1.769 1.00 0.00 ? 7 ASP A O    1  
ATOM 90   C CB   . ASP A 1 7 ? -2.223 2.195  -4.182 1.00 0.00 ? 7 ASP A CB   1  
ATOM 91   C CG   . ASP A 1 7 ? -2.298 0.672  -4.249 1.00 0.00 ? 7 ASP A CG   1  
ATOM 92   O OD1  . ASP A 1 7 ? -3.178 0.152  -4.977 1.00 0.00 ? 7 ASP A OD1  1  
ATOM 93   O OD2  . ASP A 1 7 ? -1.461 -0.001 -3.575 1.00 0.00 ? 7 ASP A OD2  1  
ATOM 94   H H    . ASP A 1 7 ? 0.024  2.298  -2.872 1.00 0.00 ? 7 ASP A H    1  
ATOM 95   H HA   . ASP A 1 7 ? -2.541 3.747  -2.729 1.00 0.00 ? 7 ASP A HA   1  
ATOM 96   H HB2  . ASP A 1 7 ? -3.132 2.616  -4.618 1.00 0.00 ? 7 ASP A HB2  1  
ATOM 97   H HB3  . ASP A 1 7 ? -1.377 2.529  -4.801 1.00 0.00 ? 7 ASP A HB3  1  
ATOM 98   N N    . GLY A 1 1 ? -1.875 1.026  -0.811 1.00 0.00 ? 1 GLY A N    2  
ATOM 99   C CA   . GLY A 1 1 ? -2.262 -0.283 -1.266 1.00 0.00 ? 1 GLY A CA   2  
ATOM 100  C C    . GLY A 1 1 ? -2.225 -1.308 -0.168 1.00 0.00 ? 1 GLY A C    2  
ATOM 101  O O    . GLY A 1 1 ? -1.944 -0.974 0.977  1.00 0.00 ? 1 GLY A O    2  
ATOM 102  H H1   . GLY A 1 1 ? -1.161 1.100  -0.106 1.00 0.00 ? 1 GLY A H1   2  
ATOM 103  H HA2  . GLY A 1 1 ? -3.267 -0.245 -1.650 1.00 0.00 ? 1 GLY A HA2  2  
ATOM 104  H HA3  . GLY A 1 1 ? -1.602 -0.557 -2.086 1.00 0.00 ? 1 GLY A HA3  2  
ATOM 105  N N    . LEU A 1 2 ? -2.503 -2.556 -0.520 1.00 0.00 ? 2 LEU A N    2  
ATOM 106  C CA   . LEU A 1 2 ? -2.620 -3.650 0.445  1.00 0.00 ? 2 LEU A CA   2  
ATOM 107  C C    . LEU A 1 2 ? -1.340 -3.948 1.234  1.00 0.00 ? 2 LEU A C    2  
ATOM 108  O O    . LEU A 1 2 ? -1.400 -4.503 2.316  1.00 0.00 ? 2 LEU A O    2  
ATOM 109  C CB   . LEU A 1 2 ? -3.031 -4.939 -0.287 1.00 0.00 ? 2 LEU A CB   2  
ATOM 110  C CG   . LEU A 1 2 ? -4.511 -5.316 -0.225 1.00 0.00 ? 2 LEU A CG   2  
ATOM 111  C CD1  . LEU A 1 2 ? -4.929 -5.595 1.269  1.00 0.00 ? 2 LEU A CD1  2  
ATOM 112  C CD2  . LEU A 1 2 ? -5.438 -4.282 -0.803 1.00 0.00 ? 2 LEU A CD2  2  
ATOM 113  H H    . LEU A 1 2 ? -2.676 -2.769 -1.491 1.00 0.00 ? 2 LEU A H    2  
ATOM 114  H HA   . LEU A 1 2 ? -3.410 -3.394 1.149  1.00 0.00 ? 2 LEU A HA   2  
ATOM 115  H HB2  . LEU A 1 2 ? -2.734 -4.813 -1.335 1.00 0.00 ? 2 LEU A HB2  2  
ATOM 116  H HB3  . LEU A 1 2 ? -2.453 -5.765 0.123  1.00 0.00 ? 2 LEU A HB3  2  
ATOM 117  H HG   . LEU A 1 2 ? -4.626 -6.235 -0.787 1.00 0.00 ? 2 LEU A HG   2  
ATOM 118  H HD11 . LEU A 1 2 ? -5.884 -6.119 1.285  1.00 0.00 ? 2 LEU A HD11 2  
ATOM 119  H HD12 . LEU A 1 2 ? -5.018 -4.662 1.846  1.00 0.00 ? 2 LEU A HD12 2  
ATOM 120  H HD13 . LEU A 1 2 ? -4.182 -6.238 1.755  1.00 0.00 ? 2 LEU A HD13 2  
ATOM 121  H HD21 . LEU A 1 2 ? -5.126 -4.044 -1.827 1.00 0.00 ? 2 LEU A HD21 2  
ATOM 122  H HD22 . LEU A 1 2 ? -5.405 -3.370 -0.190 1.00 0.00 ? 2 LEU A HD22 2  
ATOM 123  H HD23 . LEU A 1 2 ? -6.456 -4.690 -0.840 1.00 0.00 ? 2 LEU A HD23 2  
ATOM 124  N N    . LEU A 1 3 ? -0.193 -3.592 0.724  1.00 0.00 ? 3 LEU A N    2  
ATOM 125  C CA   . LEU A 1 3 ? 1.086  -3.841 1.431  1.00 0.00 ? 3 LEU A CA   2  
ATOM 126  C C    . LEU A 1 3 ? 1.455  -2.600 2.307  1.00 0.00 ? 3 LEU A C    2  
ATOM 127  O O    . LEU A 1 3 ? 2.480  -2.647 2.986  1.00 0.00 ? 3 LEU A O    2  
ATOM 128  C CB   . LEU A 1 3 ? 2.202  -4.048 0.424  1.00 0.00 ? 3 LEU A CB   2  
ATOM 129  C CG   . LEU A 1 3 ? 1.983  -5.260 -0.492 1.00 0.00 ? 3 LEU A CG   2  
ATOM 130  C CD1  . LEU A 1 3 ? 3.102  -5.280 -1.561 1.00 0.00 ? 3 LEU A CD1  2  
ATOM 131  C CD2  . LEU A 1 3 ? 2.028  -6.616 0.297  1.00 0.00 ? 3 LEU A CD2  2  
ATOM 132  H H    . LEU A 1 3 ? -0.173 -3.130 -0.196 1.00 0.00 ? 3 LEU A H    2  
ATOM 133  H HA   . LEU A 1 3 ? 1.010  -4.725 2.076  1.00 0.00 ? 3 LEU A HA   2  
ATOM 134  H HB2  . LEU A 1 3 ? 2.272  -3.161 -0.212 1.00 0.00 ? 3 LEU A HB2  2  
ATOM 135  H HB3  . LEU A 1 3 ? 3.143  -4.199 0.961  1.00 0.00 ? 3 LEU A HB3  2  
ATOM 136  H HG   . LEU A 1 3 ? 1.007  -5.164 -0.996 1.00 0.00 ? 3 LEU A HG   2  
ATOM 137  H HD11 . LEU A 1 3 ? 3.026  -4.414 -2.216 1.00 0.00 ? 3 LEU A HD11 2  
ATOM 138  H HD12 . LEU A 1 3 ? 3.027  -6.173 -2.150 1.00 0.00 ? 3 LEU A HD12 2  
ATOM 139  H HD13 . LEU A 1 3 ? 4.080  -5.270 -1.083 1.00 0.00 ? 3 LEU A HD13 2  
ATOM 140  H HD21 . LEU A 1 3 ? 2.101  -7.438 -0.422 1.00 0.00 ? 3 LEU A HD21 2  
ATOM 141  H HD22 . LEU A 1 3 ? 1.128  -6.742 0.893  1.00 0.00 ? 3 LEU A HD22 2  
ATOM 142  H HD23 . LEU A 1 3 ? 2.893  -6.636 0.962  1.00 0.00 ? 3 LEU A HD23 2  
ATOM 143  N N    . GLY A 1 4 ? 0.643  -1.548 2.289  1.00 0.00 ? 4 GLY A N    2  
ATOM 144  C CA   . GLY A 1 4 ? 0.952  -0.342 3.042  1.00 0.00 ? 4 GLY A CA   2  
ATOM 145  C C    . GLY A 1 4 ? 1.900  0.589  2.292  1.00 0.00 ? 4 GLY A C    2  
ATOM 146  O O    . GLY A 1 4 ? 2.432  1.557  2.828  1.00 0.00 ? 4 GLY A O    2  
ATOM 147  H H    . GLY A 1 4 ? -0.202 -1.574 1.767  1.00 0.00 ? 4 GLY A H    2  
ATOM 148  H HA2  . GLY A 1 4 ? 0.021  0.168  3.245  1.00 0.00 ? 4 GLY A HA2  2  
ATOM 149  H HA3  . GLY A 1 4 ? 1.440  -0.633 3.991  1.00 0.00 ? 4 GLY A HA3  2  
ATOM 150  N N    . ILE A 1 5 ? 2.119  0.280  1.017  1.00 0.00 ? 5 ILE A N    2  
ATOM 151  C CA   . ILE A 1 5 ? 2.970  1.061  0.128  1.00 0.00 ? 5 ILE A CA   2  
ATOM 152  C C    . ILE A 1 5 ? 2.085  1.754  -0.911 1.00 0.00 ? 5 ILE A C    2  
ATOM 153  O O    . ILE A 1 5 ? 1.245  1.085  -1.489 1.00 0.00 ? 5 ILE A O    2  
ATOM 154  C CB   . ILE A 1 5 ? 3.980  0.133  -0.622 1.00 0.00 ? 5 ILE A CB   2  
ATOM 155  C CG1  . ILE A 1 5 ? 4.748  -0.753 0.394  1.00 0.00 ? 5 ILE A CG1  2  
ATOM 156  C CG2  . ILE A 1 5 ? 4.943  0.949  -1.467 1.00 0.00 ? 5 ILE A CG2  2  
ATOM 157  C CD1  . ILE A 1 5 ? 5.673  -1.786 -0.248 1.00 0.00 ? 5 ILE A CD1  2  
ATOM 158  H H    . ILE A 1 5 ? 1.654  -0.525 0.623  1.00 0.00 ? 5 ILE A H    2  
ATOM 159  H HA   . ILE A 1 5 ? 3.512  1.799  0.717  1.00 0.00 ? 5 ILE A HA   2  
ATOM 160  H HB   . ILE A 1 5 ? 3.426  -0.513 -1.292 1.00 0.00 ? 5 ILE A HB   2  
ATOM 161  H HG12 . ILE A 1 5 ? 5.331  -0.115 1.064  1.00 0.00 ? 5 ILE A HG12 2  
ATOM 162  H HG13 . ILE A 1 5 ? 4.025  -1.312 0.986  1.00 0.00 ? 5 ILE A HG13 2  
ATOM 163  H HG21 . ILE A 1 5 ? 5.453  1.682  -0.831 1.00 0.00 ? 5 ILE A HG21 2  
ATOM 164  H HG22 . ILE A 1 5 ? 4.390  1.458  -2.260 1.00 0.00 ? 5 ILE A HG22 2  
ATOM 165  H HG23 . ILE A 1 5 ? 5.686  0.290  -1.926 1.00 0.00 ? 5 ILE A HG23 2  
ATOM 166  H HD11 . ILE A 1 5 ? 5.169  -2.248 -1.101 1.00 0.00 ? 5 ILE A HD11 2  
ATOM 167  H HD12 . ILE A 1 5 ? 5.924  -2.544 0.491  1.00 0.00 ? 5 ILE A HD12 2  
ATOM 168  H HD13 . ILE A 1 5 ? 6.587  -1.302 -0.585 1.00 0.00 ? 5 ILE A HD13 2  
ATOM 169  N N    . THR A 1 6 ? 2.275  3.052  -1.128 1.00 0.00 ? 6 THR A N    2  
ATOM 170  C CA   . THR A 1 6 ? 1.522  3.892  -2.135 1.00 0.00 ? 6 THR A CA   2  
ATOM 171  C C    . THR A 1 6 ? 0.005  3.652  -2.119 1.00 0.00 ? 6 THR A C    2  
ATOM 172  O O    . THR A 1 6 ? -0.624 3.497  -3.140 1.00 0.00 ? 6 THR A O    2  
ATOM 173  C CB   . THR A 1 6 ? 2.155  3.800  -3.599 1.00 0.00 ? 6 THR A CB   2  
ATOM 174  O OG1  . THR A 1 6 ? 1.487  4.747  -4.467 1.00 0.00 ? 6 THR A OG1  2  
ATOM 175  C CG2  . THR A 1 6 ? 2.046  2.402  -4.233 1.00 0.00 ? 6 THR A CG2  2  
ATOM 176  H H    . THR A 1 6 ? 2.991  3.521  -0.563 1.00 0.00 ? 6 THR A H    2  
ATOM 177  H HA   . THR A 1 6 ? 1.653  4.930  -1.846 1.00 0.00 ? 6 THR A HA   2  
ATOM 178  H HB   . THR A 1 6 ? 3.214  4.066  -3.535 1.00 0.00 ? 6 THR A HB   2  
ATOM 179  H HG1  . THR A 1 6 ? 0.559  4.543  -4.466 1.00 0.00 ? 6 THR A HG1  2  
ATOM 180  H HG21 . THR A 1 6 ? 1.036  2.004  -4.126 1.00 0.00 ? 6 THR A HG21 2  
ATOM 181  H HG22 . THR A 1 6 ? 2.744  1.732  -3.744 1.00 0.00 ? 6 THR A HG22 2  
ATOM 182  H HG23 . THR A 1 6 ? 2.299  2.469  -5.291 1.00 0.00 ? 6 THR A HG23 2  
ATOM 183  N N    . ASP A 1 7 ? -0.542 3.668  -0.921 1.00 0.00 ? 7 ASP A N    2  
ATOM 184  C CA   . ASP A 1 7 ? -1.978 3.445  -0.657 1.00 0.00 ? 7 ASP A CA   2  
ATOM 185  C C    . ASP A 1 7 ? -2.473 2.119  -1.245 1.00 0.00 ? 7 ASP A C    2  
ATOM 186  O O    . ASP A 1 7 ? -3.327 2.065  -2.074 1.00 0.00 ? 7 ASP A O    2  
ATOM 187  C CB   . ASP A 1 7 ? -2.814 4.625  -1.145 1.00 0.00 ? 7 ASP A CB   2  
ATOM 188  C CG   . ASP A 1 7 ? -4.309 4.487  -0.803 1.00 0.00 ? 7 ASP A CG   2  
ATOM 189  O OD1  . ASP A 1 7 ? -5.137 4.951  -1.628 1.00 0.00 ? 7 ASP A OD1  2  
ATOM 190  O OD2  . ASP A 1 7 ? -4.648 3.949  0.275  1.00 0.00 ? 7 ASP A OD2  2  
ATOM 191  H H    . ASP A 1 7 ? 0.055  3.817  -0.119 1.00 0.00 ? 7 ASP A H    2  
ATOM 192  H HA   . ASP A 1 7 ? -2.116 3.372  0.429  1.00 0.00 ? 7 ASP A HA   2  
ATOM 193  H HB2  . ASP A 1 7 ? -2.434 5.541  -0.709 1.00 0.00 ? 7 ASP A HB2  2  
ATOM 194  H HB3  . ASP A 1 7 ? -2.708 4.708  -2.221 1.00 0.00 ? 7 ASP A HB3  2  
ATOM 195  N N    . GLY A 1 1 ? -1.622 0.971  -1.002 1.00 0.00 ? 1 GLY A N    3  
ATOM 196  C CA   . GLY A 1 1 ? -1.993 -0.371 -1.369 1.00 0.00 ? 1 GLY A CA   3  
ATOM 197  C C    . GLY A 1 1 ? -2.124 -1.275 -0.167 1.00 0.00 ? 1 GLY A C    3  
ATOM 198  O O    . GLY A 1 1 ? -1.853 -0.856 0.951  1.00 0.00 ? 1 GLY A O    3  
ATOM 199  H H1   . GLY A 1 1 ? -0.645 1.242  -1.083 1.00 0.00 ? 1 GLY A H1   3  
ATOM 200  H HA2  . GLY A 1 1 ? -2.950 -0.331 -1.911 1.00 0.00 ? 1 GLY A HA2  3  
ATOM 201  H HA3  . GLY A 1 1 ? -1.241 -0.771 -2.034 1.00 0.00 ? 1 GLY A HA3  3  
ATOM 202  N N    . LEU A 1 2 ? -2.530 -2.531 -0.358 1.00 0.00 ? 2 LEU A N    3  
ATOM 203  C CA   . LEU A 1 2 ? -2.716 -3.480 0.761  1.00 0.00 ? 2 LEU A CA   3  
ATOM 204  C C    . LEU A 1 2 ? -1.403 -3.739 1.504  1.00 0.00 ? 2 LEU A C    3  
ATOM 205  O O    . LEU A 1 2 ? -1.378 -4.021 2.699  1.00 0.00 ? 2 LEU A O    3  
ATOM 206  C CB   . LEU A 1 2 ? -3.209 -4.813 0.220  1.00 0.00 ? 2 LEU A CB   3  
ATOM 207  C CG   . LEU A 1 2 ? -4.433 -5.343 0.966  1.00 0.00 ? 2 LEU A CG   3  
ATOM 208  C CD1  . LEU A 1 2 ? -4.944 -6.573 0.177  1.00 0.00 ? 2 LEU A CD1  3  
ATOM 209  C CD2  . LEU A 1 2 ? -4.176 -5.762 2.399  1.00 0.00 ? 2 LEU A CD2  3  
ATOM 210  H H    . LEU A 1 2 ? -2.719 -2.852 -1.288 1.00 0.00 ? 2 LEU A H    3  
ATOM 211  H HA   . LEU A 1 2 ? -3.457 -3.053 1.463  1.00 0.00 ? 2 LEU A HA   3  
ATOM 212  H HB2  . LEU A 1 2 ? -3.467 -4.696 -0.832 1.00 0.00 ? 2 LEU A HB2  3  
ATOM 213  H HB3  . LEU A 1 2 ? -2.420 -5.575 0.295  1.00 0.00 ? 2 LEU A HB3  3  
ATOM 214  H HG   . LEU A 1 2 ? -5.193 -4.563 0.973  1.00 0.00 ? 2 LEU A HG   3  
ATOM 215  H HD11 . LEU A 1 2 ? -5.062 -6.334 -0.866 1.00 0.00 ? 2 LEU A HD11 3  
ATOM 216  H HD12 . LEU A 1 2 ? -5.932 -6.869 0.575  1.00 0.00 ? 2 LEU A HD12 3  
ATOM 217  H HD13 . LEU A 1 2 ? -4.248 -7.370 0.289  1.00 0.00 ? 2 LEU A HD13 3  
ATOM 218  H HD21 . LEU A 1 2 ? -3.731 -4.945 2.958  1.00 0.00 ? 2 LEU A HD21 3  
ATOM 219  H HD22 . LEU A 1 2 ? -3.477 -6.620 2.397  1.00 0.00 ? 2 LEU A HD22 3  
ATOM 220  H HD23 . LEU A 1 2 ? -5.105 -6.025 2.866  1.00 0.00 ? 2 LEU A HD23 3  
ATOM 221  N N    . LEU A 1 3 ? -0.300 -3.625 0.777  1.00 0.00 ? 3 LEU A N    3  
ATOM 222  C CA   . LEU A 1 3 ? 1.021  -3.809 1.389  1.00 0.00 ? 3 LEU A CA   3  
ATOM 223  C C    . LEU A 1 3 ? 1.433  -2.568 2.213  1.00 0.00 ? 3 LEU A C    3  
ATOM 224  O O    . LEU A 1 3 ? 2.460  -2.562 2.820  1.00 0.00 ? 3 LEU A O    3  
ATOM 225  C CB   . LEU A 1 3 ? 2.035  -4.103 0.288  1.00 0.00 ? 3 LEU A CB   3  
ATOM 226  C CG   . LEU A 1 3 ? 3.424  -4.668 0.637  1.00 0.00 ? 3 LEU A CG   3  
ATOM 227  C CD1  . LEU A 1 3 ? 3.342  -5.978 1.383  1.00 0.00 ? 3 LEU A CD1  3  
ATOM 228  C CD2  . LEU A 1 3 ? 4.217  -4.862 -0.652 1.00 0.00 ? 3 LEU A CD2  3  
ATOM 229  H H    . LEU A 1 3 ? -0.352 -3.456 -0.214 1.00 0.00 ? 3 LEU A H    3  
ATOM 230  H HA   . LEU A 1 3 ? 0.986  -4.675 2.068  1.00 0.00 ? 3 LEU A HA   3  
ATOM 231  H HB2  . LEU A 1 3 ? 1.570  -4.785 -0.428 1.00 0.00 ? 3 LEU A HB2  3  
ATOM 232  H HB3  . LEU A 1 3 ? 2.195  -3.172 -0.232 1.00 0.00 ? 3 LEU A HB3  3  
ATOM 233  H HG   . LEU A 1 3 ? 3.937  -3.954 1.272  1.00 0.00 ? 3 LEU A HG   3  
ATOM 234  H HD11 . LEU A 1 3 ? 2.809  -5.823 2.320  1.00 0.00 ? 3 LEU A HD11 3  
ATOM 235  H HD12 . LEU A 1 3 ? 4.346  -6.325 1.598  1.00 0.00 ? 3 LEU A HD12 3  
ATOM 236  H HD13 . LEU A 1 3 ? 2.812  -6.721 0.792  1.00 0.00 ? 3 LEU A HD13 3  
ATOM 237  H HD21 . LEU A 1 3 ? 3.750  -5.642 -1.251 1.00 0.00 ? 3 LEU A HD21 3  
ATOM 238  H HD22 . LEU A 1 3 ? 5.239  -5.171 -0.411 1.00 0.00 ? 3 LEU A HD22 3  
ATOM 239  H HD23 . LEU A 1 3 ? 4.246  -3.935 -1.220 1.00 0.00 ? 3 LEU A HD23 3  
ATOM 240  N N    . GLY A 1 4 ? 0.601  -1.531 2.230  1.00 0.00 ? 4 GLY A N    3  
ATOM 241  C CA   . GLY A 1 4 ? 0.887  -0.326 2.980  1.00 0.00 ? 4 GLY A CA   3  
ATOM 242  C C    . GLY A 1 4 ? 1.710  0.692  2.182  1.00 0.00 ? 4 GLY A C    3  
ATOM 243  O O    . GLY A 1 4 ? 1.944  1.807  2.561  1.00 0.00 ? 4 GLY A O    3  
ATOM 244  H H    . GLY A 1 4 ? -0.279 -1.560 1.707  1.00 0.00 ? 4 GLY A H    3  
ATOM 245  H HA2  . GLY A 1 4 ? -0.066 0.140  3.276  1.00 0.00 ? 4 GLY A HA2  3  
ATOM 246  H HA3  . GLY A 1 4 ? 1.417  -0.573 3.881  1.00 0.00 ? 4 GLY A HA3  3  
ATOM 247  N N    . ILE A 1 5 ? 2.179  0.268  1.035  1.00 0.00 ? 5 ILE A N    3  
ATOM 248  C CA   . ILE A 1 5 ? 3.009  1.096  0.168  1.00 0.00 ? 5 ILE A CA   3  
ATOM 249  C C    . ILE A 1 5 ? 2.061  1.729  -0.875 1.00 0.00 ? 5 ILE A C    3  
ATOM 250  O O    . ILE A 1 5 ? 1.282  1.038  -1.538 1.00 0.00 ? 5 ILE A O    3  
ATOM 251  C CB   . ILE A 1 5 ? 4.122  0.247  -0.524 1.00 0.00 ? 5 ILE A CB   3  
ATOM 252  C CG1  . ILE A 1 5 ? 4.901  -0.522 0.567  1.00 0.00 ? 5 ILE A CG1  3  
ATOM 253  C CG2  . ILE A 1 5 ? 5.066  1.156  -1.336 1.00 0.00 ? 5 ILE A CG2  3  
ATOM 254  C CD1  . ILE A 1 5 ? 5.967  -1.471 0.063  1.00 0.00 ? 5 ILE A CD1  3  
ATOM 255  H H    . ILE A 1 5 ? 1.967  -0.675 0.711  1.00 0.00 ? 5 ILE A H    3  
ATOM 256  H HA   . ILE A 1 5 ? 3.484  1.890  0.755  1.00 0.00 ? 5 ILE A HA   3  
ATOM 257  H HB   . ILE A 1 5 ? 3.625  -0.465 -1.176 1.00 0.00 ? 5 ILE A HB   3  
ATOM 258  H HG12 . ILE A 1 5 ? 5.404  0.207  1.214  1.00 0.00 ? 5 ILE A HG12 3  
ATOM 259  H HG13 . ILE A 1 5 ? 4.170  -1.108 1.151  1.00 0.00 ? 5 ILE A HG13 3  
ATOM 260  H HG21 . ILE A 1 5 ? 4.506  1.771  -2.033 1.00 0.00 ? 5 ILE A HG21 3  
ATOM 261  H HG22 . ILE A 1 5 ? 5.736  0.513  -1.917 1.00 0.00 ? 5 ILE A HG22 3  
ATOM 262  H HG23 . ILE A 1 5 ? 5.664  1.793  -0.677 1.00 0.00 ? 5 ILE A HG23 3  
ATOM 263  H HD11 . ILE A 1 5 ? 5.519  -2.147 -0.668 1.00 0.00 ? 5 ILE A HD11 3  
ATOM 264  H HD12 . ILE A 1 5 ? 6.350  -2.057 0.893  1.00 0.00 ? 5 ILE A HD12 3  
ATOM 265  H HD13 . ILE A 1 5 ? 6.777  -0.916 -0.393 1.00 0.00 ? 5 ILE A HD13 3  
ATOM 266  N N    . THR A 1 6 ? 2.129  3.048  -0.985 1.00 0.00 ? 6 THR A N    3  
ATOM 267  C CA   . THR A 1 6 ? 1.280  3.844  -1.936 1.00 0.00 ? 6 THR A CA   3  
ATOM 268  C C    . THR A 1 6 ? -0.188 3.539  -1.717 1.00 0.00 ? 6 THR A C    3  
ATOM 269  O O    . THR A 1 6 ? -0.937 3.316  -2.658 1.00 0.00 ? 6 THR A O    3  
ATOM 270  C CB   . THR A 1 6 ? 1.649  3.517  -3.427 1.00 0.00 ? 6 THR A CB   3  
ATOM 271  O OG1  . THR A 1 6 ? 3.033  3.233  -3.502 1.00 0.00 ? 6 THR A OG1  3  
ATOM 272  C CG2  . THR A 1 6 ? 1.388  4.711  -4.402 1.00 0.00 ? 6 THR A CG2  3  
ATOM 273  H H    . THR A 1 6 ? 2.801  3.586  -0.369 1.00 0.00 ? 6 THR A H    3  
ATOM 274  H HA   . THR A 1 6 ? 1.440  4.909  -1.754 1.00 0.00 ? 6 THR A HA   3  
ATOM 275  H HB   . THR A 1 6 ? 1.101  2.627  -3.753 1.00 0.00 ? 6 THR A HB   3  
ATOM 276  H HG1  . THR A 1 6 ? 3.496  3.783  -2.829 1.00 0.00 ? 6 THR A HG1  3  
ATOM 277  H HG21 . THR A 1 6 ? 2.034  5.549  -4.159 1.00 0.00 ? 6 THR A HG21 3  
ATOM 278  H HG22 . THR A 1 6 ? 0.346  5.029  -4.339 1.00 0.00 ? 6 THR A HG22 3  
ATOM 279  H HG23 . THR A 1 6 ? 1.577  4.407  -5.437 1.00 0.00 ? 6 THR A HG23 3  
ATOM 280  N N    . ASP A 1 7 ? -0.606 3.544  -0.443 1.00 0.00 ? 7 ASP A N    3  
ATOM 281  C CA   . ASP A 1 7 ? -2.025 3.190  -0.089 1.00 0.00 ? 7 ASP A CA   3  
ATOM 282  C C    . ASP A 1 7 ? -2.521 1.821  -0.556 1.00 0.00 ? 7 ASP A C    3  
ATOM 283  O O    . ASP A 1 7 ? -3.714 1.509  -0.480 1.00 0.00 ? 7 ASP A O    3  
ATOM 284  C CB   . ASP A 1 7 ? -2.992 4.289  -0.530 1.00 0.00 ? 7 ASP A CB   3  
ATOM 285  C CG   . ASP A 1 7 ? -2.892 5.548  0.352  1.00 0.00 ? 7 ASP A CG   3  
ATOM 286  O OD1  . ASP A 1 7 ? -2.501 6.616  -0.168 1.00 0.00 ? 7 ASP A OD1  3  
ATOM 287  O OD2  . ASP A 1 7 ? -3.167 5.459  1.571  1.00 0.00 ? 7 ASP A OD2  3  
ATOM 288  H H    . ASP A 1 7 ? 0.035  3.762  0.322  1.00 0.00 ? 7 ASP A H    3  
ATOM 289  H HA   . ASP A 1 7 ? -2.095 3.176  0.965  1.00 0.00 ? 7 ASP A HA   3  
ATOM 290  H HB2  . ASP A 1 7 ? -2.746 4.531  -1.560 1.00 0.00 ? 7 ASP A HB2  3  
ATOM 291  H HB3  . ASP A 1 7 ? -3.983 3.878  -0.462 1.00 0.00 ? 7 ASP A HB3  3  
ATOM 292  N N    . GLY A 1 1 ? -2.454 1.600  -0.744 1.00 0.00 ? 1 GLY A N    4  
ATOM 293  C CA   . GLY A 1 1 ? -3.071 0.693  0.226  1.00 0.00 ? 1 GLY A CA   4  
ATOM 294  C C    . GLY A 1 1 ? -2.448 -0.705 0.170  1.00 0.00 ? 1 GLY A C    4  
ATOM 295  O O    . GLY A 1 1 ? -2.386 -1.434 1.155  1.00 0.00 ? 1 GLY A O    4  
ATOM 296  H H1   . GLY A 1 1 ? -1.605 2.098  -0.493 1.00 0.00 ? 1 GLY A H1   4  
ATOM 297  H HA2  . GLY A 1 1 ? -2.950 1.081  1.234  1.00 0.00 ? 1 GLY A HA2  4  
ATOM 298  H HA3  . GLY A 1 1 ? -4.147 0.602  0.022  1.00 0.00 ? 1 GLY A HA3  4  
ATOM 299  N N    . LEU A 1 2 ? -1.923 -1.072 -0.993 1.00 0.00 ? 2 LEU A N    4  
ATOM 300  C CA   . LEU A 1 2 ? -1.266 -2.368 -1.156 1.00 0.00 ? 2 LEU A CA   4  
ATOM 301  C C    . LEU A 1 2 ? 0.047  -2.436 -0.390 1.00 0.00 ? 2 LEU A C    4  
ATOM 302  O O    . LEU A 1 2 ? 0.921  -1.549 -0.508 1.00 0.00 ? 2 LEU A O    4  
ATOM 303  C CB   . LEU A 1 2 ? -0.976 -2.683 -2.645 1.00 0.00 ? 2 LEU A CB   4  
ATOM 304  C CG   . LEU A 1 2 ? -2.196 -2.741 -3.559 1.00 0.00 ? 2 LEU A CG   4  
ATOM 305  C CD1  . LEU A 1 2 ? -1.696 -2.869 -5.012 1.00 0.00 ? 2 LEU A CD1  4  
ATOM 306  C CD2  . LEU A 1 2 ? -3.131 -3.934 -3.238 1.00 0.00 ? 2 LEU A CD2  4  
ATOM 307  H H    . LEU A 1 2 ? -1.931 -0.458 -1.770 1.00 0.00 ? 2 LEU A H    4  
ATOM 308  H HA   . LEU A 1 2 ? -1.914 -3.112 -0.772 1.00 0.00 ? 2 LEU A HA   4  
ATOM 309  H HB2  . LEU A 1 2 ? -0.341 -1.899 -3.005 1.00 0.00 ? 2 LEU A HB2  4  
ATOM 310  H HB3  . LEU A 1 2 ? -0.424 -3.617 -2.700 1.00 0.00 ? 2 LEU A HB3  4  
ATOM 311  H HG   . LEU A 1 2 ? -2.752 -1.809 -3.465 1.00 0.00 ? 2 LEU A HG   4  
ATOM 312  H HD11 . LEU A 1 2 ? -1.078 -2.000 -5.221 1.00 0.00 ? 2 LEU A HD11 4  
ATOM 313  H HD12 . LEU A 1 2 ? -2.533 -2.869 -5.691 1.00 0.00 ? 2 LEU A HD12 4  
ATOM 314  H HD13 . LEU A 1 2 ? -1.098 -3.790 -5.108 1.00 0.00 ? 2 LEU A HD13 4  
ATOM 315  H HD21 . LEU A 1 2 ? -3.983 -3.944 -3.886 1.00 0.00 ? 2 LEU A HD21 4  
ATOM 316  H HD22 . LEU A 1 2 ? -3.456 -3.867 -2.203 1.00 0.00 ? 2 LEU A HD22 4  
ATOM 317  H HD23 . LEU A 1 2 ? -2.595 -4.885 -3.378 1.00 0.00 ? 2 LEU A HD23 4  
ATOM 318  N N    . LEU A 1 3 ? 0.155  -3.488 0.419  1.00 0.00 ? 3 LEU A N    4  
ATOM 319  C CA   . LEU A 1 3 ? 1.326  -3.793 1.265  1.00 0.00 ? 3 LEU A CA   4  
ATOM 320  C C    . LEU A 1 3 ? 1.622  -2.655 2.230  1.00 0.00 ? 3 LEU A C    4  
ATOM 321  O O    . LEU A 1 3 ? 2.693  -2.579 2.810  1.00 0.00 ? 3 LEU A O    4  
ATOM 322  C CB   . LEU A 1 3 ? 2.582  -4.147 0.420  1.00 0.00 ? 3 LEU A CB   4  
ATOM 323  C CG   . LEU A 1 3 ? 2.720  -5.438 -0.432 1.00 0.00 ? 3 LEU A CG   4  
ATOM 324  C CD1  . LEU A 1 3 ? 2.301  -6.681 0.381  1.00 0.00 ? 3 LEU A CD1  4  
ATOM 325  C CD2  . LEU A 1 3 ? 1.866  -5.365 -1.740 1.00 0.00 ? 3 LEU A CD2  4  
ATOM 326  H H    . LEU A 1 3 ? -0.595 -4.124 0.423  1.00 0.00 ? 3 LEU A H    4  
ATOM 327  H HA   . LEU A 1 3 ? 1.067  -4.664 1.855  1.00 0.00 ? 3 LEU A HA   4  
ATOM 328  H HB2  . LEU A 1 3 ? 2.757  -3.318 -0.237 1.00 0.00 ? 3 LEU A HB2  4  
ATOM 329  H HB3  . LEU A 1 3 ? 3.419  -4.176 1.121  1.00 0.00 ? 3 LEU A HB3  4  
ATOM 330  H HG   . LEU A 1 3 ? 3.771  -5.541 -0.728 1.00 0.00 ? 3 LEU A HG   4  
ATOM 331  H HD11 . LEU A 1 3 ? 2.480  -7.578 -0.192 1.00 0.00 ? 3 LEU A HD11 4  
ATOM 332  H HD12 . LEU A 1 3 ? 1.239  -6.644 0.606  1.00 0.00 ? 3 LEU A HD12 4  
ATOM 333  H HD13 . LEU A 1 3 ? 2.882  -6.746 1.308  1.00 0.00 ? 3 LEU A HD13 4  
ATOM 334  H HD21 . LEU A 1 3 ? 2.092  -6.218 -2.366 1.00 0.00 ? 3 LEU A HD21 4  
ATOM 335  H HD22 . LEU A 1 3 ? 2.081  -4.436 -2.290 1.00 0.00 ? 3 LEU A HD22 4  
ATOM 336  H HD23 . LEU A 1 3 ? 0.799  -5.372 -1.486 1.00 0.00 ? 3 LEU A HD23 4  
ATOM 337  N N    . GLY A 1 4 ? 0.630  -1.780 2.426  1.00 0.00 ? 4 GLY A N    4  
ATOM 338  C CA   . GLY A 1 4 ? 0.817  -0.631 3.297  1.00 0.00 ? 4 GLY A CA   4  
ATOM 339  C C    . GLY A 1 4 ? 1.819  0.388  2.758  1.00 0.00 ? 4 GLY A C    4  
ATOM 340  O O    . GLY A 1 4 ? 2.314  1.190  3.508  1.00 0.00 ? 4 GLY A O    4  
ATOM 341  H H    . GLY A 1 4 ? -0.280 -1.906 1.940  1.00 0.00 ? 4 GLY A H    4  
ATOM 342  H HA2  . GLY A 1 4 ? -0.124 -0.104 3.422  1.00 0.00 ? 4 GLY A HA2  4  
ATOM 343  H HA3  . GLY A 1 4 ? 1.140  -0.979 4.278  1.00 0.00 ? 4 GLY A HA3  4  
ATOM 344  N N    . ILE A 1 5 ? 2.097  0.352  1.446  1.00 0.00 ? 5 ILE A N    4  
ATOM 345  C CA   . ILE A 1 5 ? 3.072  1.258  0.829  1.00 0.00 ? 5 ILE A CA   4  
ATOM 346  C C    . ILE A 1 5 ? 2.611  1.861  -0.534 1.00 0.00 ? 5 ILE A C    4  
ATOM 347  O O    . ILE A 1 5 ? 3.038  2.957  -0.873 1.00 0.00 ? 5 ILE A O    4  
ATOM 348  C CB   . ILE A 1 5 ? 4.467  0.527  0.701  1.00 0.00 ? 5 ILE A CB   4  
ATOM 349  C CG1  . ILE A 1 5 ? 5.590  1.490  0.298  1.00 0.00 ? 5 ILE A CG1  4  
ATOM 350  C CG2  . ILE A 1 5 ? 4.400  -0.674 -0.291 1.00 0.00 ? 5 ILE A CG2  4  
ATOM 351  C CD1  . ILE A 1 5 ? 7.033  0.934  0.561  1.00 0.00 ? 5 ILE A CD1  4  
ATOM 352  H H    . ILE A 1 5 ? 1.620  -0.343 0.838  1.00 0.00 ? 5 ILE A H    4  
ATOM 353  H HA   . ILE A 1 5 ? 3.221  2.106  1.513  1.00 0.00 ? 5 ILE A HA   4  
ATOM 354  H HB   . ILE A 1 5 ? 4.706  0.138  1.691  1.00 0.00 ? 5 ILE A HB   4  
ATOM 355  H HG12 . ILE A 1 5 ? 5.509  1.741  -0.758 1.00 0.00 ? 5 ILE A HG12 4  
ATOM 356  H HG13 . ILE A 1 5 ? 5.478  2.429  0.864  1.00 0.00 ? 5 ILE A HG13 4  
ATOM 357  H HG21 . ILE A 1 5 ? 5.301  -1.271 -0.206 1.00 0.00 ? 5 ILE A HG21 4  
ATOM 358  H HG22 . ILE A 1 5 ? 4.317  -0.304 -1.314 1.00 0.00 ? 5 ILE A HG22 4  
ATOM 359  H HG23 . ILE A 1 5 ? 3.546  -1.303 -0.055 1.00 0.00 ? 5 ILE A HG23 4  
ATOM 360  H HD11 . ILE A 1 5 ? 7.157  0.759  1.626  1.00 0.00 ? 5 ILE A HD11 4  
ATOM 361  H HD12 . ILE A 1 5 ? 7.777  1.660  0.219  1.00 0.00 ? 5 ILE A HD12 4  
ATOM 362  H HD13 . ILE A 1 5 ? 7.188  0.011  0.017  1.00 0.00 ? 5 ILE A HD13 4  
ATOM 363  N N    . THR A 1 6 ? 1.802  1.163  -1.298 1.00 0.00 ? 6 THR A N    4  
ATOM 364  C CA   . THR A 1 6 ? 1.373  1.660  -2.602 1.00 0.00 ? 6 THR A CA   4  
ATOM 365  C C    . THR A 1 6 ? -0.153 1.567  -2.844 1.00 0.00 ? 6 THR A C    4  
ATOM 366  O O    . THR A 1 6 ? -0.664 0.481  -3.082 1.00 0.00 ? 6 THR A O    4  
ATOM 367  C CB   . THR A 1 6 ? 2.069  0.840  -3.708 1.00 0.00 ? 6 THR A CB   4  
ATOM 368  O OG1  . THR A 1 6 ? 3.488  0.808  -3.503 1.00 0.00 ? 6 THR A OG1  4  
ATOM 369  C CG2  . THR A 1 6 ? 1.876  1.523  -5.049 1.00 0.00 ? 6 THR A CG2  4  
ATOM 370  H H    . THR A 1 6 ? 1.471  0.230  -0.983 1.00 0.00 ? 6 THR A H    4  
ATOM 371  H HA   . THR A 1 6 ? 1.692  2.705  -2.680 1.00 0.00 ? 6 THR A HA   4  
ATOM 372  H HB   . THR A 1 6 ? 1.652  -0.180 -3.733 1.00 0.00 ? 6 THR A HB   4  
ATOM 373  H HG1  . THR A 1 6 ? 3.874  0.297  -4.215 1.00 0.00 ? 6 THR A HG1  4  
ATOM 374  H HG21 . THR A 1 6 ? 2.301  0.914  -5.832 1.00 0.00 ? 6 THR A HG21 4  
ATOM 375  H HG22 . THR A 1 6 ? 2.374  2.505  -5.037 1.00 0.00 ? 6 THR A HG22 4  
ATOM 376  H HG23 . THR A 1 6 ? 0.818  1.686  -5.256 1.00 0.00 ? 6 THR A HG23 4  
ATOM 377  N N    . ASP A 1 7 ? -0.869 2.696  -2.756 1.00 0.00 ? 7 ASP A N    4  
ATOM 378  C CA   . ASP A 1 7 ? -2.325 2.728  -2.932 1.00 0.00 ? 7 ASP A CA   4  
ATOM 379  C C    . ASP A 1 7 ? -3.013 1.790  -1.925 1.00 0.00 ? 7 ASP A C    4  
ATOM 380  O O    . ASP A 1 7 ? -4.039 1.183  -2.231 1.00 0.00 ? 7 ASP A O    4  
ATOM 381  C CB   . ASP A 1 7 ? -2.732 2.395  -4.381 1.00 0.00 ? 7 ASP A CB   4  
ATOM 382  C CG   . ASP A 1 7 ? -4.186 2.820  -4.678 1.00 0.00 ? 7 ASP A CG   4  
ATOM 383  O OD1  . ASP A 1 7 ? -4.830 2.135  -5.500 1.00 0.00 ? 7 ASP A OD1  4  
ATOM 384  O OD2  . ASP A 1 7 ? -4.656 3.831  -4.097 1.00 0.00 ? 7 ASP A OD2  4  
ATOM 385  H H    . ASP A 1 7 ? -0.385 3.603  -2.584 1.00 0.00 ? 7 ASP A H    4  
ATOM 386  H HA   . ASP A 1 7 ? -2.667 3.729  -2.711 1.00 0.00 ? 7 ASP A HA   4  
ATOM 387  H HB2  . ASP A 1 7 ? -2.040 2.892  -5.074 1.00 0.00 ? 7 ASP A HB2  4  
ATOM 388  H HB3  . ASP A 1 7 ? -2.666 1.321  -4.528 1.00 0.00 ? 7 ASP A HB3  4  
ATOM 389  N N    . GLY A 1 1 ? -1.297 0.684  -1.724 1.00 0.00 ? 1 GLY A N    5  
ATOM 390  C CA   . GLY A 1 1 ? -1.676 -0.705 -1.446 1.00 0.00 ? 1 GLY A CA   5  
ATOM 391  C C    . GLY A 1 1 ? -1.776 -0.821 0.043  1.00 0.00 ? 1 GLY A C    5  
ATOM 392  O O    . GLY A 1 1 ? -1.155 -0.038 0.738  1.00 0.00 ? 1 GLY A O    5  
ATOM 393  H H1   . GLY A 1 1 ? -1.232 1.322  -0.973 1.00 0.00 ? 1 GLY A H1   5  
ATOM 394  H HA2  . GLY A 1 1 ? -2.648 -0.925 -1.909 1.00 0.00 ? 1 GLY A HA2  5  
ATOM 395  H HA3  . GLY A 1 1 ? -0.893 -1.381 -1.807 1.00 0.00 ? 1 GLY A HA3  5  
ATOM 396  N N    . LEU A 1 2 ? -2.542 -1.776 0.535  1.00 0.00 ? 2 LEU A N    5  
ATOM 397  C CA   . LEU A 1 2 ? -2.728 -1.987 1.978  1.00 0.00 ? 2 LEU A CA   5  
ATOM 398  C C    . LEU A 1 2 ? -1.401 -2.341 2.626  1.00 0.00 ? 2 LEU A C    5  
ATOM 399  O O    . LEU A 1 2 ? -1.069 -1.827 3.702  1.00 0.00 ? 2 LEU A O    5  
ATOM 400  C CB   . LEU A 1 2 ? -3.725 -3.124 2.218  1.00 0.00 ? 2 LEU A CB   5  
ATOM 401  C CG   . LEU A 1 2 ? -4.102 -3.485 3.672  1.00 0.00 ? 2 LEU A CG   5  
ATOM 402  C CD1  . LEU A 1 2 ? -4.875 -2.367 4.347  1.00 0.00 ? 2 LEU A CD1  5  
ATOM 403  C CD2  . LEU A 1 2 ? -4.918 -4.768 3.691  1.00 0.00 ? 2 LEU A CD2  5  
ATOM 404  H H    . LEU A 1 2 ? -3.053 -2.380 -0.095 1.00 0.00 ? 2 LEU A H    5  
ATOM 405  H HA   . LEU A 1 2 ? -3.110 -1.060 2.432  1.00 0.00 ? 2 LEU A HA   5  
ATOM 406  H HB2  . LEU A 1 2 ? -4.649 -2.925 1.667  1.00 0.00 ? 2 LEU A HB2  5  
ATOM 407  H HB3  . LEU A 1 2 ? -3.297 -4.015 1.768  1.00 0.00 ? 2 LEU A HB3  5  
ATOM 408  H HG   . LEU A 1 2 ? -3.181 -3.657 4.230  1.00 0.00 ? 2 LEU A HG   5  
ATOM 409  H HD11 . LEU A 1 2 ? -5.782 -2.116 3.784  1.00 0.00 ? 2 LEU A HD11 5  
ATOM 410  H HD12 . LEU A 1 2 ? -4.222 -1.486 4.420  1.00 0.00 ? 2 LEU A HD12 5  
ATOM 411  H HD13 . LEU A 1 2 ? -5.125 -2.669 5.368  1.00 0.00 ? 2 LEU A HD13 5  
ATOM 412  H HD21 . LEU A 1 2 ? -4.297 -5.586 3.336  1.00 0.00 ? 2 LEU A HD21 5  
ATOM 413  H HD22 . LEU A 1 2 ? -5.805 -4.680 3.051  1.00 0.00 ? 2 LEU A HD22 5  
ATOM 414  H HD23 . LEU A 1 2 ? -5.210 -4.990 4.707  1.00 0.00 ? 2 LEU A HD23 5  
ATOM 415  N N    . LEU A 1 3 ? -0.649 -3.219 1.978  1.00 0.00 ? 3 LEU A N    5  
ATOM 416  C CA   . LEU A 1 3 ? 0.696  -3.614 2.437  1.00 0.00 ? 3 LEU A CA   5  
ATOM 417  C C    . LEU A 1 3 ? 1.709  -3.105 1.410  1.00 0.00 ? 3 LEU A C    5  
ATOM 418  O O    . LEU A 1 3 ? 2.911  -3.341 1.535  1.00 0.00 ? 3 LEU A O    5  
ATOM 419  C CB   . LEU A 1 3 ? 0.761  -5.140 2.590  1.00 0.00 ? 3 LEU A CB   5  
ATOM 420  C CG   . LEU A 1 3 ? -0.178 -5.760 3.650  1.00 0.00 ? 3 LEU A CG   5  
ATOM 421  C CD1  . LEU A 1 3 ? -0.005 -7.294 3.651  1.00 0.00 ? 3 LEU A CD1  5  
ATOM 422  C CD2  . LEU A 1 3 ? 0.062  -5.231 5.046  1.00 0.00 ? 3 LEU A CD2  5  
ATOM 423  H H    . LEU A 1 3 ? -1.004 -3.644 1.149  1.00 0.00 ? 3 LEU A H    5  
ATOM 424  H HA   . LEU A 1 3 ? 0.918  -3.150 3.398  1.00 0.00 ? 3 LEU A HA   5  
ATOM 425  H HB2  . LEU A 1 3 ? 0.577  -5.605 1.627  1.00 0.00 ? 3 LEU A HB2  5  
ATOM 426  H HB3  . LEU A 1 3 ? 1.781  -5.397 2.879  1.00 0.00 ? 3 LEU A HB3  5  
ATOM 427  H HG   . LEU A 1 3 ? -1.221 -5.556 3.370  1.00 0.00 ? 3 LEU A HG   5  
ATOM 428  H HD11 . LEU A 1 3 ? -0.768 -7.721 4.297  1.00 0.00 ? 3 LEU A HD11 5  
ATOM 429  H HD12 . LEU A 1 3 ? 0.981  -7.563 4.020  1.00 0.00 ? 3 LEU A HD12 5  
ATOM 430  H HD13 . LEU A 1 3 ? -0.118 -7.667 2.635  1.00 0.00 ? 3 LEU A HD13 5  
ATOM 431  H HD21 . LEU A 1 3 ? 1.132  -5.218 5.288  1.00 0.00 ? 3 LEU A HD21 5  
ATOM 432  H HD22 . LEU A 1 3 ? -0.461 -5.867 5.773  1.00 0.00 ? 3 LEU A HD22 5  
ATOM 433  H HD23 . LEU A 1 3 ? -0.330 -4.200 5.120  1.00 0.00 ? 3 LEU A HD23 5  
ATOM 434  N N    . GLY A 1 4 ? 1.205  -2.388 0.412  1.00 0.00 ? 4 GLY A N    5  
ATOM 435  C CA   . GLY A 1 4 ? 2.047  -1.820 -0.641 1.00 0.00 ? 4 GLY A CA   5  
ATOM 436  C C    . GLY A 1 4 ? 2.513  -0.429 -0.252 1.00 0.00 ? 4 GLY A C    5  
ATOM 437  O O    . GLY A 1 4 ? 3.362  0.115  -0.910 1.00 0.00 ? 4 GLY A O    5  
ATOM 438  H H    . GLY A 1 4 ? 0.244  -2.218 0.387  1.00 0.00 ? 4 GLY A H    5  
ATOM 439  H HA2  . GLY A 1 4 ? 2.905  -2.474 -0.793 1.00 0.00 ? 4 GLY A HA2  5  
ATOM 440  H HA3  . GLY A 1 4 ? 1.505  -1.755 -1.588 1.00 0.00 ? 4 GLY A HA3  5  
ATOM 441  N N    . ILE A 1 5 ? 1.964  0.133  0.836  1.00 0.00 ? 5 ILE A N    5  
ATOM 442  C CA   . ILE A 1 5 ? 2.365  1.437  1.398  1.00 0.00 ? 5 ILE A CA   5  
ATOM 443  C C    . ILE A 1 5 ? 1.930  2.577  0.456  1.00 0.00 ? 5 ILE A C    5  
ATOM 444  O O    . ILE A 1 5 ? 2.477  2.749  -0.609 1.00 0.00 ? 5 ILE A O    5  
ATOM 445  C CB   . ILE A 1 5 ? 3.887  1.476  1.795  1.00 0.00 ? 5 ILE A CB   5  
ATOM 446  C CG1  . ILE A 1 5 ? 4.188  0.354  2.828  1.00 0.00 ? 5 ILE A CG1  5  
ATOM 447  C CG2  . ILE A 1 5 ? 4.240  2.866  2.420  1.00 0.00 ? 5 ILE A CG2  5  
ATOM 448  C CD1  . ILE A 1 5 ? 5.728  0.148  3.080  1.00 0.00 ? 5 ILE A CD1  5  
ATOM 449  H H    . ILE A 1 5 ? 1.236  -0.352 1.312  1.00 0.00 ? 5 ILE A H    5  
ATOM 450  H HA   . ILE A 1 5 ? 1.803  1.560  2.328  1.00 0.00 ? 5 ILE A HA   5  
ATOM 451  H HB   . ILE A 1 5 ? 4.511  1.340  0.907  1.00 0.00 ? 5 ILE A HB   5  
ATOM 452  H HG12 . ILE A 1 5 ? 3.695  0.612  3.776  1.00 0.00 ? 5 ILE A HG12 5  
ATOM 453  H HG13 . ILE A 1 5 ? 3.771  -0.582 2.456  1.00 0.00 ? 5 ILE A HG13 5  
ATOM 454  H HG21 . ILE A 1 5 ? 5.270  2.833  2.750  1.00 0.00 ? 5 ILE A HG21 5  
ATOM 455  H HG22 . ILE A 1 5 ? 3.590  3.061  3.279  1.00 0.00 ? 5 ILE A HG22 5  
ATOM 456  H HG23 . ILE A 1 5 ? 4.127  3.647  1.666  1.00 0.00 ? 5 ILE A HG23 5  
ATOM 457  H HD11 . ILE A 1 5 ? 6.177  1.028  3.520  1.00 0.00 ? 5 ILE A HD11 5  
ATOM 458  H HD12 . ILE A 1 5 ? 6.213  -0.086 2.123  1.00 0.00 ? 5 ILE A HD12 5  
ATOM 459  H HD13 . ILE A 1 5 ? 5.864  -0.685 3.760  1.00 0.00 ? 5 ILE A HD13 5  
ATOM 460  N N    . THR A 1 6 ? 0.926  3.364  0.881  1.00 0.00 ? 6 THR A N    5  
ATOM 461  C CA   . THR A 1 6 ? 0.356  4.478  0.121  1.00 0.00 ? 6 THR A CA   5  
ATOM 462  C C    . THR A 1 6 ? -0.317 4.168  -1.247 1.00 0.00 ? 6 THR A C    5  
ATOM 463  O O    . THR A 1 6 ? -1.065 4.984  -1.720 1.00 0.00 ? 6 THR A O    5  
ATOM 464  C CB   . THR A 1 6 ? 1.313  5.691  -0.014 1.00 0.00 ? 6 THR A CB   5  
ATOM 465  O OG1  . THR A 1 6 ? 2.383  5.404  -0.947 1.00 0.00 ? 6 THR A OG1  5  
ATOM 466  C CG2  . THR A 1 6 ? 1.942  6.063  1.322  1.00 0.00 ? 6 THR A CG2  5  
ATOM 467  H H    . THR A 1 6 ? 0.526  3.186  1.786  1.00 0.00 ? 6 THR A H    5  
ATOM 468  H HA   . THR A 1 6 ? -0.464 4.839  0.756  1.00 0.00 ? 6 THR A HA   5  
ATOM 469  H HB   . THR A 1 6 ? 0.723  6.524  -0.363 1.00 0.00 ? 6 THR A HB   5  
ATOM 470  H HG1  . THR A 1 6 ? 2.490  4.428  -0.967 1.00 0.00 ? 6 THR A HG1  5  
ATOM 471  H HG21 . THR A 1 6 ? 2.462  6.999  1.225  1.00 0.00 ? 6 THR A HG21 5  
ATOM 472  H HG22 . THR A 1 6 ? 2.656  5.302  1.617  1.00 0.00 ? 6 THR A HG22 5  
ATOM 473  H HG23 . THR A 1 6 ? 1.167  6.162  2.098  1.00 0.00 ? 6 THR A HG23 5  
ATOM 474  N N    . ASP A 1 7 ? -0.068 3.027  -1.824 1.00 0.00 ? 7 ASP A N    5  
ATOM 475  C CA   . ASP A 1 7 ? -0.700 2.569  -3.063 1.00 0.00 ? 7 ASP A CA   5  
ATOM 476  C C    . ASP A 1 7 ? -1.078 1.089  -2.960 1.00 0.00 ? 7 ASP A C    5  
ATOM 477  O O    . ASP A 1 7 ? -1.151 0.311  -3.948 1.00 0.00 ? 7 ASP A O    5  
ATOM 478  C CB   . ASP A 1 7 ? 0.241  2.816  -4.223 1.00 0.00 ? 7 ASP A CB   5  
ATOM 479  C CG   . ASP A 1 7 ? -0.485 3.091  -5.525 1.00 0.00 ? 7 ASP A CG   5  
ATOM 480  O OD1  . ASP A 1 7 ? 0.163  3.521  -6.468 1.00 0.00 ? 7 ASP A OD1  5  
ATOM 481  O OD2  . ASP A 1 7 ? -1.728 2.871  -5.591 1.00 0.00 ? 7 ASP A OD2  5  
ATOM 482  H H    . ASP A 1 7 ? 0.634  2.434  -1.409 1.00 0.00 ? 7 ASP A H    5  
ATOM 483  H HA   . ASP A 1 7 ? -1.610 3.117  -3.218 1.00 0.00 ? 7 ASP A HA   5  
ATOM 484  H HB2  . ASP A 1 7 ? 0.846  3.685  -4.014 1.00 0.00 ? 7 ASP A HB2  5  
ATOM 485  H HB3  . ASP A 1 7 ? 0.902  1.949  -4.304 1.00 0.00 ? 7 ASP A HB3  5  
ATOM 486  N N    . GLY A 1 1 ? -1.795 1.153  -0.432 1.00 0.00 ? 1 GLY A N    6  
ATOM 487  C CA   . GLY A 1 1 ? -2.534 0.033  -1.006 1.00 0.00 ? 1 GLY A CA   6  
ATOM 488  C C    . GLY A 1 1 ? -1.754 -1.231 -0.827 1.00 0.00 ? 1 GLY A C    6  
ATOM 489  O O    . GLY A 1 1 ? -0.531 -1.181 -0.598 1.00 0.00 ? 1 GLY A O    6  
ATOM 490  H H1   . GLY A 1 1 ? -0.769 1.171  -0.549 1.00 0.00 ? 1 GLY A H1   6  
ATOM 491  H HA2  . GLY A 1 1 ? -3.506 -0.102 -0.496 1.00 0.00 ? 1 GLY A HA2  6  
ATOM 492  H HA3  . GLY A 1 1 ? -2.720 0.218  -2.054 1.00 0.00 ? 1 GLY A HA3  6  
ATOM 493  N N    . LEU A 1 2 ? -2.434 -2.372 -0.901 1.00 0.00 ? 2 LEU A N    6  
ATOM 494  C CA   . LEU A 1 2 ? -1.797 -3.684 -0.691 1.00 0.00 ? 2 LEU A CA   6  
ATOM 495  C C    . LEU A 1 2 ? -1.080 -3.754 0.687  1.00 0.00 ? 2 LEU A C    6  
ATOM 496  O O    . LEU A 1 2 ? -1.727 -3.656 1.715  1.00 0.00 ? 2 LEU A O    6  
ATOM 497  C CB   . LEU A 1 2 ? -0.805 -3.986 -1.830 1.00 0.00 ? 2 LEU A CB   6  
ATOM 498  C CG   . LEU A 1 2 ? -1.375 -3.943 -3.252 1.00 0.00 ? 2 LEU A CG   6  
ATOM 499  C CD1  . LEU A 1 2 ? -0.237 -4.044 -4.274 1.00 0.00 ? 2 LEU A CD1  6  
ATOM 500  C CD2  . LEU A 1 2 ? -2.361 -5.122 -3.426 1.00 0.00 ? 2 LEU A CD2  6  
ATOM 501  H H    . LEU A 1 2 ? -3.470 -2.334 -1.094 1.00 0.00 ? 2 LEU A H    6  
ATOM 502  H HA   . LEU A 1 2 ? -2.564 -4.450 -0.708 1.00 0.00 ? 2 LEU A HA   6  
ATOM 503  H HB2  . LEU A 1 2 ? 0.056  -3.299 -1.799 1.00 0.00 ? 2 LEU A HB2  6  
ATOM 504  H HB3  . LEU A 1 2 ? -0.403 -4.975 -1.671 1.00 0.00 ? 2 LEU A HB3  6  
ATOM 505  H HG   . LEU A 1 2 ? -1.899 -3.000 -3.405 1.00 0.00 ? 2 LEU A HG   6  
ATOM 506  H HD11 . LEU A 1 2 ? 0.501  -3.253 -4.094 1.00 0.00 ? 2 LEU A HD11 6  
ATOM 507  H HD12 . LEU A 1 2 ? -0.651 -3.919 -5.269 1.00 0.00 ? 2 LEU A HD12 6  
ATOM 508  H HD13 . LEU A 1 2 ? 0.237  -5.025 -4.213 1.00 0.00 ? 2 LEU A HD13 6  
ATOM 509  H HD21 . LEU A 1 2 ? -3.255 -4.956 -2.838 1.00 0.00 ? 2 LEU A HD21 6  
ATOM 510  H HD22 . LEU A 1 2 ? -1.896 -6.063 -3.134 1.00 0.00 ? 2 LEU A HD22 6  
ATOM 511  H HD23 . LEU A 1 2 ? -2.677 -5.186 -4.462 1.00 0.00 ? 2 LEU A HD23 6  
ATOM 512  N N    . LEU A 1 3 ? 0.232  -3.888 0.676  1.00 0.00 ? 3 LEU A N    6  
ATOM 513  C CA   . LEU A 1 3 ? 1.015  -3.978 1.933  1.00 0.00 ? 3 LEU A CA   6  
ATOM 514  C C    . LEU A 1 3 ? 1.057  -2.615 2.663  1.00 0.00 ? 3 LEU A C    6  
ATOM 515  O O    . LEU A 1 3 ? 1.393  -2.567 3.849  1.00 0.00 ? 3 LEU A O    6  
ATOM 516  C CB   . LEU A 1 3 ? 2.444  -4.427 1.559  1.00 0.00 ? 3 LEU A CB   6  
ATOM 517  C CG   . LEU A 1 3 ? 3.225  -5.385 2.506  1.00 0.00 ? 3 LEU A CG   6  
ATOM 518  C CD1  . LEU A 1 3 ? 4.469  -5.939 1.807  1.00 0.00 ? 3 LEU A CD1  6  
ATOM 519  C CD2  . LEU A 1 3 ? 3.653  -4.648 3.790  1.00 0.00 ? 3 LEU A CD2  6  
ATOM 520  H H    . LEU A 1 3 ? 0.710  -3.927 -0.183 1.00 0.00 ? 3 LEU A H    6  
ATOM 521  H HA   . LEU A 1 3 ? 0.548  -4.719 2.584  1.00 0.00 ? 3 LEU A HA   6  
ATOM 522  H HB2  . LEU A 1 3 ? 2.391  -4.919 0.579  1.00 0.00 ? 3 LEU A HB2  6  
ATOM 523  H HB3  . LEU A 1 3 ? 3.069  -3.538 1.434  1.00 0.00 ? 3 LEU A HB3  6  
ATOM 524  H HG   . LEU A 1 3 ? 2.544  -6.195 2.771  1.00 0.00 ? 3 LEU A HG   6  
ATOM 525  H HD11 . LEU A 1 3 ? 5.215  -5.162 1.709  1.00 0.00 ? 3 LEU A HD11 6  
ATOM 526  H HD12 . LEU A 1 3 ? 4.233  -6.309 0.823  1.00 0.00 ? 3 LEU A HD12 6  
ATOM 527  H HD13 . LEU A 1 3 ? 4.865  -6.767 2.386  1.00 0.00 ? 3 LEU A HD13 6  
ATOM 528  H HD21 . LEU A 1 3 ? 4.354  -5.230 4.344  1.00 0.00 ? 3 LEU A HD21 6  
ATOM 529  H HD22 . LEU A 1 3 ? 2.773  -4.450 4.423  1.00 0.00 ? 3 LEU A HD22 6  
ATOM 530  H HD23 . LEU A 1 3 ? 4.091  -3.684 3.520  1.00 0.00 ? 3 LEU A HD23 6  
ATOM 531  N N    . GLY A 1 4 ? 0.730  -1.500 1.969  1.00 0.00 ? 4 GLY A N    6  
ATOM 532  C CA   . GLY A 1 4 ? 0.881  -0.171 2.568  1.00 0.00 ? 4 GLY A CA   6  
ATOM 533  C C    . GLY A 1 4 ? 1.677  0.747  1.652  1.00 0.00 ? 4 GLY A C    6  
ATOM 534  O O    . GLY A 1 4 ? 1.788  1.944  1.893  1.00 0.00 ? 4 GLY A O    6  
ATOM 535  H H    . GLY A 1 4 ? 0.361  -1.557 1.015  1.00 0.00 ? 4 GLY A H    6  
ATOM 536  H HA2  . GLY A 1 4 ? -0.102 0.260  2.763  1.00 0.00 ? 4 GLY A HA2  6  
ATOM 537  H HA3  . GLY A 1 4 ? 1.406  -0.245 3.494  1.00 0.00 ? 4 GLY A HA3  6  
ATOM 538  N N    . ILE A 1 5 ? 2.202  0.220  0.579  1.00 0.00 ? 5 ILE A N    6  
ATOM 539  C CA   . ILE A 1 5 ? 2.899  1.000  -0.405 1.00 0.00 ? 5 ILE A CA   6  
ATOM 540  C C    . ILE A 1 5 ? 1.897  1.869  -1.166 1.00 0.00 ? 5 ILE A C    6  
ATOM 541  O O    . ILE A 1 5 ? 0.954  1.354  -1.715 1.00 0.00 ? 5 ILE A O    6  
ATOM 542  C CB   . ILE A 1 5 ? 3.675  0.101  -1.413 1.00 0.00 ? 5 ILE A CB   6  
ATOM 543  C CG1  . ILE A 1 5 ? 4.729  -0.733 -0.610 1.00 0.00 ? 5 ILE A CG1  6  
ATOM 544  C CG2  . ILE A 1 5 ? 4.368  0.990  -2.531 1.00 0.00 ? 5 ILE A CG2  6  
ATOM 545  C CD1  . ILE A 1 5 ? 5.456  -1.828 -1.396 1.00 0.00 ? 5 ILE A CD1  6  
ATOM 546  H H    . ILE A 1 5 ? 2.112  -0.783 0.432  1.00 0.00 ? 5 ILE A H    6  
ATOM 547  H HA   . ILE A 1 5 ? 3.604  1.652  0.116  1.00 0.00 ? 5 ILE A HA   6  
ATOM 548  H HB   . ILE A 1 5 ? 2.976  -0.581 -1.893 1.00 0.00 ? 5 ILE A HB   6  
ATOM 549  H HG12 . ILE A 1 5 ? 5.444  -0.057 -0.165 1.00 0.00 ? 5 ILE A HG12 6  
ATOM 550  H HG13 . ILE A 1 5 ? 4.238  -1.247 0.228  1.00 0.00 ? 5 ILE A HG13 6  
ATOM 551  H HG21 . ILE A 1 5 ? 5.072  0.401  -3.107 1.00 0.00 ? 5 ILE A HG21 6  
ATOM 552  H HG22 . ILE A 1 5 ? 4.877  1.815  -2.029 1.00 0.00 ? 5 ILE A HG22 6  
ATOM 553  H HG23 . ILE A 1 5 ? 3.604  1.419  -3.212 1.00 0.00 ? 5 ILE A HG23 6  
ATOM 554  H HD11 . ILE A 1 5 ? 6.206  -2.292 -0.763 1.00 0.00 ? 5 ILE A HD11 6  
ATOM 555  H HD12 . ILE A 1 5 ? 5.949  -1.393 -2.246 1.00 0.00 ? 5 ILE A HD12 6  
ATOM 556  H HD13 . ILE A 1 5 ? 4.740  -2.592 -1.734 1.00 0.00 ? 5 ILE A HD13 6  
ATOM 557  N N    . THR A 1 6 ? 2.082  3.175  -1.112 1.00 0.00 ? 6 THR A N    6  
ATOM 558  C CA   . THR A 1 6 ? 1.175  4.134  -1.770 1.00 0.00 ? 6 THR A CA   6  
ATOM 559  C C    . THR A 1 6 ? -0.244 3.899  -1.259 1.00 0.00 ? 6 THR A C    6  
ATOM 560  O O    . THR A 1 6 ? -1.218 4.064  -2.002 1.00 0.00 ? 6 THR A O    6  
ATOM 561  C CB   . THR A 1 6 ? 1.298  4.075  -3.331 1.00 0.00 ? 6 THR A CB   6  
ATOM 562  O OG1  . THR A 1 6 ? 2.673  3.895  -3.675 1.00 0.00 ? 6 THR A OG1  6  
ATOM 563  C CG2  . THR A 1 6 ? 0.833  5.380  -3.987 1.00 0.00 ? 6 THR A CG2  6  
ATOM 564  H H    . THR A 1 6 ? 2.866  3.539  -0.589 1.00 0.00 ? 6 THR A H    6  
ATOM 565  H HA   . THR A 1 6 ? 1.465  5.134  -1.457 1.00 0.00 ? 6 THR A HA   6  
ATOM 566  H HB   . THR A 1 6 ? 0.724  3.251  -3.733 1.00 0.00 ? 6 THR A HB   6  
ATOM 567  H HG1  . THR A 1 6 ? 2.707  3.704  -4.641 1.00 0.00 ? 6 THR A HG1  6  
ATOM 568  H HG21 . THR A 1 6 ? 0.567  5.223  -5.034 1.00 0.00 ? 6 THR A HG21 6  
ATOM 569  H HG22 . THR A 1 6 ? 1.631  6.124  -3.930 1.00 0.00 ? 6 THR A HG22 6  
ATOM 570  H HG23 . THR A 1 6 ? -0.025 5.777  -3.466 1.00 0.00 ? 6 THR A HG23 6  
ATOM 571  N N    . ASP A 1 7 ? -0.309 3.511  0.022  1.00 0.00 ? 7 ASP A N    6  
ATOM 572  C CA   . ASP A 1 7 ? -1.561 3.276  0.759  1.00 0.00 ? 7 ASP A CA   6  
ATOM 573  C C    . ASP A 1 7 ? -2.426 2.148  0.199  1.00 0.00 ? 7 ASP A C    6  
ATOM 574  O O    . ASP A 1 7 ? -3.653 2.153  0.346  1.00 0.00 ? 7 ASP A O    6  
ATOM 575  C CB   . ASP A 1 7 ? -2.327 4.611  0.911  1.00 0.00 ? 7 ASP A CB   6  
ATOM 576  C CG   . ASP A 1 7 ? -3.071 4.713  2.242  1.00 0.00 ? 7 ASP A CG   6  
ATOM 577  O OD1  . ASP A 1 7 ? -3.790 5.717  2.453  1.00 0.00 ? 7 ASP A OD1  6  
ATOM 578  O OD2  . ASP A 1 7 ? -2.910 3.805  3.075  1.00 0.00 ? 7 ASP A OD2  6  
ATOM 579  H H    . ASP A 1 7 ? 0.511  3.370  0.530  1.00 0.00 ? 7 ASP A H    6  
ATOM 580  H HA   . ASP A 1 7 ? -1.254 2.963  1.767  1.00 0.00 ? 7 ASP A HA   6  
ATOM 581  H HB2  . ASP A 1 7 ? -1.603 5.440  0.842  1.00 0.00 ? 7 ASP A HB2  6  
ATOM 582  H HB3  . ASP A 1 7 ? -3.057 4.717  0.103  1.00 0.00 ? 7 ASP A HB3  6  
ATOM 583  N N    . GLY A 1 1 ? -2.881 1.343  -1.125 1.00 0.00 ? 1 GLY A N    7  
ATOM 584  C CA   . GLY A 1 1 ? -3.493 0.495  -0.117 1.00 0.00 ? 1 GLY A CA   7  
ATOM 585  C C    . GLY A 1 1 ? -2.957 -0.912 -0.177 1.00 0.00 ? 1 GLY A C    7  
ATOM 586  O O    . GLY A 1 1 ? -3.324 -1.744 0.617  1.00 0.00 ? 1 GLY A O    7  
ATOM 587  H H1   . GLY A 1 1 ? -2.066 1.925  -0.883 1.00 0.00 ? 1 GLY A H1   7  
ATOM 588  H HA2  . GLY A 1 1 ? -3.252 0.879  0.849  1.00 0.00 ? 1 GLY A HA2  7  
ATOM 589  H HA3  . GLY A 1 1 ? -4.578 0.464  -0.259 1.00 0.00 ? 1 GLY A HA3  7  
ATOM 590  N N    . LEU A 1 2 ? -2.051 -1.157 -1.093 1.00 0.00 ? 2 LEU A N    7  
ATOM 591  C CA   . LEU A 1 2 ? -1.436 -2.454 -1.231 1.00 0.00 ? 2 LEU A CA   7  
ATOM 592  C C    . LEU A 1 2 ? -0.200 -2.430 -0.300 1.00 0.00 ? 2 LEU A C    7  
ATOM 593  O O    . LEU A 1 2 ? 0.524  -1.398 -0.209 1.00 0.00 ? 2 LEU A O    7  
ATOM 594  C CB   . LEU A 1 2 ? -0.969 -2.738 -2.650 1.00 0.00 ? 2 LEU A CB   7  
ATOM 595  C CG   . LEU A 1 2 ? -2.091 -2.859 -3.690 1.00 0.00 ? 2 LEU A CG   7  
ATOM 596  C CD1  . LEU A 1 2 ? -1.474 -2.962 -5.082 1.00 0.00 ? 2 LEU A CD1  7  
ATOM 597  C CD2  . LEU A 1 2 ? -2.993 -4.078 -3.434 1.00 0.00 ? 2 LEU A CD2  7  
ATOM 598  H H    . LEU A 1 2 ? -1.816 -0.433 -1.751 1.00 0.00 ? 2 LEU A H    7  
ATOM 599  H HA   . LEU A 1 2 ? -2.113 -3.216 -0.895 1.00 0.00 ? 2 LEU A HA   7  
ATOM 600  H HB2  . LEU A 1 2 ? -0.295 -1.943 -2.971 1.00 0.00 ? 2 LEU A HB2  7  
ATOM 601  H HB3  . LEU A 1 2 ? -0.443 -3.689 -2.669 1.00 0.00 ? 2 LEU A HB3  7  
ATOM 602  H HG   . LEU A 1 2 ? -2.697 -1.960 -3.655 1.00 0.00 ? 2 LEU A HG   7  
ATOM 603  H HD11 . LEU A 1 2 ? -0.904 -3.910 -5.189 1.00 0.00 ? 2 LEU A HD11 7  
ATOM 604  H HD12 . LEU A 1 2 ? -0.798 -2.105 -5.250 1.00 0.00 ? 2 LEU A HD12 7  
ATOM 605  H HD13 . LEU A 1 2 ? -2.271 -2.926 -5.836 1.00 0.00 ? 2 LEU A HD13 7  
ATOM 606  H HD21 . LEU A 1 2 ? -2.381 -4.973 -3.288 1.00 0.00 ? 2 LEU A HD21 7  
ATOM 607  H HD22 . LEU A 1 2 ? -3.661 -4.217 -4.278 1.00 0.00 ? 2 LEU A HD22 7  
ATOM 608  H HD23 . LEU A 1 2 ? -3.619 -3.910 -2.553 1.00 0.00 ? 2 LEU A HD23 7  
ATOM 609  N N    . LEU A 1 3 ? 0.017  -3.574 0.391  1.00 0.00 ? 3 LEU A N    7  
ATOM 610  C CA   . LEU A 1 3 ? 1.112  -3.723 1.372  1.00 0.00 ? 3 LEU A CA   7  
ATOM 611  C C    . LEU A 1 3 ? 0.981  -2.599 2.410  1.00 0.00 ? 3 LEU A C    7  
ATOM 612  O O    . LEU A 1 3 ? -0.083 -2.383 2.952  1.00 0.00 ? 3 LEU A O    7  
ATOM 613  C CB   . LEU A 1 3 ? 2.506  -3.737 0.706  1.00 0.00 ? 3 LEU A CB   7  
ATOM 614  C CG   . LEU A 1 3 ? 2.740  -4.887 -0.282 1.00 0.00 ? 3 LEU A CG   7  
ATOM 615  C CD1  . LEU A 1 3 ? 3.990  -4.622 -1.074 1.00 0.00 ? 3 LEU A CD1  7  
ATOM 616  C CD2  . LEU A 1 3 ? 2.828  -6.228 0.473  1.00 0.00 ? 3 LEU A CD2  7  
ATOM 617  H H    . LEU A 1 3 ? -0.597 -4.354 0.277  1.00 0.00 ? 3 LEU A H    7  
ATOM 618  H HA   . LEU A 1 3 ? 0.985  -4.691 1.898  1.00 0.00 ? 3 LEU A HA   7  
ATOM 619  H HB2  . LEU A 1 3 ? 2.619  -2.810 0.174  1.00 0.00 ? 3 LEU A HB2  7  
ATOM 620  H HB3  . LEU A 1 3 ? 3.265  -3.771 1.470  1.00 0.00 ? 3 LEU A HB3  7  
ATOM 621  H HG   . LEU A 1 3 ? 1.906  -4.916 -0.989 1.00 0.00 ? 3 LEU A HG   7  
ATOM 622  H HD11 . LEU A 1 3 ? 4.860  -4.614 -0.407 1.00 0.00 ? 3 LEU A HD11 7  
ATOM 623  H HD12 . LEU A 1 3 ? 3.910  -3.655 -1.546 1.00 0.00 ? 3 LEU A HD12 7  
ATOM 624  H HD13 . LEU A 1 3 ? 4.108  -5.387 -1.837 1.00 0.00 ? 3 LEU A HD13 7  
ATOM 625  H HD21 . LEU A 1 3 ? 3.395  -6.100 1.388  1.00 0.00 ? 3 LEU A HD21 7  
ATOM 626  H HD22 . LEU A 1 3 ? 3.305  -6.985 -0.138 1.00 0.00 ? 3 LEU A HD22 7  
ATOM 627  H HD23 . LEU A 1 3 ? 1.828  -6.584 0.693  1.00 0.00 ? 3 LEU A HD23 7  
ATOM 628  N N    . GLY A 1 4 ? 2.051  -1.868 2.643  1.00 0.00 ? 4 GLY A N    7  
ATOM 629  C CA   . GLY A 1 4 ? 2.003  -0.709 3.502  1.00 0.00 ? 4 GLY A CA   7  
ATOM 630  C C    . GLY A 1 4 ? 2.786  0.372  2.784  1.00 0.00 ? 4 GLY A C    7  
ATOM 631  O O    . GLY A 1 4 ? 3.488  1.133  3.419  1.00 0.00 ? 4 GLY A O    7  
ATOM 632  H H    . GLY A 1 4 ? 2.927  -2.106 2.181  1.00 0.00 ? 4 GLY A H    7  
ATOM 633  H HA2  . GLY A 1 4 ? 0.987  -0.364 3.686  1.00 0.00 ? 4 GLY A HA2  7  
ATOM 634  H HA3  . GLY A 1 4 ? 2.468  -0.952 4.462  1.00 0.00 ? 4 GLY A HA3  7  
ATOM 635  N N    . ILE A 1 5 ? 2.661  0.381  1.447  1.00 0.00 ? 5 ILE A N    7  
ATOM 636  C CA   . ILE A 1 5 ? 3.451  1.275  0.596  1.00 0.00 ? 5 ILE A CA   7  
ATOM 637  C C    . ILE A 1 5 ? 2.661  2.199  -0.336 1.00 0.00 ? 5 ILE A C    7  
ATOM 638  O O    . ILE A 1 5 ? 2.876  3.403  -0.316 1.00 0.00 ? 5 ILE A O    7  
ATOM 639  C CB   . ILE A 1 5 ? 4.433  0.450  -0.312 1.00 0.00 ? 5 ILE A CB   7  
ATOM 640  C CG1  . ILE A 1 5 ? 5.300  -0.537 0.525  1.00 0.00 ? 5 ILE A CG1  7  
ATOM 641  C CG2  . ILE A 1 5 ? 5.397  1.435  -1.122 1.00 0.00 ? 5 ILE A CG2  7  
ATOM 642  C CD1  . ILE A 1 5 ? 6.154  -1.518 -0.247 1.00 0.00 ? 5 ILE A CD1  7  
ATOM 643  H H    . ILE A 1 5 ? 2.037  -0.288 0.978  1.00 0.00 ? 5 ILE A H    7  
ATOM 644  H HA   . ILE A 1 5 ? 4.063  1.897  1.232  1.00 0.00 ? 5 ILE A HA   7  
ATOM 645  H HB   . ILE A 1 5 ? 3.833  -0.138 -1.030 1.00 0.00 ? 5 ILE A HB   7  
ATOM 646  H HG12 . ILE A 1 5 ? 5.970  0.059  1.170  1.00 0.00 ? 5 ILE A HG12 7  
ATOM 647  H HG13 . ILE A 1 5 ? 4.643  -1.106 1.174  1.00 0.00 ? 5 ILE A HG13 7  
ATOM 648  H HG21 . ILE A 1 5 ? 4.791  2.156  -1.682 1.00 0.00 ? 5 ILE A HG21 7  
ATOM 649  H HG22 . ILE A 1 5 ? 6.018  0.889  -1.810 1.00 0.00 ? 5 ILE A HG22 7  
ATOM 650  H HG23 . ILE A 1 5 ? 6.043  2.001  -0.408 1.00 0.00 ? 5 ILE A HG23 7  
ATOM 651  H HD11 . ILE A 1 5 ? 6.640  -2.202 0.454  1.00 0.00 ? 5 ILE A HD11 7  
ATOM 652  H HD12 . ILE A 1 5 ? 6.908  -0.984 -0.826 1.00 0.00 ? 5 ILE A HD12 7  
ATOM 653  H HD13 . ILE A 1 5 ? 5.530  -2.088 -0.942 1.00 0.00 ? 5 ILE A HD13 7  
ATOM 654  N N    . THR A 1 6 ? 1.743  1.678  -1.129 1.00 0.00 ? 6 THR A N    7  
ATOM 655  C CA   . THR A 1 6 ? 1.002  2.551  -2.037 1.00 0.00 ? 6 THR A CA   7  
ATOM 656  C C    . THR A 1 6 ? -0.303 1.898  -2.503 1.00 0.00 ? 6 THR A C    7  
ATOM 657  O O    . THR A 1 6 ? -0.426 0.691  -2.536 1.00 0.00 ? 6 THR A O    7  
ATOM 658  C CB   . THR A 1 6 ? 1.903  2.983  -3.242 1.00 0.00 ? 6 THR A CB   7  
ATOM 659  O OG1  . THR A 1 6 ? 1.185  3.898  -4.085 1.00 0.00 ? 6 THR A OG1  7  
ATOM 660  C CG2  . THR A 1 6 ? 2.391  1.795  -4.081 1.00 0.00 ? 6 THR A CG2  7  
ATOM 661  H H    . THR A 1 6 ? 1.551  0.697  -1.156 1.00 0.00 ? 6 THR A H    7  
ATOM 662  H HA   . THR A 1 6 ? 0.728  3.449  -1.510 1.00 0.00 ? 6 THR A HA   7  
ATOM 663  H HB   . THR A 1 6 ? 2.790  3.482  -2.839 1.00 0.00 ? 6 THR A HB   7  
ATOM 664  H HG1  . THR A 1 6 ? 1.763  4.600  -4.383 1.00 0.00 ? 6 THR A HG1  7  
ATOM 665  H HG21 . THR A 1 6 ? 1.582  1.454  -4.752 1.00 0.00 ? 6 THR A HG21 7  
ATOM 666  H HG22 . THR A 1 6 ? 2.709  1.000  -3.430 1.00 0.00 ? 6 THR A HG22 7  
ATOM 667  H HG23 . THR A 1 6 ? 3.222  2.130  -4.681 1.00 0.00 ? 6 THR A HG23 7  
ATOM 668  N N    . ASP A 1 7 ? -1.291 2.744  -2.831 1.00 0.00 ? 7 ASP A N    7  
ATOM 669  C CA   . ASP A 1 7 ? -2.635 2.356  -3.313 1.00 0.00 ? 7 ASP A CA   7  
ATOM 670  C C    . ASP A 1 7 ? -3.366 1.403  -2.373 1.00 0.00 ? 7 ASP A C    7  
ATOM 671  O O    . ASP A 1 7 ? -4.314 0.728  -2.745 1.00 0.00 ? 7 ASP A O    7  
ATOM 672  C CB   . ASP A 1 7 ? -2.474 1.764  -4.736 1.00 0.00 ? 7 ASP A CB   7  
ATOM 673  C CG   . ASP A 1 7 ? -3.719 1.749  -5.516 1.00 0.00 ? 7 ASP A CG   7  
ATOM 674  O OD1  . ASP A 1 7 ? -4.680 2.508  -5.160 1.00 0.00 ? 7 ASP A OD1  7  
ATOM 675  O OD2  . ASP A 1 7 ? -3.760 0.989  -6.501 1.00 0.00 ? 7 ASP A OD2  7  
ATOM 676  H H    . ASP A 1 7 ? -1.118 3.765  -2.763 1.00 0.00 ? 7 ASP A H    7  
ATOM 677  H HA   . ASP A 1 7 ? -3.221 3.259  -3.371 1.00 0.00 ? 7 ASP A HA   7  
ATOM 678  H HB2  . ASP A 1 7 ? -1.756 2.363  -5.286 1.00 0.00 ? 7 ASP A HB2  7  
ATOM 679  H HB3  . ASP A 1 7 ? -2.101 0.743  -4.660 1.00 0.00 ? 7 ASP A HB3  7  
ATOM 680  N N    . GLY A 1 1 ? -2.071 1.292  -1.534 1.00 0.00 ? 1 GLY A N    8  
ATOM 681  C CA   . GLY A 1 1 ? -3.093 0.684  -0.697 1.00 0.00 ? 1 GLY A CA   8  
ATOM 682  C C    . GLY A 1 1 ? -2.946 -0.818 -0.572 1.00 0.00 ? 1 GLY A C    8  
ATOM 683  O O    . GLY A 1 1 ? -3.857 -1.505 -0.133 1.00 0.00 ? 1 GLY A O    8  
ATOM 684  H H1   . GLY A 1 1 ? -1.181 1.574  -1.118 1.00 0.00 ? 1 GLY A H1   8  
ATOM 685  H HA2  . GLY A 1 1 ? -3.021 1.133  0.281  1.00 0.00 ? 1 GLY A HA2  8  
ATOM 686  H HA3  . GLY A 1 1 ? -4.089 0.909  -1.120 1.00 0.00 ? 1 GLY A HA3  8  
ATOM 687  N N    . LEU A 1 2 ? -1.773 -1.322 -0.934 1.00 0.00 ? 2 LEU A N    8  
ATOM 688  C CA   . LEU A 1 2 ? -1.453 -2.744 -0.868 1.00 0.00 ? 2 LEU A CA   8  
ATOM 689  C C    . LEU A 1 2 ? -0.177 -2.866 -0.034 1.00 0.00 ? 2 LEU A C    8  
ATOM 690  O O    . LEU A 1 2 ? 0.772  -2.157 -0.306 1.00 0.00 ? 2 LEU A O    8  
ATOM 691  C CB   . LEU A 1 2 ? -1.235 -3.352 -2.267 1.00 0.00 ? 2 LEU A CB   8  
ATOM 692  C CG   . LEU A 1 2 ? -2.450 -3.647 -3.179 1.00 0.00 ? 2 LEU A CG   8  
ATOM 693  C CD1  . LEU A 1 2 ? -3.075 -2.420 -3.832 1.00 0.00 ? 2 LEU A CD1  8  
ATOM 694  C CD2  . LEU A 1 2 ? -1.982 -4.623 -4.279 1.00 0.00 ? 2 LEU A CD2  8  
ATOM 695  H H    . LEU A 1 2 ? -1.065 -0.703 -1.279 1.00 0.00 ? 2 LEU A H    8  
ATOM 696  H HA   . LEU A 1 2 ? -2.250 -3.291 -0.362 1.00 0.00 ? 2 LEU A HA   8  
ATOM 697  H HB2  . LEU A 1 2 ? -0.558 -2.707 -2.828 1.00 0.00 ? 2 LEU A HB2  8  
ATOM 698  H HB3  . LEU A 1 2 ? -0.713 -4.305 -2.130 1.00 0.00 ? 2 LEU A HB3  8  
ATOM 699  H HG   . LEU A 1 2 ? -3.220 -4.144 -2.573 1.00 0.00 ? 2 LEU A HG   8  
ATOM 700  H HD11 . LEU A 1 2 ? -3.956 -2.695 -4.404 1.00 0.00 ? 2 LEU A HD11 8  
ATOM 701  H HD12 . LEU A 1 2 ? -2.346 -1.945 -4.497 1.00 0.00 ? 2 LEU A HD12 8  
ATOM 702  H HD13 . LEU A 1 2 ? -3.372 -1.692 -3.065 1.00 0.00 ? 2 LEU A HD13 8  
ATOM 703  H HD21 . LEU A 1 2 ? -1.328 -4.096 -4.973 1.00 0.00 ? 2 LEU A HD21 8  
ATOM 704  H HD22 . LEU A 1 2 ? -2.842 -5.003 -4.821 1.00 0.00 ? 2 LEU A HD22 8  
ATOM 705  H HD23 . LEU A 1 2 ? -1.460 -5.472 -3.860 1.00 0.00 ? 2 LEU A HD23 8  
ATOM 706  N N    . LEU A 1 3 ? -0.167 -3.759 0.946  1.00 0.00 ? 3 LEU A N    8  
ATOM 707  C CA   . LEU A 1 3 ? 1.052  -4.081 1.755  1.00 0.00 ? 3 LEU A CA   8  
ATOM 708  C C    . LEU A 1 3 ? 1.851  -2.823 2.230  1.00 0.00 ? 3 LEU A C    8  
ATOM 709  O O    . LEU A 1 3 ? 3.092  -2.741 2.088  1.00 0.00 ? 3 LEU A O    8  
ATOM 710  C CB   . LEU A 1 3 ? 2.034  -5.001 0.959  1.00 0.00 ? 3 LEU A CB   8  
ATOM 711  C CG   . LEU A 1 3 ? 1.657  -6.477 0.738  1.00 0.00 ? 3 LEU A CG   8  
ATOM 712  C CD1  . LEU A 1 3 ? 1.542  -7.214 2.072  1.00 0.00 ? 3 LEU A CD1  8  
ATOM 713  C CD2  . LEU A 1 3 ? 0.369  -6.710 -0.102 1.00 0.00 ? 3 LEU A CD2  8  
ATOM 714  H H    . LEU A 1 3 ? -1.005 -4.268 1.132  1.00 0.00 ? 3 LEU A H    8  
ATOM 715  H HA   . LEU A 1 3 ? 0.743  -4.623 2.646  1.00 0.00 ? 3 LEU A HA   8  
ATOM 716  H HB2  . LEU A 1 3 ? 2.248  -4.562 -0.014 1.00 0.00 ? 3 LEU A HB2  8  
ATOM 717  H HB3  . LEU A 1 3 ? 2.981  -5.031 1.505  1.00 0.00 ? 3 LEU A HB3  8  
ATOM 718  H HG   . LEU A 1 3 ? 2.481  -6.923 0.170  1.00 0.00 ? 3 LEU A HG   8  
ATOM 719  H HD11 . LEU A 1 3 ? 1.424  -8.288 1.895  1.00 0.00 ? 3 LEU A HD11 8  
ATOM 720  H HD12 . LEU A 1 3 ? 0.678  -6.868 2.628  1.00 0.00 ? 3 LEU A HD12 8  
ATOM 721  H HD13 . LEU A 1 3 ? 2.444  -7.052 2.667  1.00 0.00 ? 3 LEU A HD13 8  
ATOM 722  H HD21 . LEU A 1 3 ? 0.277  -7.776 -0.324 1.00 0.00 ? 3 LEU A HD21 8  
ATOM 723  H HD22 . LEU A 1 3 ? 0.466  -6.173 -1.053 1.00 0.00 ? 3 LEU A HD22 8  
ATOM 724  H HD23 . LEU A 1 3 ? -0.511 -6.385 0.451  1.00 0.00 ? 3 LEU A HD23 8  
ATOM 725  N N    . GLY A 1 4 ? 1.137  -1.831 2.772  1.00 0.00 ? 4 GLY A N    8  
ATOM 726  C CA   . GLY A 1 4 ? 1.768  -0.631 3.327  1.00 0.00 ? 4 GLY A CA   8  
ATOM 727  C C    . GLY A 1 4 ? 2.257  0.380  2.305  1.00 0.00 ? 4 GLY A C    8  
ATOM 728  O O    . GLY A 1 4 ? 2.710  1.475  2.664  1.00 0.00 ? 4 GLY A O    8  
ATOM 729  H H    . GLY A 1 4 ? 0.145  -1.917 2.829  1.00 0.00 ? 4 GLY A H    8  
ATOM 730  H HA2  . GLY A 1 4 ? 1.022  -0.159 3.966  1.00 0.00 ? 4 GLY A HA2  8  
ATOM 731  H HA3  . GLY A 1 4 ? 2.591  -0.962 3.942  1.00 0.00 ? 4 GLY A HA3  8  
ATOM 732  N N    . ILE A 1 5 ? 2.188  0.044  0.998  1.00 0.00 ? 5 ILE A N    8  
ATOM 733  C CA   . ILE A 1 5 ? 2.638  0.987  -0.036 1.00 0.00 ? 5 ILE A CA   8  
ATOM 734  C C    . ILE A 1 5 ? 1.478  1.978  -0.190 1.00 0.00 ? 5 ILE A C    8  
ATOM 735  O O    . ILE A 1 5 ? 0.348  1.659  0.123  1.00 0.00 ? 5 ILE A O    8  
ATOM 736  C CB   . ILE A 1 5 ? 2.900  0.277  -1.390 1.00 0.00 ? 5 ILE A CB   8  
ATOM 737  C CG1  . ILE A 1 5 ? 3.967  -0.833 -1.204 1.00 0.00 ? 5 ILE A CG1  8  
ATOM 738  C CG2  . ILE A 1 5 ? 3.402  1.255  -2.500 1.00 0.00 ? 5 ILE A CG2  8  
ATOM 739  C CD1  . ILE A 1 5 ? 4.061  -1.832 -2.370 1.00 0.00 ? 5 ILE A CD1  8  
ATOM 740  H H    . ILE A 1 5 ? 1.793  -0.859 0.689  1.00 0.00 ? 5 ILE A H    8  
ATOM 741  H HA   . ILE A 1 5 ? 3.536  1.497  0.302  1.00 0.00 ? 5 ILE A HA   8  
ATOM 742  H HB   . ILE A 1 5 ? 1.960  -0.177 -1.712 1.00 0.00 ? 5 ILE A HB   8  
ATOM 743  H HG12 . ILE A 1 5 ? 4.946  -0.377 -1.045 1.00 0.00 ? 5 ILE A HG12 8  
ATOM 744  H HG13 . ILE A 1 5 ? 3.716  -1.392 -0.309 1.00 0.00 ? 5 ILE A HG13 8  
ATOM 745  H HG21 . ILE A 1 5 ? 3.638  0.680  -3.399 1.00 0.00 ? 5 ILE A HG21 8  
ATOM 746  H HG22 . ILE A 1 5 ? 4.289  1.784  -2.163 1.00 0.00 ? 5 ILE A HG22 8  
ATOM 747  H HG23 . ILE A 1 5 ? 2.626  1.937  -2.753 1.00 0.00 ? 5 ILE A HG23 8  
ATOM 748  H HD11 . ILE A 1 5 ? 4.599  -1.394 -3.212 1.00 0.00 ? 5 ILE A HD11 8  
ATOM 749  H HD12 . ILE A 1 5 ? 3.074  -2.149 -2.728 1.00 0.00 ? 5 ILE A HD12 8  
ATOM 750  H HD13 . ILE A 1 5 ? 4.595  -2.728 -2.054 1.00 0.00 ? 5 ILE A HD13 8  
ATOM 751  N N    . THR A 1 6 ? 1.741  3.197  -0.666 1.00 0.00 ? 6 THR A N    8  
ATOM 752  C CA   . THR A 1 6 ? 0.714  4.194  -0.869 1.00 0.00 ? 6 THR A CA   8  
ATOM 753  C C    . THR A 1 6 ? -0.359 3.779  -1.861 1.00 0.00 ? 6 THR A C    8  
ATOM 754  O O    . THR A 1 6 ? -1.426 4.360  -1.855 1.00 0.00 ? 6 THR A O    8  
ATOM 755  C CB   . THR A 1 6 ? 1.370  5.507  -1.395 1.00 0.00 ? 6 THR A CB   8  
ATOM 756  O OG1  . THR A 1 6 ? 2.358  5.199  -2.414 1.00 0.00 ? 6 THR A OG1  8  
ATOM 757  C CG2  . THR A 1 6 ? 2.086  6.225  -0.284 1.00 0.00 ? 6 THR A CG2  8  
ATOM 758  H H    . THR A 1 6 ? 2.695  3.463  -0.906 1.00 0.00 ? 6 THR A H    8  
ATOM 759  H HA   . THR A 1 6 ? 0.228  4.405  0.065  1.00 0.00 ? 6 THR A HA   8  
ATOM 760  H HB   . THR A 1 6 ? 0.613  6.179  -1.805 1.00 0.00 ? 6 THR A HB   8  
ATOM 761  H HG1  . THR A 1 6 ? 2.274  5.848  -3.138 1.00 0.00 ? 6 THR A HG1  8  
ATOM 762  H HG21 . THR A 1 6 ? 1.368  6.455  0.524  1.00 0.00 ? 6 THR A HG21 8  
ATOM 763  H HG22 . THR A 1 6 ? 2.503  7.155  -0.687 1.00 0.00 ? 6 THR A HG22 8  
ATOM 764  H HG23 . THR A 1 6 ? 2.891  5.597  0.081  1.00 0.00 ? 6 THR A HG23 8  
ATOM 765  N N    . ASP A 1 7 ? -0.113 2.732  -2.653 1.00 0.00 ? 7 ASP A N    8  
ATOM 766  C CA   . ASP A 1 7 ? -1.117 2.213  -3.602 1.00 0.00 ? 7 ASP A CA   8  
ATOM 767  C C    . ASP A 1 7 ? -2.275 1.519  -2.834 1.00 0.00 ? 7 ASP A C    8  
ATOM 768  O O    . ASP A 1 7 ? -3.309 1.224  -3.388 1.00 0.00 ? 7 ASP A O    8  
ATOM 769  C CB   . ASP A 1 7 ? -0.451 1.206  -4.543 1.00 0.00 ? 7 ASP A CB   8  
ATOM 770  C CG   . ASP A 1 7 ? 0.627  1.827  -5.398 1.00 0.00 ? 7 ASP A CG   8  
ATOM 771  O OD1  . ASP A 1 7 ? 1.689  1.174  -5.532 1.00 0.00 ? 7 ASP A OD1  8  
ATOM 772  O OD2  . ASP A 1 7 ? 0.419  2.940  -5.904 1.00 0.00 ? 7 ASP A OD2  8  
ATOM 773  H H    . ASP A 1 7 ? 0.770  2.304  -2.659 1.00 0.00 ? 7 ASP A H    8  
ATOM 774  H HA   . ASP A 1 7 ? -1.528 3.046  -4.204 1.00 0.00 ? 7 ASP A HA   8  
ATOM 775  H HB2  . ASP A 1 7 ? -0.025 0.401  -3.923 1.00 0.00 ? 7 ASP A HB2  8  
ATOM 776  H HB3  . ASP A 1 7 ? -1.198 0.784  -5.211 1.00 0.00 ? 7 ASP A HB3  8  
ATOM 777  N N    . GLY A 1 1 ? -2.570 1.464  -0.800 1.00 0.00 ? 1 GLY A N    9  
ATOM 778  C CA   . GLY A 1 1 ? -2.994 0.466  0.173  1.00 0.00 ? 1 GLY A CA   9  
ATOM 779  C C    . GLY A 1 1 ? -2.307 -0.891 0.053  1.00 0.00 ? 1 GLY A C    9  
ATOM 780  O O    . GLY A 1 1 ? -2.307 -1.684 1.004  1.00 0.00 ? 1 GLY A O    9  
ATOM 781  H H1   . GLY A 1 1 ? -1.866 2.143  -0.555 1.00 0.00 ? 1 GLY A H1   9  
ATOM 782  H HA2  . GLY A 1 1 ? -2.809 0.876  1.155  1.00 0.00 ? 1 GLY A HA2  9  
ATOM 783  H HA3  . GLY A 1 1 ? -4.075 0.345  0.064  1.00 0.00 ? 1 GLY A HA3  9  
ATOM 784  N N    . LEU A 1 2 ? -1.710 -1.166 -1.087 1.00 0.00 ? 2 LEU A N    9  
ATOM 785  C CA   . LEU A 1 2 ? -1.045 -2.455 -1.309 1.00 0.00 ? 2 LEU A CA   9  
ATOM 786  C C    . LEU A 1 2 ? 0.198  -2.572 -0.442 1.00 0.00 ? 2 LEU A C    9  
ATOM 787  O O    . LEU A 1 2 ? 1.171  -1.793 -0.600 1.00 0.00 ? 2 LEU A O    9  
ATOM 788  C CB   . LEU A 1 2 ? -0.640 -2.614 -2.778 1.00 0.00 ? 2 LEU A CB   9  
ATOM 789  C CG   . LEU A 1 2 ? -1.773 -2.546 -3.796 1.00 0.00 ? 2 LEU A CG   9  
ATOM 790  C CD1  . LEU A 1 2 ? -1.148 -2.382 -5.170 1.00 0.00 ? 2 LEU A CD1  9  
ATOM 791  C CD2  . LEU A 1 2 ? -2.702 -3.770 -3.759 1.00 0.00 ? 2 LEU A CD2  9  
ATOM 792  H H    . LEU A 1 2 ? -1.676 -0.466 -1.817 1.00 0.00 ? 2 LEU A H    9  
ATOM 793  H HA   . LEU A 1 2 ? -1.740 -3.236 -1.060 1.00 0.00 ? 2 LEU A HA   9  
ATOM 794  H HB2  . LEU A 1 2 ? 0.067  -1.802 -3.020 1.00 0.00 ? 2 LEU A HB2  9  
ATOM 795  H HB3  . LEU A 1 2 ? -0.123 -3.591 -2.875 1.00 0.00 ? 2 LEU A HB3  9  
ATOM 796  H HG   . LEU A 1 2 ? -2.356 -1.659 -3.615 1.00 0.00 ? 2 LEU A HG   9  
ATOM 797  H HD11 . LEU A 1 2 ? -1.892 -2.536 -5.953 1.00 0.00 ? 2 LEU A HD11 9  
ATOM 798  H HD12 . LEU A 1 2 ? -0.314 -3.062 -5.292 1.00 0.00 ? 2 LEU A HD12 9  
ATOM 799  H HD13 . LEU A 1 2 ? -0.774 -1.368 -5.259 1.00 0.00 ? 2 LEU A HD13 9  
ATOM 800  H HD21 . LEU A 1 2 ? -2.122 -4.686 -3.751 1.00 0.00 ? 2 LEU A HD21 9  
ATOM 801  H HD22 . LEU A 1 2 ? -3.362 -3.767 -4.614 1.00 0.00 ? 2 LEU A HD22 9  
ATOM 802  H HD23 . LEU A 1 2 ? -3.310 -3.736 -2.854 1.00 0.00 ? 2 LEU A HD23 9  
ATOM 803  N N    . LEU A 1 3 ? 0.132  -3.533 0.466  1.00 0.00 ? 3 LEU A N    9  
ATOM 804  C CA   . LEU A 1 3 ? 1.191  -3.857 1.459  1.00 0.00 ? 3 LEU A CA   9  
ATOM 805  C C    . LEU A 1 3 ? 1.518  -2.654 2.350  1.00 0.00 ? 3 LEU A C    9  
ATOM 806  O O    . LEU A 1 3 ? 2.549  -2.640 3.009  1.00 0.00 ? 3 LEU A O    9  
ATOM 807  C CB   . LEU A 1 3 ? 2.456  -4.352 0.765  1.00 0.00 ? 3 LEU A CB   9  
ATOM 808  C CG   . LEU A 1 3 ? 2.280  -5.612 -0.107 1.00 0.00 ? 3 LEU A CG   9  
ATOM 809  C CD1  . LEU A 1 3 ? 3.523  -5.799 -0.960 1.00 0.00 ? 3 LEU A CD1  9  
ATOM 810  C CD2  . LEU A 1 3 ? 2.012  -6.865 0.709  1.00 0.00 ? 3 LEU A CD2  9  
ATOM 811  H H    . LEU A 1 3 ? -0.743 -4.090 0.509  1.00 0.00 ? 3 LEU A H    9  
ATOM 812  H HA   . LEU A 1 3 ? 0.845  -4.651 2.134  1.00 0.00 ? 3 LEU A HA   9  
ATOM 813  H HB2  . LEU A 1 3 ? 2.839  -3.605 0.105  1.00 0.00 ? 3 LEU A HB2  9  
ATOM 814  H HB3  . LEU A 1 3 ? 3.208  -4.540 1.514  1.00 0.00 ? 3 LEU A HB3  9  
ATOM 815  H HG   . LEU A 1 3 ? 1.438  -5.431 -0.768 1.00 0.00 ? 3 LEU A HG   9  
ATOM 816  H HD11 . LEU A 1 3 ? 3.644  -4.935 -1.610 1.00 0.00 ? 3 LEU A HD11 9  
ATOM 817  H HD12 . LEU A 1 3 ? 3.412  -6.690 -1.575 1.00 0.00 ? 3 LEU A HD12 9  
ATOM 818  H HD13 . LEU A 1 3 ? 4.397  -5.881 -0.325 1.00 0.00 ? 3 LEU A HD13 9  
ATOM 819  H HD21 . LEU A 1 3 ? 2.088  -7.748 0.056  1.00 0.00 ? 3 LEU A HD21 9  
ATOM 820  H HD22 . LEU A 1 3 ? 0.992  -6.830 1.117  1.00 0.00 ? 3 LEU A HD22 9  
ATOM 821  H HD23 . LEU A 1 3 ? 2.729  -6.955 1.529  1.00 0.00 ? 3 LEU A HD23 9  
ATOM 822  N N    . GLY A 1 4 ? 0.644  -1.676 2.341  1.00 0.00 ? 4 GLY A N    9  
ATOM 823  C CA   . GLY A 1 4 ? 0.846  -0.451 3.077  1.00 0.00 ? 4 GLY A CA   9  
ATOM 824  C C    . GLY A 1 4 ? 1.946  0.408  2.477  1.00 0.00 ? 4 GLY A C    9  
ATOM 825  O O    . GLY A 1 4 ? 2.529  1.233  3.169  1.00 0.00 ? 4 GLY A O    9  
ATOM 826  H H    . GLY A 1 4 ? -0.184 -1.760 1.791  1.00 0.00 ? 4 GLY A H    9  
ATOM 827  H HA2  . GLY A 1 4 ? -0.083 0.114  3.086  1.00 0.00 ? 4 GLY A HA2  9  
ATOM 828  H HA3  . GLY A 1 4 ? 1.126  -0.696 4.112  1.00 0.00 ? 4 GLY A HA3  9  
ATOM 829  N N    . ILE A 1 5 ? 2.245  0.215  1.200  1.00 0.00 ? 5 ILE A N    9  
ATOM 830  C CA   . ILE A 1 5 ? 3.317  0.985  0.504  1.00 0.00 ? 5 ILE A CA   9  
ATOM 831  C C    . ILE A 1 5 ? 2.737  2.083  -0.384 1.00 0.00 ? 5 ILE A C    9  
ATOM 832  O O    . ILE A 1 5 ? 3.117  3.240  -0.302 1.00 0.00 ? 5 ILE A O    9  
ATOM 833  C CB   . ILE A 1 5 ? 4.217  -0.009 -0.338 1.00 0.00 ? 5 ILE A CB   9  
ATOM 834  C CG1  . ILE A 1 5 ? 4.886  -1.054 0.568  1.00 0.00 ? 5 ILE A CG1  9  
ATOM 835  C CG2  . ILE A 1 5 ? 5.336  0.769  -1.115 1.00 0.00 ? 5 ILE A CG2  9  
ATOM 836  C CD1  . ILE A 1 5 ? 5.611  -2.224 -0.172 1.00 0.00 ? 5 ILE A CD1  9  
ATOM 837  H H    . ILE A 1 5 ? 1.732  -0.489 0.661  1.00 0.00 ? 5 ILE A H    9  
ATOM 838  H HA   . ILE A 1 5 ? 3.948  1.476  1.251  1.00 0.00 ? 5 ILE A HA   9  
ATOM 839  H HB   . ILE A 1 5 ? 3.580  -0.532 -1.049 1.00 0.00 ? 5 ILE A HB   9  
ATOM 840  H HG12 . ILE A 1 5 ? 5.612  -0.534 1.181  1.00 0.00 ? 5 ILE A HG12 9  
ATOM 841  H HG13 . ILE A 1 5 ? 4.135  -1.490 1.215  1.00 0.00 ? 5 ILE A HG13 9  
ATOM 842  H HG21 . ILE A 1 5 ? 6.028  1.207  -0.389 1.00 0.00 ? 5 ILE A HG21 9  
ATOM 843  H HG22 . ILE A 1 5 ? 4.875  1.554  -1.709 1.00 0.00 ? 5 ILE A HG22 9  
ATOM 844  H HG23 . ILE A 1 5 ? 5.874  0.098  -1.789 1.00 0.00 ? 5 ILE A HG23 9  
ATOM 845  H HD11 . ILE A 1 5 ? 5.768  -3.028 0.551  1.00 0.00 ? 5 ILE A HD11 9  
ATOM 846  H HD12 . ILE A 1 5 ? 6.573  -1.886 -0.553 1.00 0.00 ? 5 ILE A HD12 9  
ATOM 847  H HD13 . ILE A 1 5 ? 4.980  -2.573 -0.992 1.00 0.00 ? 5 ILE A HD13 9  
ATOM 848  N N    . THR A 1 6 ? 1.784  1.719  -1.230 1.00 0.00 ? 6 THR A N    9  
ATOM 849  C CA   . THR A 1 6 ? 1.155  2.682  -2.159 1.00 0.00 ? 6 THR A CA   9  
ATOM 850  C C    . THR A 1 6 ? -0.170 2.072  -2.512 1.00 0.00 ? 6 THR A C    9  
ATOM 851  O O    . THR A 1 6 ? -0.318 0.853  -2.515 1.00 0.00 ? 6 THR A O    9  
ATOM 852  C CB   . THR A 1 6 ? 1.988  2.915  -3.445 1.00 0.00 ? 6 THR A CB   9  
ATOM 853  O OG1  . THR A 1 6 ? 1.372  3.933  -4.232 1.00 0.00 ? 6 THR A OG1  9  
ATOM 854  C CG2  . THR A 1 6 ? 2.197  1.684  -4.271 1.00 0.00 ? 6 THR A CG2  9  
ATOM 855  H H    . THR A 1 6 ? 1.465  0.750  -1.276 1.00 0.00 ? 6 THR A H    9  
ATOM 856  H HA   . THR A 1 6 ? 0.975  3.644  -1.667 1.00 0.00 ? 6 THR A HA   9  
ATOM 857  H HB   . THR A 1 6 ? 2.970  3.268  -3.132 1.00 0.00 ? 6 THR A HB   9  
ATOM 858  H HG1  . THR A 1 6 ? 0.764  3.507  -4.883 1.00 0.00 ? 6 THR A HG1  9  
ATOM 859  H HG21 . THR A 1 6 ? 2.830  1.937  -5.119 1.00 0.00 ? 6 THR A HG21 9  
ATOM 860  H HG22 . THR A 1 6 ? 1.226  1.319  -4.652 1.00 0.00 ? 6 THR A HG22 9  
ATOM 861  H HG23 . THR A 1 6 ? 2.694  0.914  -3.695 1.00 0.00 ? 6 THR A HG23 9  
ATOM 862  N N    . ASP A 1 7 ? -1.157 2.959  -2.727 1.00 0.00 ? 7 ASP A N    9  
ATOM 863  C CA   . ASP A 1 7 ? -2.562 2.572  -3.009 1.00 0.00 ? 7 ASP A CA   9  
ATOM 864  C C    . ASP A 1 7 ? -3.108 1.486  -2.031 1.00 0.00 ? 7 ASP A C    9  
ATOM 865  O O    . ASP A 1 7 ? -3.968 0.690  -2.372 1.00 0.00 ? 7 ASP A O    9  
ATOM 866  C CB   . ASP A 1 7 ? -2.741 2.083  -4.460 1.00 0.00 ? 7 ASP A CB   9  
ATOM 867  C CG   . ASP A 1 7 ? -2.314 3.107  -5.480 1.00 0.00 ? 7 ASP A CG   9  
ATOM 868  O OD1  . ASP A 1 7 ? -2.920 4.201  -5.549 1.00 0.00 ? 7 ASP A OD1  9  
ATOM 869  O OD2  . ASP A 1 7 ? -1.331 2.833  -6.187 1.00 0.00 ? 7 ASP A OD2  9  
ATOM 870  H H    . ASP A 1 7 ? -0.956 3.954  -2.684 1.00 0.00 ? 7 ASP A H    9  
ATOM 871  H HA   . ASP A 1 7 ? -3.174 3.466  -2.884 1.00 0.00 ? 7 ASP A HA   9  
ATOM 872  H HB2  . ASP A 1 7 ? -2.148 1.164  -4.591 1.00 0.00 ? 7 ASP A HB2  9  
ATOM 873  H HB3  . ASP A 1 7 ? -3.790 1.849  -4.635 1.00 0.00 ? 7 ASP A HB3  9  
ATOM 874  N N    . GLY A 1 1 ? -2.025 1.392  -0.469 1.00 0.00 ? 1 GLY A N    10 
ATOM 875  C CA   . GLY A 1 1 ? -2.370 0.367  0.492  1.00 0.00 ? 1 GLY A CA   10 
ATOM 876  C C    . GLY A 1 1 ? -1.930 -1.017 0.114  1.00 0.00 ? 1 GLY A C    10 
ATOM 877  O O    . GLY A 1 1 ? -2.172 -1.964 0.836  1.00 0.00 ? 1 GLY A O    10 
ATOM 878  H H1   . GLY A 1 1 ? -1.135 1.923  -0.323 1.00 0.00 ? 1 GLY A H1   10 
ATOM 879  H HA2  . GLY A 1 1 ? -1.931 0.636  1.465  1.00 0.00 ? 1 GLY A HA2  10 
ATOM 880  H HA3  . GLY A 1 1 ? -3.442 0.361  0.612  1.00 0.00 ? 1 GLY A HA3  10 
ATOM 881  N N    . LEU A 1 2 ? -1.237 -1.156 -1.015 1.00 0.00 ? 2 LEU A N    10 
ATOM 882  C CA   . LEU A 1 2 ? -0.679 -2.458 -1.406 1.00 0.00 ? 2 LEU A CA   10 
ATOM 883  C C    . LEU A 1 2 ? 0.475  -2.806 -0.469 1.00 0.00 ? 2 LEU A C    10 
ATOM 884  O O    . LEU A 1 2 ? 1.522  -2.249 -0.589 1.00 0.00 ? 2 LEU A O    10 
ATOM 885  C CB   . LEU A 1 2 ? -0.203 -2.382 -2.845 1.00 0.00 ? 2 LEU A CB   10 
ATOM 886  C CG   . LEU A 1 2 ? -1.315 -2.039 -3.875 1.00 0.00 ? 2 LEU A CG   10 
ATOM 887  C CD1  . LEU A 1 2 ? -0.643 -1.636 -5.186 1.00 0.00 ? 2 LEU A CD1  10 
ATOM 888  C CD2  . LEU A 1 2 ? -2.226 -3.295 -4.133 1.00 0.00 ? 2 LEU A CD2  10 
ATOM 889  H H    . LEU A 1 2 ? -1.080 -0.391 -1.600 1.00 0.00 ? 2 LEU A H    10 
ATOM 890  H HA   . LEU A 1 2 ? -1.433 -3.232 -1.298 1.00 0.00 ? 2 LEU A HA   10 
ATOM 891  H HB2  . LEU A 1 2 ? 0.591  -1.641 -2.948 1.00 0.00 ? 2 LEU A HB2  10 
ATOM 892  H HB3  . LEU A 1 2 ? 0.207  -3.346 -3.127 1.00 0.00 ? 2 LEU A HB3  10 
ATOM 893  H HG   . LEU A 1 2 ? -1.909 -1.206 -3.519 1.00 0.00 ? 2 LEU A HG   10 
ATOM 894  H HD11 . LEU A 1 2 ? 0.046  -0.808 -5.026 1.00 0.00 ? 2 LEU A HD11 10 
ATOM 895  H HD12 . LEU A 1 2 ? -1.409 -1.306 -5.910 1.00 0.00 ? 2 LEU A HD12 10 
ATOM 896  H HD13 . LEU A 1 2 ? -0.091 -2.472 -5.613 1.00 0.00 ? 2 LEU A HD13 10 
ATOM 897  H HD21 . LEU A 1 2 ? -1.612 -4.138 -4.480 1.00 0.00 ? 2 LEU A HD21 10 
ATOM 898  H HD22 . LEU A 1 2 ? -2.978 -3.045 -4.886 1.00 0.00 ? 2 LEU A HD22 10 
ATOM 899  H HD23 . LEU A 1 2 ? -2.731 -3.575 -3.215 1.00 0.00 ? 2 LEU A HD23 10 
ATOM 900  N N    . LEU A 1 3 ? 0.231  -3.716 0.484  1.00 0.00 ? 3 LEU A N    10 
ATOM 901  C CA   . LEU A 1 3 ? 1.171  -4.006 1.584  1.00 0.00 ? 3 LEU A CA   10 
ATOM 902  C C    . LEU A 1 3 ? 1.429  -2.717 2.425  1.00 0.00 ? 3 LEU A C    10 
ATOM 903  O O    . LEU A 1 3 ? 2.455  -2.559 3.072  1.00 0.00 ? 3 LEU A O    10 
ATOM 904  C CB   . LEU A 1 3 ? 2.519  -4.624 1.109  1.00 0.00 ? 3 LEU A CB   10 
ATOM 905  C CG   . LEU A 1 3 ? 2.460  -5.898 0.245  1.00 0.00 ? 3 LEU A CG   10 
ATOM 906  C CD1  . LEU A 1 3 ? 3.872  -6.161 -0.333 1.00 0.00 ? 3 LEU A CD1  10 
ATOM 907  C CD2  . LEU A 1 3 ? 1.975  -7.133 0.997  1.00 0.00 ? 3 LEU A CD2  10 
ATOM 908  H H    . LEU A 1 3 ? -0.666 -4.184 0.512  1.00 0.00 ? 3 LEU A H    10 
ATOM 909  H HA   . LEU A 1 3 ? 0.698  -4.742 2.213  1.00 0.00 ? 3 LEU A HA   10 
ATOM 910  H HB2  . LEU A 1 3 ? 3.064  -3.847 0.547  1.00 0.00 ? 3 LEU A HB2  10 
ATOM 911  H HB3  . LEU A 1 3 ? 3.090  -4.855 1.990  1.00 0.00 ? 3 LEU A HB3  10 
ATOM 912  H HG   . LEU A 1 3 ? 1.785  -5.735 -0.569 1.00 0.00 ? 3 LEU A HG   10 
ATOM 913  H HD11 . LEU A 1 3 ? 3.844  -7.016 -1.006 1.00 0.00 ? 3 LEU A HD11 10 
ATOM 914  H HD12 . LEU A 1 3 ? 4.576  -6.367 0.457  1.00 0.00 ? 3 LEU A HD12 10 
ATOM 915  H HD13 . LEU A 1 3 ? 4.216  -5.286 -0.879 1.00 0.00 ? 3 LEU A HD13 10 
ATOM 916  H HD21 . LEU A 1 3 ? 1.938  -7.976 0.314  1.00 0.00 ? 3 LEU A HD21 10 
ATOM 917  H HD22 . LEU A 1 3 ? 0.986  -6.946 1.395  1.00 0.00 ? 3 LEU A HD22 10 
ATOM 918  H HD23 . LEU A 1 3 ? 2.664  -7.357 1.798  1.00 0.00 ? 3 LEU A HD23 10 
ATOM 919  N N    . GLY A 1 4 ? 0.473  -1.803 2.422  1.00 0.00 ? 4 GLY A N    10 
ATOM 920  C CA   . GLY A 1 4 ? 0.606  -0.515 3.074  1.00 0.00 ? 4 GLY A CA   10 
ATOM 921  C C    . GLY A 1 4 ? 1.494  0.457  2.326  1.00 0.00 ? 4 GLY A C    10 
ATOM 922  O O    . GLY A 1 4 ? 1.957  1.461  2.898  1.00 0.00 ? 4 GLY A O    10 
ATOM 923  H H    . GLY A 1 4 ? -0.377 -1.992 1.902  1.00 0.00 ? 4 GLY A H    10 
ATOM 924  H HA2  . GLY A 1 4 ? -0.386 -0.075 3.188  1.00 0.00 ? 4 GLY A HA2  10 
ATOM 925  H HA3  . GLY A 1 4 ? 1.017  -0.690 4.054  1.00 0.00 ? 4 GLY A HA3  10 
ATOM 926  N N    . ILE A 1 5 ? 1.780  0.157  1.049  1.00 0.00 ? 5 ILE A N    10 
ATOM 927  C CA   . ILE A 1 5 ? 2.674  1.001  0.217  1.00 0.00 ? 5 ILE A CA   10 
ATOM 928  C C    . ILE A 1 5 ? 1.861  1.541  -0.989 1.00 0.00 ? 5 ILE A C    10 
ATOM 929  O O    . ILE A 1 5 ? 0.969  0.865  -1.438 1.00 0.00 ? 5 ILE A O    10 
ATOM 930  C CB   . ILE A 1 5 ? 3.898  0.117  -0.327 1.00 0.00 ? 5 ILE A CB   10 
ATOM 931  C CG1  . ILE A 1 5 ? 4.639  -0.594 0.839  1.00 0.00 ? 5 ILE A CG1  10 
ATOM 932  C CG2  . ILE A 1 5 ? 4.913  0.984  -1.104 1.00 0.00 ? 5 ILE A CG2  10 
ATOM 933  C CD1  . ILE A 1 5 ? 5.776  -1.607 0.370  1.00 0.00 ? 5 ILE A CD1  10 
ATOM 934  H H    . ILE A 1 5 ? 1.410  -0.666 0.625  1.00 0.00 ? 5 ILE A H    10 
ATOM 935  H HA   . ILE A 1 5 ? 3.043  1.829  0.808  1.00 0.00 ? 5 ILE A HA   10 
ATOM 936  H HB   . ILE A 1 5 ? 3.507  -0.658 -1.010 1.00 0.00 ? 5 ILE A HB   10 
ATOM 937  H HG12 . ILE A 1 5 ? 5.120  0.166  1.448  1.00 0.00 ? 5 ILE A HG12 10 
ATOM 938  H HG13 . ILE A 1 5 ? 3.919  -1.125 1.464  1.00 0.00 ? 5 ILE A HG13 10 
ATOM 939  H HG21 . ILE A 1 5 ? 4.421  1.536  -1.883 1.00 0.00 ? 5 ILE A HG21 10 
ATOM 940  H HG22 . ILE A 1 5 ? 5.676  0.349  -1.555 1.00 0.00 ? 5 ILE A HG22 10 
ATOM 941  H HG23 . ILE A 1 5 ? 5.391  1.683  -0.419 1.00 0.00 ? 5 ILE A HG23 10 
ATOM 942  H HD11 . ILE A 1 5 ? 6.603  -1.060 -0.100 1.00 0.00 ? 5 ILE A HD11 10 
ATOM 943  H HD12 . ILE A 1 5 ? 5.350  -2.309 -0.336 1.00 0.00 ? 5 ILE A HD12 10 
ATOM 944  H HD13 . ILE A 1 5 ? 6.152  -2.184 1.217  1.00 0.00 ? 5 ILE A HD13 10 
ATOM 945  N N    . THR A 1 6 ? 2.161  2.751  -1.464 1.00 0.00 ? 6 THR A N    10 
ATOM 946  C CA   . THR A 1 6 ? 1.511  3.408  -2.624 1.00 0.00 ? 6 THR A CA   10 
ATOM 947  C C    . THR A 1 6 ? 0.011  3.646  -2.510 1.00 0.00 ? 6 THR A C    10 
ATOM 948  O O    . THR A 1 6 ? -0.380 4.770  -2.445 1.00 0.00 ? 6 THR A O    10 
ATOM 949  C CB   . THR A 1 6 ? 1.846  2.617  -3.928 1.00 0.00 ? 6 THR A CB   10 
ATOM 950  O OG1  . THR A 1 6 ? 3.251  2.285  -3.900 1.00 0.00 ? 6 THR A OG1  10 
ATOM 951  C CG2  . THR A 1 6 ? 1.540  3.371  -5.208 1.00 0.00 ? 6 THR A CG2  10 
ATOM 952  H H    . THR A 1 6 ? 2.890  3.249  -1.027 1.00 0.00 ? 6 THR A H    10 
ATOM 953  H HA   . THR A 1 6 ? 1.938  4.423  -2.714 1.00 0.00 ? 6 THR A HA   10 
ATOM 954  H HB   . THR A 1 6 ? 1.283  1.695  -3.925 1.00 0.00 ? 6 THR A HB   10 
ATOM 955  H HG1  . THR A 1 6 ? 3.419  1.696  -4.653 1.00 0.00 ? 6 THR A HG1  10 
ATOM 956  H HG21 . THR A 1 6 ? 2.104  4.278  -5.278 1.00 0.00 ? 6 THR A HG21 10 
ATOM 957  H HG22 . THR A 1 6 ? 0.456  3.616  -5.231 1.00 0.00 ? 6 THR A HG22 10 
ATOM 958  H HG23 . THR A 1 6 ? 1.761  2.749  -6.080 1.00 0.00 ? 6 THR A HG23 10 
ATOM 959  N N    . ASP A 1 7 ? -0.797 2.604  -2.523 1.00 0.00 ? 7 ASP A N    10 
ATOM 960  C CA   . ASP A 1 7 ? -2.267 2.718  -2.511 1.00 0.00 ? 7 ASP A CA   10 
ATOM 961  C C    . ASP A 1 7 ? -2.780 1.619  -1.540 1.00 0.00 ? 7 ASP A C    10 
ATOM 962  O O    . ASP A 1 7 ? -3.789 0.938  -1.757 1.00 0.00 ? 7 ASP A O    10 
ATOM 963  C CB   . ASP A 1 7 ? -2.819 2.479  -3.922 1.00 0.00 ? 7 ASP A CB   10 
ATOM 964  C CG   . ASP A 1 7 ? -2.734 3.677  -4.837 1.00 0.00 ? 7 ASP A CG   10 
ATOM 965  O OD1  . ASP A 1 7 ? -2.552 3.410  -6.034 1.00 0.00 ? 7 ASP A OD1  10 
ATOM 966  O OD2  . ASP A 1 7 ? -2.866 4.850  -4.422 1.00 0.00 ? 7 ASP A OD2  10 
ATOM 967  H H    . ASP A 1 7 ? -0.390 1.665  -2.562 1.00 0.00 ? 7 ASP A H    10 
ATOM 968  H HA   . ASP A 1 7 ? -2.562 3.707  -2.165 1.00 0.00 ? 7 ASP A HA   10 
ATOM 969  H HB2  . ASP A 1 7 ? -2.266 1.651  -4.360 1.00 0.00 ? 7 ASP A HB2  10 
ATOM 970  H HB3  . ASP A 1 7 ? -3.856 2.191  -3.852 1.00 0.00 ? 7 ASP A HB3  10 
ATOM 971  N N    . GLY A 1 1 ? -2.437 1.162  -0.846 1.00 0.00 ? 1 GLY A N    11 
ATOM 972  C CA   . GLY A 1 1 ? -3.111 0.151  -0.061 1.00 0.00 ? 1 GLY A CA   11 
ATOM 973  C C    . GLY A 1 1 ? -2.421 -1.189 -0.066 1.00 0.00 ? 1 GLY A C    11 
ATOM 974  O O    . GLY A 1 1 ? -1.224 -1.282 -0.302 1.00 0.00 ? 1 GLY A O    11 
ATOM 975  H H1   . GLY A 1 1 ? -1.737 1.790  -0.372 1.00 0.00 ? 1 GLY A H1   11 
ATOM 976  H HA2  . GLY A 1 1 ? -3.215 0.470  0.975  1.00 0.00 ? 1 GLY A HA2  11 
ATOM 977  H HA3  . GLY A 1 1 ? -4.118 -0.002 -0.466 1.00 0.00 ? 1 GLY A HA3  11 
ATOM 978  N N    . LEU A 1 2 ? -3.208 -2.227 0.225  1.00 0.00 ? 2 LEU A N    11 
ATOM 979  C CA   . LEU A 1 2 ? -2.720 -3.610 0.259  1.00 0.00 ? 2 LEU A CA   11 
ATOM 980  C C    . LEU A 1 2 ? -1.502 -3.834 1.157  1.00 0.00 ? 2 LEU A C    11 
ATOM 981  O O    . LEU A 1 2 ? -1.630 -4.031 2.326  1.00 0.00 ? 2 LEU A O    11 
ATOM 982  C CB   . LEU A 1 2 ? -2.474 -4.135 -1.187 1.00 0.00 ? 2 LEU A CB   11 
ATOM 983  C CG   . LEU A 1 2 ? -3.756 -4.471 -1.975 1.00 0.00 ? 2 LEU A CG   11 
ATOM 984  C CD1  . LEU A 1 2 ? -3.344 -4.814 -3.382 1.00 0.00 ? 2 LEU A CD1  11 
ATOM 985  C CD2  . LEU A 1 2 ? -4.607 -5.640 -1.356 1.00 0.00 ? 2 LEU A CD2  11 
ATOM 986  H H    . LEU A 1 2 ? -4.169 -2.061 0.441  1.00 0.00 ? 2 LEU A H    11 
ATOM 987  H HA   . LEU A 1 2 ? -3.519 -4.220 0.684  1.00 0.00 ? 2 LEU A HA   11 
ATOM 988  H HB2  . LEU A 1 2 ? -1.894 -3.388 -1.747 1.00 0.00 ? 2 LEU A HB2  11 
ATOM 989  H HB3  . LEU A 1 2 ? -1.883 -5.035 -1.131 1.00 0.00 ? 2 LEU A HB3  11 
ATOM 990  H HG   . LEU A 1 2 ? -4.379 -3.594 -2.014 1.00 0.00 ? 2 LEU A HG   11 
ATOM 991  H HD11 . LEU A 1 2 ? -2.743 -5.712 -3.374 1.00 0.00 ? 2 LEU A HD11 11 
ATOM 992  H HD12 . LEU A 1 2 ? -2.752 -3.992 -3.790 1.00 0.00 ? 2 LEU A HD12 11 
ATOM 993  H HD13 . LEU A 1 2 ? -4.223 -4.965 -4.004 1.00 0.00 ? 2 LEU A HD13 11 
ATOM 994  H HD21 . LEU A 1 2 ? -4.825 -5.437 -0.302 1.00 0.00 ? 2 LEU A HD21 11 
ATOM 995  H HD22 . LEU A 1 2 ? -4.054 -6.579 -1.438 1.00 0.00 ? 2 LEU A HD22 11 
ATOM 996  H HD23 . LEU A 1 2 ? -5.575 -5.722 -1.909 1.00 0.00 ? 2 LEU A HD23 11 
ATOM 997  N N    . LEU A 1 3 ? -0.303 -3.860 0.568  1.00 0.00 ? 3 LEU A N    11 
ATOM 998  C CA   . LEU A 1 3 ? 0.933  -4.177 1.305  1.00 0.00 ? 3 LEU A CA   11 
ATOM 999  C C    . LEU A 1 3 ? 1.373  -2.970 2.151  1.00 0.00 ? 3 LEU A C    11 
ATOM 1000 O O    . LEU A 1 3 ? 1.997  -3.078 3.184  1.00 0.00 ? 3 LEU A O    11 
ATOM 1001 C CB   . LEU A 1 3 ? 2.052  -4.523 0.297  1.00 0.00 ? 3 LEU A CB   11 
ATOM 1002 C CG   . LEU A 1 3 ? 3.340  -5.065 0.934  1.00 0.00 ? 3 LEU A CG   11 
ATOM 1003 C CD1  . LEU A 1 3 ? 3.136  -6.397 1.689  1.00 0.00 ? 3 LEU A CD1  11 
ATOM 1004 C CD2  . LEU A 1 3 ? 4.364  -5.282 -0.195 1.00 0.00 ? 3 LEU A CD2  11 
ATOM 1005 H H    . LEU A 1 3 ? -0.227 -3.616 -0.432 1.00 0.00 ? 3 LEU A H    11 
ATOM 1006 H HA   . LEU A 1 3 ? 0.747  -5.030 1.941  1.00 0.00 ? 3 LEU A HA   11 
ATOM 1007 H HB2  . LEU A 1 3 ? 1.658  -5.277 -0.380 1.00 0.00 ? 3 LEU A HB2  11 
ATOM 1008 H HB3  . LEU A 1 3 ? 2.274  -3.602 -0.261 1.00 0.00 ? 3 LEU A HB3  11 
ATOM 1009 H HG   . LEU A 1 3 ? 3.746  -4.343 1.640  1.00 0.00 ? 3 LEU A HG   11 
ATOM 1010 H HD11 . LEU A 1 3 ? 2.729  -7.171 1.016  1.00 0.00 ? 3 LEU A HD11 11 
ATOM 1011 H HD12 . LEU A 1 3 ? 2.446  -6.247 2.525  1.00 0.00 ? 3 LEU A HD12 11 
ATOM 1012 H HD13 . LEU A 1 3 ? 4.103  -6.733 2.063  1.00 0.00 ? 3 LEU A HD13 11 
ATOM 1013 H HD21 . LEU A 1 3 ? 5.292  -5.637 0.249  1.00 0.00 ? 3 LEU A HD21 11 
ATOM 1014 H HD22 . LEU A 1 3 ? 4.546  -4.338 -0.689 1.00 0.00 ? 3 LEU A HD22 11 
ATOM 1015 H HD23 . LEU A 1 3 ? 3.985  -6.034 -0.924 1.00 0.00 ? 3 LEU A HD23 11 
ATOM 1016 N N    . GLY A 1 4 ? 1.022  -1.801 1.674  1.00 0.00 ? 4 GLY A N    11 
ATOM 1017 C CA   . GLY A 1 4 ? 1.345  -0.533 2.320  1.00 0.00 ? 4 GLY A CA   11 
ATOM 1018 C C    . GLY A 1 4 ? 2.402  0.241  1.497  1.00 0.00 ? 4 GLY A C    11 
ATOM 1019 O O    . GLY A 1 4 ? 3.072  -0.345 0.639  1.00 0.00 ? 4 GLY A O    11 
ATOM 1020 H H    . GLY A 1 4 ? 0.489  -1.747 0.784  1.00 0.00 ? 4 GLY A H    11 
ATOM 1021 H HA2  . GLY A 1 4 ? 0.454  0.091  2.401  1.00 0.00 ? 4 GLY A HA2  11 
ATOM 1022 H HA3  . GLY A 1 4 ? 1.725  -0.738 3.322  1.00 0.00 ? 4 GLY A HA3  11 
ATOM 1023 N N    . ILE A 1 5 ? 2.520  1.556  1.746  1.00 0.00 ? 5 ILE A N    11 
ATOM 1024 C CA   . ILE A 1 5 ? 3.436  2.529  1.043  1.00 0.00 ? 5 ILE A CA   11 
ATOM 1025 C C    . ILE A 1 5 ? 2.937  2.792  -0.368 1.00 0.00 ? 5 ILE A C    11 
ATOM 1026 O O    . ILE A 1 5 ? 3.021  3.910  -0.814 1.00 0.00 ? 5 ILE A O    11 
ATOM 1027 C CB   . ILE A 1 5 ? 4.966  2.063  1.057  1.00 0.00 ? 5 ILE A CB   11 
ATOM 1028 C CG1  . ILE A 1 5 ? 5.478  1.696  2.478  1.00 0.00 ? 5 ILE A CG1  11 
ATOM 1029 C CG2  . ILE A 1 5 ? 5.874  3.181  0.498  1.00 0.00 ? 5 ILE A CG2  11 
ATOM 1030 C CD1  . ILE A 1 5 ? 6.763  0.840  2.474  1.00 0.00 ? 5 ILE A CD1  11 
ATOM 1031 H H    . ILE A 1 5 ? 1.924  1.941  2.451  1.00 0.00 ? 5 ILE A H    11 
ATOM 1032 H HA   . ILE A 1 5 ? 3.381  3.483  1.586  1.00 0.00 ? 5 ILE A HA   11 
ATOM 1033 H HB   . ILE A 1 5 ? 5.073  1.189  0.406  1.00 0.00 ? 5 ILE A HB   11 
ATOM 1034 H HG12 . ILE A 1 5 ? 5.646  2.607  3.037  1.00 0.00 ? 5 ILE A HG12 11 
ATOM 1035 H HG13 . ILE A 1 5 ? 4.689  1.127  2.989  1.00 0.00 ? 5 ILE A HG13 11 
ATOM 1036 H HG21 . ILE A 1 5 ? 5.867  4.061  1.173  1.00 0.00 ? 5 ILE A HG21 11 
ATOM 1037 H HG22 . ILE A 1 5 ? 5.524  3.503  -0.489 1.00 0.00 ? 5 ILE A HG22 11 
ATOM 1038 H HG23 . ILE A 1 5 ? 6.888  2.825  0.411  1.00 0.00 ? 5 ILE A HG23 11 
ATOM 1039 H HD11 . ILE A 1 5 ? 7.081  0.641  3.504  1.00 0.00 ? 5 ILE A HD11 11 
ATOM 1040 H HD12 . ILE A 1 5 ? 7.575  1.377  1.957  1.00 0.00 ? 5 ILE A HD12 11 
ATOM 1041 H HD13 . ILE A 1 5 ? 6.593  -0.095 1.974  1.00 0.00 ? 5 ILE A HD13 11 
ATOM 1042 N N    . THR A 1 6 ? 2.410  1.784  -1.041 1.00 0.00 ? 6 THR A N    11 
ATOM 1043 C CA   . THR A 1 6 ? 1.810  1.921  -2.339 1.00 0.00 ? 6 THR A CA   11 
ATOM 1044 C C    . THR A 1 6 ? 0.337  2.276  -2.103 1.00 0.00 ? 6 THR A C    11 
ATOM 1045 O O    . THR A 1 6 ? -0.013 2.663  -0.986 1.00 0.00 ? 6 THR A O    11 
ATOM 1046 C CB   . THR A 1 6 ? 1.957  0.624  -3.145 1.00 0.00 ? 6 THR A CB   11 
ATOM 1047 O OG1  . THR A 1 6 ? 1.555  -0.524 -2.364 1.00 0.00 ? 6 THR A OG1  11 
ATOM 1048 C CG2  . THR A 1 6 ? 3.403  0.408  -3.559 1.00 0.00 ? 6 THR A CG2  11 
ATOM 1049 H H    . THR A 1 6 ? 2.399  0.869  -0.615 1.00 0.00 ? 6 THR A H    11 
ATOM 1050 H HA   . THR A 1 6 ? 2.292  2.725  -2.900 1.00 0.00 ? 6 THR A HA   11 
ATOM 1051 H HB   . THR A 1 6 ? 1.334  0.689  -4.051 1.00 0.00 ? 6 THR A HB   11 
ATOM 1052 H HG1  . THR A 1 6 ? 2.339  -0.817 -1.871 1.00 0.00 ? 6 THR A HG1  11 
ATOM 1053 H HG21 . THR A 1 6 ? 4.026  0.199  -2.706 1.00 0.00 ? 6 THR A HG21 11 
ATOM 1054 H HG22 . THR A 1 6 ? 3.788  1.296  -4.043 1.00 0.00 ? 6 THR A HG22 11 
ATOM 1055 H HG23 . THR A 1 6 ? 3.468  -0.417 -4.261 1.00 0.00 ? 6 THR A HG23 11 
ATOM 1056 N N    . ASP A 1 7 ? -0.512 2.127  -3.096 1.00 0.00 ? 7 ASP A N    11 
ATOM 1057 C CA   . ASP A 1 7 ? -1.947 2.416  -2.891 1.00 0.00 ? 7 ASP A CA   11 
ATOM 1058 C C    . ASP A 1 7 ? -2.700 1.302  -2.149 1.00 0.00 ? 7 ASP A C    11 
ATOM 1059 O O    . ASP A 1 7 ? -3.476 0.565  -2.694 1.00 0.00 ? 7 ASP A O    11 
ATOM 1060 C CB   . ASP A 1 7 ? -2.643 2.746  -4.213 1.00 0.00 ? 7 ASP A CB   11 
ATOM 1061 C CG   . ASP A 1 7 ? -4.016 3.276  -4.026 1.00 0.00 ? 7 ASP A CG   11 
ATOM 1062 O OD1  . ASP A 1 7 ? -4.329 3.743  -2.945 1.00 0.00 ? 7 ASP A OD1  11 
ATOM 1063 O OD2  . ASP A 1 7 ? -4.756 3.249  -5.013 1.00 0.00 ? 7 ASP A OD2  11 
ATOM 1064 H H    . ASP A 1 7 ? -0.197 1.809  -4.011 1.00 0.00 ? 7 ASP A H    11 
ATOM 1065 H HA   . ASP A 1 7 ? -2.018 3.308  -2.242 1.00 0.00 ? 7 ASP A HA   11 
ATOM 1066 H HB2  . ASP A 1 7 ? -2.089 3.526  -4.768 1.00 0.00 ? 7 ASP A HB2  11 
ATOM 1067 H HB3  . ASP A 1 7 ? -2.705 1.838  -4.817 1.00 0.00 ? 7 ASP A HB3  11 
ATOM 1068 N N    . GLY A 1 1 ? -2.233 1.014  -0.996 1.00 0.00 ? 1 GLY A N    12 
ATOM 1069 C CA   . GLY A 1 1 ? -2.911 0.154  -0.065 1.00 0.00 ? 1 GLY A CA   12 
ATOM 1070 C C    . GLY A 1 1 ? -2.277 -1.209 -0.035 1.00 0.00 ? 1 GLY A C    12 
ATOM 1071 O O    . GLY A 1 1 ? -1.152 -1.369 -0.443 1.00 0.00 ? 1 GLY A O    12 
ATOM 1072 H H1   . GLY A 1 1 ? -1.636 1.768  -0.652 1.00 0.00 ? 1 GLY A H1   12 
ATOM 1073 H HA2  . GLY A 1 1 ? -2.875 0.599  0.931  1.00 0.00 ? 1 GLY A HA2  12 
ATOM 1074 H HA3  . GLY A 1 1 ? -3.954 0.063  -0.371 1.00 0.00 ? 1 GLY A HA3  12 
ATOM 1075 N N    . LEU A 1 2 ? -3.034 -2.188 0.439  1.00 0.00 ? 2 LEU A N    12 
ATOM 1076 C CA   . LEU A 1 2 ? -2.636 -3.619 0.523  1.00 0.00 ? 2 LEU A CA   12 
ATOM 1077 C C    . LEU A 1 2 ? -1.320 -3.894 1.292  1.00 0.00 ? 2 LEU A C    12 
ATOM 1078 O O    . LEU A 1 2 ? -1.321 -4.280 2.443  1.00 0.00 ? 2 LEU A O    12 
ATOM 1079 C CB   . LEU A 1 2 ? -2.597 -4.302 -0.893 1.00 0.00 ? 2 LEU A CB   12 
ATOM 1080 C CG   . LEU A 1 2 ? -3.899 -4.348 -1.711 1.00 0.00 ? 2 LEU A CG   12 
ATOM 1081 C CD1  . LEU A 1 2 ? -3.618 -4.932 -3.109 1.00 0.00 ? 2 LEU A CD1  12 
ATOM 1082 C CD2  . LEU A 1 2 ? -4.983 -5.137 -1.006 1.00 0.00 ? 2 LEU A CD2  12 
ATOM 1083 H H    . LEU A 1 2 ? -3.912 -1.958 0.759  1.00 0.00 ? 2 LEU A H    12 
ATOM 1084 H HA   . LEU A 1 2 ? -3.436 -4.114 1.085  1.00 0.00 ? 2 LEU A HA   12 
ATOM 1085 H HB2  . LEU A 1 2 ? -1.834 -3.751 -1.466 1.00 0.00 ? 2 LEU A HB2  12 
ATOM 1086 H HB3  . LEU A 1 2 ? -2.247 -5.310 -0.778 1.00 0.00 ? 2 LEU A HB3  12 
ATOM 1087 H HG   . LEU A 1 2 ? -4.279 -3.331 -1.843 1.00 0.00 ? 2 LEU A HG   12 
ATOM 1088 H HD11 . LEU A 1 2 ? -4.548 -4.978 -3.663 1.00 0.00 ? 2 LEU A HD11 12 
ATOM 1089 H HD12 . LEU A 1 2 ? -3.206 -5.927 -2.999 1.00 0.00 ? 2 LEU A HD12 12 
ATOM 1090 H HD13 . LEU A 1 2 ? -2.901 -4.265 -3.622 1.00 0.00 ? 2 LEU A HD13 12 
ATOM 1091 H HD21 . LEU A 1 2 ? -4.608 -6.112 -0.731 1.00 0.00 ? 2 LEU A HD21 12 
ATOM 1092 H HD22 . LEU A 1 2 ? -5.828 -5.258 -1.667 1.00 0.00 ? 2 LEU A HD22 12 
ATOM 1093 H HD23 . LEU A 1 2 ? -5.307 -4.604 -0.111 1.00 0.00 ? 2 LEU A HD23 12 
ATOM 1094 N N    . LEU A 1 3 ? -0.194 -3.688 0.650  1.00 0.00 ? 3 LEU A N    12 
ATOM 1095 C CA   . LEU A 1 3 ? 1.137  -3.809 1.308  1.00 0.00 ? 3 LEU A CA   12 
ATOM 1096 C C    . LEU A 1 3 ? 1.380  -2.519 2.128  1.00 0.00 ? 3 LEU A C    12 
ATOM 1097 O O    . LEU A 1 3 ? 2.260  -2.490 2.980  1.00 0.00 ? 3 LEU A O    12 
ATOM 1098 C CB   . LEU A 1 3 ? 2.227  -3.959 0.241  1.00 0.00 ? 3 LEU A CB   12 
ATOM 1099 C CG   . LEU A 1 3 ? 2.195  -5.236 -0.625 1.00 0.00 ? 3 LEU A CG   12 
ATOM 1100 C CD1  . LEU A 1 3 ? 3.301  -5.114 -1.657 1.00 0.00 ? 3 LEU A CD1  12 
ATOM 1101 C CD2  . LEU A 1 3 ? 2.346  -6.528 0.201  1.00 0.00 ? 3 LEU A CD2  12 
ATOM 1102 H H    . LEU A 1 3 ? -0.217 -3.453 -0.354 1.00 0.00 ? 3 LEU A H    12 
ATOM 1103 H HA   . LEU A 1 3 ? 1.146  -4.661 1.987  1.00 0.00 ? 3 LEU A HA   12 
ATOM 1104 H HB2  . LEU A 1 3 ? 2.161  -3.095 -0.438 1.00 0.00 ? 3 LEU A HB2  12 
ATOM 1105 H HB3  . LEU A 1 3 ? 3.194  -3.961 0.744  1.00 0.00 ? 3 LEU A HB3  12 
ATOM 1106 H HG   . LEU A 1 3 ? 1.244  -5.295 -1.166 1.00 0.00 ? 3 LEU A HG   12 
ATOM 1107 H HD11 . LEU A 1 3 ? 3.150  -4.229 -2.269 1.00 0.00 ? 3 LEU A HD11 12 
ATOM 1108 H HD12 . LEU A 1 3 ? 3.316  -5.960 -2.304 1.00 0.00 ? 3 LEU A HD12 12 
ATOM 1109 H HD13 . LEU A 1 3 ? 4.266  -5.030 -1.153 1.00 0.00 ? 3 LEU A HD13 12 
ATOM 1110 H HD21 . LEU A 1 3 ? 1.470  -6.678 0.827  1.00 0.00 ? 3 LEU A HD21 12 
ATOM 1111 H HD22 . LEU A 1 3 ? 3.223  -6.464 0.840  1.00 0.00 ? 3 LEU A HD22 12 
ATOM 1112 H HD23 . LEU A 1 3 ? 2.455  -7.396 -0.463 1.00 0.00 ? 3 LEU A HD23 12 
ATOM 1113 N N    . GLY A 1 4 ? 0.585  -1.476 1.818  1.00 0.00 ? 4 GLY A N    12 
ATOM 1114 C CA   . GLY A 1 4 ? 0.644  -0.201 2.548  1.00 0.00 ? 4 GLY A CA   12 
ATOM 1115 C C    . GLY A 1 4 ? 1.723  0.739  2.099  1.00 0.00 ? 4 GLY A C    12 
ATOM 1116 O O    . GLY A 1 4 ? 1.860  1.815  2.618  1.00 0.00 ? 4 GLY A O    12 
ATOM 1117 H H    . GLY A 1 4 ? -0.106 -1.578 1.101  1.00 0.00 ? 4 GLY A H    12 
ATOM 1118 H HA2  . GLY A 1 4 ? -0.329 0.310  2.437  1.00 0.00 ? 4 GLY A HA2  12 
ATOM 1119 H HA3  . GLY A 1 4 ? 0.805  -0.414 3.609  1.00 0.00 ? 4 GLY A HA3  12 
ATOM 1120 N N    . ILE A 1 5 ? 2.465  0.345  1.076  1.00 0.00 ? 5 ILE A N    12 
ATOM 1121 C CA   . ILE A 1 5 ? 3.568  1.167  0.552  1.00 0.00 ? 5 ILE A CA   12 
ATOM 1122 C C    . ILE A 1 5 ? 3.023  2.481  -0.069 1.00 0.00 ? 5 ILE A C    12 
ATOM 1123 O O    . ILE A 1 5 ? 3.561  3.564  0.190  1.00 0.00 ? 5 ILE A O    12 
ATOM 1124 C CB   . ILE A 1 5 ? 4.369  0.370  -0.498 1.00 0.00 ? 5 ILE A CB   12 
ATOM 1125 C CG1  . ILE A 1 5 ? 4.900  -0.944 0.104  1.00 0.00 ? 5 ILE A CG1  12 
ATOM 1126 C CG2  . ILE A 1 5 ? 5.570  1.231  -0.995 1.00 0.00 ? 5 ILE A CG2  12 
ATOM 1127 C CD1  . ILE A 1 5 ? 5.522  -1.927 -0.931 1.00 0.00 ? 5 ILE A CD1  12 
ATOM 1128 H H    . ILE A 1 5 ? 2.288  -0.567 0.655  1.00 0.00 ? 5 ILE A H    12 
ATOM 1129 H HA   . ILE A 1 5 ? 4.230  1.443  1.375  1.00 0.00 ? 5 ILE A HA   12 
ATOM 1130 H HB   . ILE A 1 5 ? 3.706  0.116  -1.339 1.00 0.00 ? 5 ILE A HB   12 
ATOM 1131 H HG12 . ILE A 1 5 ? 5.664  -0.680 0.825  1.00 0.00 ? 5 ILE A HG12 12 
ATOM 1132 H HG13 . ILE A 1 5 ? 4.085  -1.463 0.606  1.00 0.00 ? 5 ILE A HG13 12 
ATOM 1133 H HG21 . ILE A 1 5 ? 6.044  0.754  -1.849 1.00 0.00 ? 5 ILE A HG21 12 
ATOM 1134 H HG22 . ILE A 1 5 ? 6.301  1.336  -0.193 1.00 0.00 ? 5 ILE A HG22 12 
ATOM 1135 H HG23 . ILE A 1 5 ? 5.222  2.209  -1.314 1.00 0.00 ? 5 ILE A HG23 12 
ATOM 1136 H HD11 . ILE A 1 5 ? 6.246  -1.411 -1.564 1.00 0.00 ? 5 ILE A HD11 12 
ATOM 1137 H HD12 . ILE A 1 5 ? 4.735  -2.350 -1.543 1.00 0.00 ? 5 ILE A HD12 12 
ATOM 1138 H HD13 . ILE A 1 5 ? 6.045  -2.724 -0.409 1.00 0.00 ? 5 ILE A HD13 12 
ATOM 1139 N N    . THR A 1 6 ? 1.968  2.363  -0.864 1.00 0.00 ? 6 THR A N    12 
ATOM 1140 C CA   . THR A 1 6 ? 1.349  3.546  -1.477 1.00 0.00 ? 6 THR A CA   12 
ATOM 1141 C C    . THR A 1 6 ? -0.089 3.258  -1.962 1.00 0.00 ? 6 THR A C    12 
ATOM 1142 O O    . THR A 1 6 ? -0.995 4.034  -1.675 1.00 0.00 ? 6 THR A O    12 
ATOM 1143 C CB   . THR A 1 6 ? 2.216  4.140  -2.656 1.00 0.00 ? 6 THR A CB   12 
ATOM 1144 O OG1  . THR A 1 6 ? 1.428  5.143  -3.327 1.00 0.00 ? 6 THR A OG1  12 
ATOM 1145 C CG2  . THR A 1 6 ? 2.705  3.066  -3.685 1.00 0.00 ? 6 THR A CG2  12 
ATOM 1146 H H    . THR A 1 6 ? 1.578  1.473  -1.054 1.00 0.00 ? 6 THR A H    12 
ATOM 1147 H HA   . THR A 1 6 ? 1.294  4.317  -0.711 1.00 0.00 ? 6 THR A HA   12 
ATOM 1148 H HB   . THR A 1 6 ? 3.101  4.619  -2.222 1.00 0.00 ? 6 THR A HB   12 
ATOM 1149 H HG1  . THR A 1 6 ? 1.675  6.019  -3.015 1.00 0.00 ? 6 THR A HG1  12 
ATOM 1150 H HG21 . THR A 1 6 ? 3.283  3.572  -4.462 1.00 0.00 ? 6 THR A HG21 12 
ATOM 1151 H HG22 . THR A 1 6 ? 1.842  2.593  -4.162 1.00 0.00 ? 6 THR A HG22 12 
ATOM 1152 H HG23 . THR A 1 6 ? 3.333  2.309  -3.210 1.00 0.00 ? 6 THR A HG23 12 
ATOM 1153 N N    . ASP A 1 7 ? -0.293 2.151  -2.669 1.00 0.00 ? 7 ASP A N    12 
ATOM 1154 C CA   . ASP A 1 7 ? -1.626 1.793  -3.204 1.00 0.00 ? 7 ASP A CA   12 
ATOM 1155 C C    . ASP A 1 7 ? -2.377 0.819  -2.301 1.00 0.00 ? 7 ASP A C    12 
ATOM 1156 O O    . ASP A 1 7 ? -3.063 -0.092 -2.743 1.00 0.00 ? 7 ASP A O    12 
ATOM 1157 C CB   . ASP A 1 7 ? -1.441 1.203  -4.597 1.00 0.00 ? 7 ASP A CB   12 
ATOM 1158 C CG   . ASP A 1 7 ? -1.034 2.281  -5.601 1.00 0.00 ? 7 ASP A CG   12 
ATOM 1159 O OD1  . ASP A 1 7 ? 0.030  2.126  -6.223 1.00 0.00 ? 7 ASP A OD1  12 
ATOM 1160 O OD2  . ASP A 1 7 ? -1.838 3.258  -5.769 1.00 0.00 ? 7 ASP A OD2  12 
ATOM 1161 H H    . ASP A 1 7 ? 0.471  1.536  -2.889 1.00 0.00 ? 7 ASP A H    12 
ATOM 1162 H HA   . ASP A 1 7 ? -2.221 2.724  -3.292 1.00 0.00 ? 7 ASP A HA   12 
ATOM 1163 H HB2  . ASP A 1 7 ? -0.637 0.443  -4.553 1.00 0.00 ? 7 ASP A HB2  12 
ATOM 1164 H HB3  . ASP A 1 7 ? -2.362 0.729  -4.926 1.00 0.00 ? 7 ASP A HB3  12 
ATOM 1165 N N    . GLY A 1 1 ? -2.594 1.503  -0.571 1.00 0.00 ? 1 GLY A N    13 
ATOM 1166 C CA   . GLY A 1 1 ? -2.769 0.205  0.053  1.00 0.00 ? 1 GLY A CA   13 
ATOM 1167 C C    . GLY A 1 1 ? -1.604 -0.650 -0.397 1.00 0.00 ? 1 GLY A C    13 
ATOM 1168 O O    . GLY A 1 1 ? -0.483 -0.248 -0.238 1.00 0.00 ? 1 GLY A O    13 
ATOM 1169 H H1   . GLY A 1 1 ? -2.041 2.205  -0.124 1.00 0.00 ? 1 GLY A H1   13 
ATOM 1170 H HA2  . GLY A 1 1 ? -2.785 0.266  1.149  1.00 0.00 ? 1 GLY A HA2  13 
ATOM 1171 H HA3  . GLY A 1 1 ? -3.680 -0.264 -0.317 1.00 0.00 ? 1 GLY A HA3  13 
ATOM 1172 N N    . LEU A 1 2 ? -1.875 -1.831 -0.947 1.00 0.00 ? 2 LEU A N    13 
ATOM 1173 C CA   . LEU A 1 2 ? -0.824 -2.711 -1.479 1.00 0.00 ? 2 LEU A CA   13 
ATOM 1174 C C    . LEU A 1 2 ? 0.348  -2.914 -0.498 1.00 0.00 ? 2 LEU A C    13 
ATOM 1175 O O    . LEU A 1 2 ? 1.431  -2.369 -0.667 1.00 0.00 ? 2 LEU A O    13 
ATOM 1176 C CB   . LEU A 1 2 ? -0.360 -2.199 -2.845 1.00 0.00 ? 2 LEU A CB   13 
ATOM 1177 C CG   . LEU A 1 2 ? -1.450 -2.135 -3.949 1.00 0.00 ? 2 LEU A CG   13 
ATOM 1178 C CD1  . LEU A 1 2 ? -0.758 -1.614 -5.255 1.00 0.00 ? 2 LEU A CD1  13 
ATOM 1179 C CD2  . LEU A 1 2 ? -2.117 -3.468 -4.247 1.00 0.00 ? 2 LEU A CD2  13 
ATOM 1180 H H    . LEU A 1 2 ? -2.810 -2.113 -1.052 1.00 0.00 ? 2 LEU A H    13 
ATOM 1181 H HA   . LEU A 1 2 ? -1.267 -3.676 -1.627 1.00 0.00 ? 2 LEU A HA   13 
ATOM 1182 H HB2  . LEU A 1 2 ? 0.051  -1.203 -2.712 1.00 0.00 ? 2 LEU A HB2  13 
ATOM 1183 H HB3  . LEU A 1 2 ? 0.461  -2.848 -3.223 1.00 0.00 ? 2 LEU A HB3  13 
ATOM 1184 H HG   . LEU A 1 2 ? -2.224 -1.422 -3.636 1.00 0.00 ? 2 LEU A HG   13 
ATOM 1185 H HD11 . LEU A 1 2 ? -1.506 -1.524 -6.070 1.00 0.00 ? 2 LEU A HD11 13 
ATOM 1186 H HD12 . LEU A 1 2 ? 0.036  -2.303 -5.565 1.00 0.00 ? 2 LEU A HD12 13 
ATOM 1187 H HD13 . LEU A 1 2 ? -0.319 -0.625 -5.070 1.00 0.00 ? 2 LEU A HD13 13 
ATOM 1188 H HD21 . LEU A 1 2 ? -2.682 -3.824 -3.374 1.00 0.00 ? 2 LEU A HD21 13 
ATOM 1189 H HD22 . LEU A 1 2 ? -1.365 -4.207 -4.533 1.00 0.00 ? 2 LEU A HD22 13 
ATOM 1190 H HD23 . LEU A 1 2 ? -2.818 -3.344 -5.082 1.00 0.00 ? 2 LEU A HD23 13 
ATOM 1191 N N    . LEU A 1 3 ? 0.091  -3.679 0.537  1.00 0.00 ? 3 LEU A N    13 
ATOM 1192 C CA   . LEU A 1 3 ? 1.049  -3.962 1.636  1.00 0.00 ? 3 LEU A CA   13 
ATOM 1193 C C    . LEU A 1 3 ? 1.412  -2.715 2.473  1.00 0.00 ? 3 LEU A C    13 
ATOM 1194 O O    . LEU A 1 3 ? 2.263  -2.721 3.332  1.00 0.00 ? 3 LEU A O    13 
ATOM 1195 C CB   . LEU A 1 3 ? 2.322  -4.668 1.115  1.00 0.00 ? 3 LEU A CB   13 
ATOM 1196 C CG   . LEU A 1 3 ? 2.403  -6.170 1.363  1.00 0.00 ? 3 LEU A CG   13 
ATOM 1197 C CD1  . LEU A 1 3 ? 1.160  -6.909 0.773  1.00 0.00 ? 3 LEU A CD1  13 
ATOM 1198 C CD2  . LEU A 1 3 ? 3.670  -6.746 0.787  1.00 0.00 ? 3 LEU A CD2  13 
ATOM 1199 H H    . LEU A 1 3 ? -0.818 -4.129 0.610  1.00 0.00 ? 3 LEU A H    13 
ATOM 1200 H HA   . LEU A 1 3 ? 0.555  -4.656 2.316  1.00 0.00 ? 3 LEU A HA   13 
ATOM 1201 H HB2  . LEU A 1 3 ? 2.390  -4.496 0.059  1.00 0.00 ? 3 LEU A HB2  13 
ATOM 1202 H HB3  . LEU A 1 3 ? 3.187  -4.196 1.600  1.00 0.00 ? 3 LEU A HB3  13 
ATOM 1203 H HG   . LEU A 1 3 ? 2.417  -6.346 2.433  1.00 0.00 ? 3 LEU A HG   13 
ATOM 1204 H HD11 . LEU A 1 3 ? 1.059  -6.628 -0.262 1.00 0.00 ? 3 LEU A HD11 13 
ATOM 1205 H HD12 . LEU A 1 3 ? 0.270  -6.592 1.331  1.00 0.00 ? 3 LEU A HD12 13 
ATOM 1206 H HD13 . LEU A 1 3 ? 1.289  -7.982 0.849  1.00 0.00 ? 3 LEU A HD13 13 
ATOM 1207 H HD21 . LEU A 1 3 ? 4.521  -6.213 1.181  1.00 0.00 ? 3 LEU A HD21 13 
ATOM 1208 H HD22 . LEU A 1 3 ? 3.657  -6.654 -0.299 1.00 0.00 ? 3 LEU A HD22 13 
ATOM 1209 H HD23 . LEU A 1 3 ? 3.759  -7.803 1.041  1.00 0.00 ? 3 LEU A HD23 13 
ATOM 1210 N N    . GLY A 1 4 ? 0.709  -1.617 2.178  1.00 0.00 ? 4 GLY A N    13 
ATOM 1211 C CA   . GLY A 1 4 ? 0.889  -0.390 2.935  1.00 0.00 ? 4 GLY A CA   13 
ATOM 1212 C C    . GLY A 1 4 ? 1.955  0.494  2.317  1.00 0.00 ? 4 GLY A C    13 
ATOM 1213 O O    . GLY A 1 4 ? 2.503  1.394  2.975  1.00 0.00 ? 4 GLY A O    13 
ATOM 1214 H H    . GLY A 1 4 ? 0.050  -1.616 1.420  1.00 0.00 ? 4 GLY A H    13 
ATOM 1215 H HA2  . GLY A 1 4 ? -0.050 0.160  2.921  1.00 0.00 ? 4 GLY A HA2  13 
ATOM 1216 H HA3  . GLY A 1 4 ? 1.149  -0.663 3.955  1.00 0.00 ? 4 GLY A HA3  13 
ATOM 1217 N N    . ILE A 1 5 ? 2.246  0.251  1.038  1.00 0.00 ? 5 ILE A N    13 
ATOM 1218 C CA   . ILE A 1 5 ? 3.292  0.979  0.291  1.00 0.00 ? 5 ILE A CA   13 
ATOM 1219 C C    . ILE A 1 5 ? 2.739  2.157  -0.490 1.00 0.00 ? 5 ILE A C    13 
ATOM 1220 O O    . ILE A 1 5 ? 3.240  3.268  -0.370 1.00 0.00 ? 5 ILE A O    13 
ATOM 1221 C CB   . ILE A 1 5 ? 4.077  -0.024 -0.656 1.00 0.00 ? 5 ILE A CB   13 
ATOM 1222 C CG1  . ILE A 1 5 ? 4.572  -1.237 0.146  1.00 0.00 ? 5 ILE A CG1  13 
ATOM 1223 C CG2  . ILE A 1 5 ? 5.257  0.691  -1.330 1.00 0.00 ? 5 ILE A CG2  13 
ATOM 1224 C CD1  . ILE A 1 5 ? 5.059  -2.398 -0.724 1.00 0.00 ? 5 ILE A CD1  13 
ATOM 1225 H H    . ILE A 1 5 ? 1.785  -0.485 0.548  1.00 0.00 ? 5 ILE A H    13 
ATOM 1226 H HA   . ILE A 1 5 ? 4.002  1.366  1.005  1.00 0.00 ? 5 ILE A HA   13 
ATOM 1227 H HB   . ILE A 1 5 ? 3.402  -0.373 -1.443 1.00 0.00 ? 5 ILE A HB   13 
ATOM 1228 H HG12 . ILE A 1 5 ? 5.382  -0.919 0.822  1.00 0.00 ? 5 ILE A HG12 13 
ATOM 1229 H HG13 . ILE A 1 5 ? 3.781  -1.655 0.740  1.00 0.00 ? 5 ILE A HG13 13 
ATOM 1230 H HG21 . ILE A 1 5 ? 6.054  0.842  -0.606 1.00 0.00 ? 5 ILE A HG21 13 
ATOM 1231 H HG22 . ILE A 1 5 ? 4.935  1.655  -1.735 1.00 0.00 ? 5 ILE A HG22 13 
ATOM 1232 H HG23 . ILE A 1 5 ? 5.640  0.083  -2.154 1.00 0.00 ? 5 ILE A HG23 13 
ATOM 1233 H HD11 . ILE A 1 5 ? 5.944  -2.107 -1.304 1.00 0.00 ? 5 ILE A HD11 13 
ATOM 1234 H HD12 . ILE A 1 5 ? 4.272  -2.689 -1.415 1.00 0.00 ? 5 ILE A HD12 13 
ATOM 1235 H HD13 . ILE A 1 5 ? 5.293  -3.262 -0.087 1.00 0.00 ? 5 ILE A HD13 13 
ATOM 1236 N N    . THR A 1 6 ? 1.691  1.909  -1.264 1.00 0.00 ? 6 THR A N    13 
ATOM 1237 C CA   . THR A 1 6 ? 1.100  2.930  -2.165 1.00 0.00 ? 6 THR A CA   13 
ATOM 1238 C C    . THR A 1 6 ? -0.347 2.499  -2.503 1.00 0.00 ? 6 THR A C    13 
ATOM 1239 O O    . THR A 1 6 ? -0.531 1.398  -2.999 1.00 0.00 ? 6 THR A O    13 
ATOM 1240 C CB   . THR A 1 6 ? 1.916  3.030  -3.491 1.00 0.00 ? 6 THR A CB   13 
ATOM 1241 O OG1  . THR A 1 6 ? 2.510  1.756  -3.798 1.00 0.00 ? 6 THR A OG1  13 
ATOM 1242 C CG2  . THR A 1 6 ? 3.037  4.081  -3.441 1.00 0.00 ? 6 THR A CG2  13 
ATOM 1243 H H    . THR A 1 6 ? 1.293  1.000  -1.276 1.00 0.00 ? 6 THR A H    13 
ATOM 1244 H HA   . THR A 1 6 ? 1.074  3.891  -1.656 1.00 0.00 ? 6 THR A HA   13 
ATOM 1245 H HB   . THR A 1 6 ? 1.221  3.296  -4.284 1.00 0.00 ? 6 THR A HB   13 
ATOM 1246 H HG1  . THR A 1 6 ? 1.796  1.114  -3.837 1.00 0.00 ? 6 THR A HG1  13 
ATOM 1247 H HG21 . THR A 1 6 ? 3.494  4.124  -4.423 1.00 0.00 ? 6 THR A HG21 13 
ATOM 1248 H HG22 . THR A 1 6 ? 3.798  3.771  -2.718 1.00 0.00 ? 6 THR A HG22 13 
ATOM 1249 H HG23 . THR A 1 6 ? 2.630  5.058  -3.190 1.00 0.00 ? 6 THR A HG23 13 
ATOM 1250 N N    . ASP A 1 7 ? -1.319 3.358  -2.208 1.00 0.00 ? 7 ASP A N    13 
ATOM 1251 C CA   . ASP A 1 7 ? -2.774 3.086  -2.384 1.00 0.00 ? 7 ASP A CA   13 
ATOM 1252 C C    . ASP A 1 7 ? -3.166 1.746  -1.734 1.00 0.00 ? 7 ASP A C    13 
ATOM 1253 O O    . ASP A 1 7 ? -3.912 0.962  -2.269 1.00 0.00 ? 7 ASP A O    13 
ATOM 1254 C CB   . ASP A 1 7 ? -3.121 3.122  -3.853 1.00 0.00 ? 7 ASP A CB   13 
ATOM 1255 C CG   . ASP A 1 7 ? -4.648 3.140  -4.116 1.00 0.00 ? 7 ASP A CG   13 
ATOM 1256 O OD1  . ASP A 1 7 ? -5.116 2.370  -4.979 1.00 0.00 ? 7 ASP A OD1  13 
ATOM 1257 O OD2  . ASP A 1 7 ? -5.359 3.941  -3.453 1.00 0.00 ? 7 ASP A OD2  13 
ATOM 1258 H H    . ASP A 1 7 ? -1.064 4.267  -1.835 1.00 0.00 ? 7 ASP A H    13 
ATOM 1259 H HA   . ASP A 1 7 ? -3.337 3.877  -1.872 1.00 0.00 ? 7 ASP A HA   13 
ATOM 1260 H HB2  . ASP A 1 7 ? -2.642 3.998  -4.317 1.00 0.00 ? 7 ASP A HB2  13 
ATOM 1261 H HB3  . ASP A 1 7 ? -2.690 2.219  -4.296 1.00 0.00 ? 7 ASP A HB3  13 
ATOM 1262 N N    . GLY A 1 1 ? -1.557 0.740  -0.864 1.00 0.00 ? 1 GLY A N    14 
ATOM 1263 C CA   . GLY A 1 1 ? -2.162 0.491  0.408  1.00 0.00 ? 1 GLY A CA   14 
ATOM 1264 C C    . GLY A 1 1 ? -2.462 -0.987 0.666  1.00 0.00 ? 1 GLY A C    14 
ATOM 1265 O O    . GLY A 1 1 ? -2.810 -1.365 1.768  1.00 0.00 ? 1 GLY A O    14 
ATOM 1266 H H1   . GLY A 1 1 ? -0.583 0.856  -0.914 1.00 0.00 ? 1 GLY A H1   14 
ATOM 1267 H HA2  . GLY A 1 1 ? -1.459 0.816  1.168  1.00 0.00 ? 1 GLY A HA2  14 
ATOM 1268 H HA3  . GLY A 1 1 ? -3.097 1.035  0.523  1.00 0.00 ? 1 GLY A HA3  14 
ATOM 1269 N N    . LEU A 1 2 ? -2.293 -1.824 -0.339 1.00 0.00 ? 2 LEU A N    14 
ATOM 1270 C CA   . LEU A 1 2 ? -2.469 -3.285 -0.186 1.00 0.00 ? 2 LEU A CA   14 
ATOM 1271 C C    . LEU A 1 2 ? -1.340 -3.814 0.700  1.00 0.00 ? 2 LEU A C    14 
ATOM 1272 O O    . LEU A 1 2 ? -1.605 -4.536 1.644  1.00 0.00 ? 2 LEU A O    14 
ATOM 1273 C CB   . LEU A 1 2 ? -2.451 -3.978 -1.579 1.00 0.00 ? 2 LEU A CB   14 
ATOM 1274 C CG   . LEU A 1 2 ? -3.849 -4.307 -2.180 1.00 0.00 ? 2 LEU A CG   14 
ATOM 1275 C CD1  . LEU A 1 2 ? -4.555 -3.087 -2.681 1.00 0.00 ? 2 LEU A CD1  14 
ATOM 1276 C CD2  . LEU A 1 2 ? -3.711 -5.330 -3.310 1.00 0.00 ? 2 LEU A CD2  14 
ATOM 1277 H H    . LEU A 1 2 ? -2.049 -1.475 -1.219 1.00 0.00 ? 2 LEU A H    14 
ATOM 1278 H HA   . LEU A 1 2 ? -3.428 -3.513 0.292  1.00 0.00 ? 2 LEU A HA   14 
ATOM 1279 H HB2  . LEU A 1 2 ? -1.882 -3.403 -2.304 1.00 0.00 ? 2 LEU A HB2  14 
ATOM 1280 H HB3  . LEU A 1 2 ? -1.948 -4.924 -1.472 1.00 0.00 ? 2 LEU A HB3  14 
ATOM 1281 H HG   . LEU A 1 2 ? -4.447 -4.730 -1.388 1.00 0.00 ? 2 LEU A HG   14 
ATOM 1282 H HD11 . LEU A 1 2 ? -4.823 -2.432 -1.856 1.00 0.00 ? 2 LEU A HD11 14 
ATOM 1283 H HD12 . LEU A 1 2 ? -5.465 -3.383 -3.206 1.00 0.00 ? 2 LEU A HD12 14 
ATOM 1284 H HD13 . LEU A 1 2 ? -3.897 -2.527 -3.376 1.00 0.00 ? 2 LEU A HD13 14 
ATOM 1285 H HD21 . LEU A 1 2 ? -4.685 -5.669 -3.631 1.00 0.00 ? 2 LEU A HD21 14 
ATOM 1286 H HD22 . LEU A 1 2 ? -3.137 -6.179 -2.968 1.00 0.00 ? 2 LEU A HD22 14 
ATOM 1287 H HD23 . LEU A 1 2 ? -3.174 -4.888 -4.168 1.00 0.00 ? 2 LEU A HD23 14 
ATOM 1288 N N    . LEU A 1 3 ? -0.119 -3.406 0.418  1.00 0.00 ? 3 LEU A N    14 
ATOM 1289 C CA   . LEU A 1 3 ? 1.035  -3.825 1.220  1.00 0.00 ? 3 LEU A CA   14 
ATOM 1290 C C    . LEU A 1 3 ? 1.425  -2.666 2.125  1.00 0.00 ? 3 LEU A C    14 
ATOM 1291 O O    . LEU A 1 3 ? 2.515  -2.633 2.713  1.00 0.00 ? 3 LEU A O    14 
ATOM 1292 C CB   . LEU A 1 3 ? 2.205  -4.235 0.289  1.00 0.00 ? 3 LEU A CB   14 
ATOM 1293 C CG   . LEU A 1 3 ? 1.917  -5.433 -0.639 1.00 0.00 ? 3 LEU A CG   14 
ATOM 1294 C CD1  . LEU A 1 3 ? 2.970  -5.507 -1.765 1.00 0.00 ? 3 LEU A CD1  14 
ATOM 1295 C CD2  . LEU A 1 3 ? 1.899  -6.763 0.158  1.00 0.00 ? 3 LEU A CD2  14 
ATOM 1296 H H    . LEU A 1 3 ? 0.026  -2.835 -0.348 1.00 0.00 ? 3 LEU A H    14 
ATOM 1297 H HA   . LEU A 1 3 ? 0.771  -4.666 1.859  1.00 0.00 ? 3 LEU A HA   14 
ATOM 1298 H HB2  . LEU A 1 3 ? 2.492  -3.348 -0.272 1.00 0.00 ? 3 LEU A HB2  14 
ATOM 1299 H HB3  . LEU A 1 3 ? 3.086  -4.483 0.924  1.00 0.00 ? 3 LEU A HB3  14 
ATOM 1300 H HG   . LEU A 1 3 ? 0.939  -5.301 -1.100 1.00 0.00 ? 3 LEU A HG   14 
ATOM 1301 H HD11 . LEU A 1 3 ? 2.754  -6.387 -2.384 1.00 0.00 ? 3 LEU A HD11 14 
ATOM 1302 H HD12 . LEU A 1 3 ? 3.974  -5.578 -1.327 1.00 0.00 ? 3 LEU A HD12 14 
ATOM 1303 H HD13 . LEU A 1 3 ? 2.889  -4.605 -2.388 1.00 0.00 ? 3 LEU A HD13 14 
ATOM 1304 H HD21 . LEU A 1 3 ? 2.853  -6.874 0.701  1.00 0.00 ? 3 LEU A HD21 14 
ATOM 1305 H HD22 . LEU A 1 3 ? 1.789  -7.610 -0.545 1.00 0.00 ? 3 LEU A HD22 14 
ATOM 1306 H HD23 . LEU A 1 3 ? 1.050  -6.785 0.869  1.00 0.00 ? 3 LEU A HD23 14 
ATOM 1307 N N    . GLY A 1 4 ? 0.529  -1.684 2.226  1.00 0.00 ? 4 GLY A N    14 
ATOM 1308 C CA   . GLY A 1 4 ? 0.767  -0.455 3.002  1.00 0.00 ? 4 GLY A CA   14 
ATOM 1309 C C    . GLY A 1 4 ? 1.437  0.682  2.248  1.00 0.00 ? 4 GLY A C    14 
ATOM 1310 O O    . GLY A 1 4 ? 1.181  1.830  2.466  1.00 0.00 ? 4 GLY A O    14 
ATOM 1311 H H    . GLY A 1 4 ? -0.370 -1.790 1.735  1.00 0.00 ? 4 GLY A H    14 
ATOM 1312 H HA2  . GLY A 1 4 ? -0.223 -0.120 3.369  1.00 0.00 ? 4 GLY A HA2  14 
ATOM 1313 H HA3  . GLY A 1 4 ? 1.364  -0.675 3.861  1.00 0.00 ? 4 GLY A HA3  14 
ATOM 1314 N N    . ILE A 1 5 ? 2.306  0.360  1.318  1.00 0.00 ? 5 ILE A N    14 
ATOM 1315 C CA   . ILE A 1 5 ? 3.025  1.358  0.482  1.00 0.00 ? 5 ILE A CA   14 
ATOM 1316 C C    . ILE A 1 5 ? 2.156  1.710  -0.702 1.00 0.00 ? 5 ILE A C    14 
ATOM 1317 O O    . ILE A 1 5 ? 1.698  0.834  -1.395 1.00 0.00 ? 5 ILE A O    14 
ATOM 1318 C CB   . ILE A 1 5 ? 4.443  0.761  0.026  1.00 0.00 ? 5 ILE A CB   14 
ATOM 1319 C CG1  . ILE A 1 5 ? 5.325  0.531  1.274  1.00 0.00 ? 5 ILE A CG1  14 
ATOM 1320 C CG2  . ILE A 1 5 ? 5.108  1.724  -0.991 1.00 0.00 ? 5 ILE A CG2  14 
ATOM 1321 C CD1  . ILE A 1 5 ? 6.671  -0.175 0.980  1.00 0.00 ? 5 ILE A CD1  14 
ATOM 1322 H H    . ILE A 1 5 ? 2.474  -0.595 1.150  1.00 0.00 ? 5 ILE A H    14 
ATOM 1323 H HA   . ILE A 1 5 ? 3.207  2.277  1.050  1.00 0.00 ? 5 ILE A HA   14 
ATOM 1324 H HB   . ILE A 1 5 ? 4.299  -0.195 -0.466 1.00 0.00 ? 5 ILE A HB   14 
ATOM 1325 H HG12 . ILE A 1 5 ? 5.522  1.486  1.720  1.00 0.00 ? 5 ILE A HG12 14 
ATOM 1326 H HG13 . ILE A 1 5 ? 4.764  -0.075 2.007  1.00 0.00 ? 5 ILE A HG13 14 
ATOM 1327 H HG21 . ILE A 1 5 ? 4.439  1.873  -1.859 1.00 0.00 ? 5 ILE A HG21 14 
ATOM 1328 H HG22 . ILE A 1 5 ? 6.037  1.305  -1.343 1.00 0.00 ? 5 ILE A HG22 14 
ATOM 1329 H HG23 . ILE A 1 5 ? 5.295  2.708  -0.498 1.00 0.00 ? 5 ILE A HG23 14 
ATOM 1330 H HD11 . ILE A 1 5 ? 7.250  0.411  0.263  1.00 0.00 ? 5 ILE A HD11 14 
ATOM 1331 H HD12 . ILE A 1 5 ? 6.477  -1.173 0.561  1.00 0.00 ? 5 ILE A HD12 14 
ATOM 1332 H HD13 . ILE A 1 5 ? 7.210  -0.266 1.930  1.00 0.00 ? 5 ILE A HD13 14 
ATOM 1333 N N    . THR A 1 6 ? 1.963  3.017  -0.903 1.00 0.00 ? 6 THR A N    14 
ATOM 1334 C CA   . THR A 1 6 ? 1.208  3.668  -2.018 1.00 0.00 ? 6 THR A CA   14 
ATOM 1335 C C    . THR A 1 6 ? -0.176 3.106  -2.343 1.00 0.00 ? 6 THR A C    14 
ATOM 1336 O O    . THR A 1 6 ? -1.159 3.779  -2.125 1.00 0.00 ? 6 THR A O    14 
ATOM 1337 C CB   . THR A 1 6 ? 2.052  3.726  -3.305 1.00 0.00 ? 6 THR A CB   14 
ATOM 1338 O OG1  . THR A 1 6 ? 3.393  4.045  -2.956 1.00 0.00 ? 6 THR A OG1  14 
ATOM 1339 C CG2  . THR A 1 6 ? 1.527  4.841  -4.233 1.00 0.00 ? 6 THR A CG2  14 
ATOM 1340 H H    . THR A 1 6 ? 2.370  3.636  -0.252 1.00 0.00 ? 6 THR A H    14 
ATOM 1341 H HA   . THR A 1 6 ? 1.076  4.701  -1.694 1.00 0.00 ? 6 THR A HA   14 
ATOM 1342 H HB   . THR A 1 6 ? 2.016  2.767  -3.826 1.00 0.00 ? 6 THR A HB   14 
ATOM 1343 H HG1  . THR A 1 6 ? 3.934  4.024  -3.767 1.00 0.00 ? 6 THR A HG1  14 
ATOM 1344 H HG21 . THR A 1 6 ? 0.476  4.656  -4.477 1.00 0.00 ? 6 THR A HG21 14 
ATOM 1345 H HG22 . THR A 1 6 ? 2.097  4.818  -5.159 1.00 0.00 ? 6 THR A HG22 14 
ATOM 1346 H HG23 . THR A 1 6 ? 1.647  5.801  -3.755 1.00 0.00 ? 6 THR A HG23 14 
ATOM 1347 N N    . ASP A 1 7 ? -0.240 1.907  -2.879 1.00 0.00 ? 7 ASP A N    14 
ATOM 1348 C CA   . ASP A 1 7 ? -1.532 1.277  -3.260 1.00 0.00 ? 7 ASP A CA   14 
ATOM 1349 C C    . ASP A 1 7 ? -2.284 0.864  -1.968 1.00 0.00 ? 7 ASP A C    14 
ATOM 1350 O O    . ASP A 1 7 ? -3.472 0.699  -1.931 1.00 0.00 ? 7 ASP A O    14 
ATOM 1351 C CB   . ASP A 1 7 ? -1.284 0.010  -4.097 1.00 0.00 ? 7 ASP A CB   14 
ATOM 1352 C CG   . ASP A 1 7 ? -1.533 0.189  -5.583 1.00 0.00 ? 7 ASP A CG   14 
ATOM 1353 O OD1  . ASP A 1 7 ? -1.124 -0.722 -6.336 1.00 0.00 ? 7 ASP A OD1  14 
ATOM 1354 O OD2  . ASP A 1 7 ? -2.126 1.223  -5.987 1.00 0.00 ? 7 ASP A OD2  14 
ATOM 1355 H H    . ASP A 1 7 ? 0.630  1.406  -3.017 1.00 0.00 ? 7 ASP A H    14 
ATOM 1356 H HA   . ASP A 1 7 ? -2.119 1.981  -3.822 1.00 0.00 ? 7 ASP A HA   14 
ATOM 1357 H HB2  . ASP A 1 7 ? -0.267 -0.309 -3.945 1.00 0.00 ? 7 ASP A HB2  14 
ATOM 1358 H HB3  . ASP A 1 7 ? -1.951 -0.771 -3.750 1.00 0.00 ? 7 ASP A HB3  14 
ATOM 1359 N N    . GLY A 1 1 ? -2.189 1.079  -0.854 1.00 0.00 ? 1 GLY A N    15 
ATOM 1360 C CA   . GLY A 1 1 ? -2.614 -0.297 -0.787 1.00 0.00 ? 1 GLY A CA   15 
ATOM 1361 C C    . GLY A 1 1 ? -1.390 -1.168 -0.774 1.00 0.00 ? 1 GLY A C    15 
ATOM 1362 O O    . GLY A 1 1 ? -0.409 -0.792 -0.225 1.00 0.00 ? 1 GLY A O    15 
ATOM 1363 H H1   . GLY A 1 1 ? -1.209 1.287  -1.027 1.00 0.00 ? 1 GLY A H1   15 
ATOM 1364 H HA2  . GLY A 1 1 ? -3.229 -0.431 0.111  1.00 0.00 ? 1 GLY A HA2  15 
ATOM 1365 H HA3  . GLY A 1 1 ? -3.234 -0.552 -1.676 1.00 0.00 ? 1 GLY A HA3  15 
ATOM 1366 N N    . LEU A 1 2 ? -1.472 -2.339 -1.387 1.00 0.00 ? 2 LEU A N    15 
ATOM 1367 C CA   . LEU A 1 2 ? -0.344 -3.266 -1.554 1.00 0.00 ? 2 LEU A CA   15 
ATOM 1368 C C    . LEU A 1 2 ? 0.553  -3.393 -0.310 1.00 0.00 ? 2 LEU A C    15 
ATOM 1369 O O    . LEU A 1 2 ? 1.714  -3.178 -0.384 1.00 0.00 ? 2 LEU A O    15 
ATOM 1370 C CB   . LEU A 1 2 ? 0.504  -2.862 -2.788 1.00 0.00 ? 2 LEU A CB   15 
ATOM 1371 C CG   . LEU A 1 2 ? -0.177 -2.914 -4.166 1.00 0.00 ? 2 LEU A CG   15 
ATOM 1372 C CD1  . LEU A 1 2 ? 0.712  -2.260 -5.194 1.00 0.00 ? 2 LEU A CD1  15 
ATOM 1373 C CD2  . LEU A 1 2 ? -0.553 -4.359 -4.595 1.00 0.00 ? 2 LEU A CD2  15 
ATOM 1374 H H    . LEU A 1 2 ? -2.379 -2.621 -1.783 1.00 0.00 ? 2 LEU A H    15 
ATOM 1375 H HA   . LEU A 1 2 ? -0.743 -4.242 -1.754 1.00 0.00 ? 2 LEU A HA   15 
ATOM 1376 H HB2  . LEU A 1 2 ? 0.842  -1.851 -2.628 1.00 0.00 ? 2 LEU A HB2  15 
ATOM 1377 H HB3  . LEU A 1 2 ? 1.391  -3.504 -2.812 1.00 0.00 ? 2 LEU A HB3  15 
ATOM 1378 H HG   . LEU A 1 2 ? -1.102 -2.325 -4.139 1.00 0.00 ? 2 LEU A HG   15 
ATOM 1379 H HD11 . LEU A 1 2 ? 0.817  -1.190 -4.968 1.00 0.00 ? 2 LEU A HD11 15 
ATOM 1380 H HD12 . LEU A 1 2 ? 0.267  -2.354 -6.200 1.00 0.00 ? 2 LEU A HD12 15 
ATOM 1381 H HD13 . LEU A 1 2 ? 1.683  -2.724 -5.194 1.00 0.00 ? 2 LEU A HD13 15 
ATOM 1382 H HD21 . LEU A 1 2 ? -1.251 -4.791 -3.882 1.00 0.00 ? 2 LEU A HD21 15 
ATOM 1383 H HD22 . LEU A 1 2 ? 0.340  -4.965 -4.648 1.00 0.00 ? 2 LEU A HD22 15 
ATOM 1384 H HD23 . LEU A 1 2 ? -1.037 -4.328 -5.579 1.00 0.00 ? 2 LEU A HD23 15 
ATOM 1385 N N    . LEU A 1 3 ? -0.045 -3.810 0.806  1.00 0.00 ? 3 LEU A N    15 
ATOM 1386 C CA   . LEU A 1 3 ? 0.654  -4.003 2.078  1.00 0.00 ? 3 LEU A CA   15 
ATOM 1387 C C    . LEU A 1 3 ? 1.367  -2.720 2.611  1.00 0.00 ? 3 LEU A C    15 
ATOM 1388 O O    . LEU A 1 3 ? 2.298  -2.829 3.380  1.00 0.00 ? 3 LEU A O    15 
ATOM 1389 C CB   . LEU A 1 3 ? 1.668  -5.162 1.971  1.00 0.00 ? 3 LEU A CB   15 
ATOM 1390 C CG   . LEU A 1 3 ? 1.192  -6.547 1.468  1.00 0.00 ? 3 LEU A CG   15 
ATOM 1391 C CD1  . LEU A 1 3 ? 2.403  -7.463 1.327  1.00 0.00 ? 3 LEU A CD1  15 
ATOM 1392 C CD2  . LEU A 1 3 ? 0.150  -7.197 2.431  1.00 0.00 ? 3 LEU A CD2  15 
ATOM 1393 H H    . LEU A 1 3 ? -1.041 -4.027 0.803  1.00 0.00 ? 3 LEU A H    15 
ATOM 1394 H HA   . LEU A 1 3 ? -0.080 -4.286 2.809  1.00 0.00 ? 3 LEU A HA   15 
ATOM 1395 H HB2  . LEU A 1 3 ? 2.497  -4.833 1.348  1.00 0.00 ? 3 LEU A HB2  15 
ATOM 1396 H HB3  . LEU A 1 3 ? 2.060  -5.328 2.975  1.00 0.00 ? 3 LEU A HB3  15 
ATOM 1397 H HG   . LEU A 1 3 ? 0.741  -6.436 0.489  1.00 0.00 ? 3 LEU A HG   15 
ATOM 1398 H HD11 . LEU A 1 3 ? 2.076  -8.434 0.943  1.00 0.00 ? 3 LEU A HD11 15 
ATOM 1399 H HD12 . LEU A 1 3 ? 2.907  -7.598 2.281  1.00 0.00 ? 3 LEU A HD12 15 
ATOM 1400 H HD13 . LEU A 1 3 ? 3.096  -7.022 0.611  1.00 0.00 ? 3 LEU A HD13 15 
ATOM 1401 H HD21 . LEU A 1 3 ? -0.773 -6.634 2.420  1.00 0.00 ? 3 LEU A HD21 15 
ATOM 1402 H HD22 . LEU A 1 3 ? 0.535  -7.235 3.462  1.00 0.00 ? 3 LEU A HD22 15 
ATOM 1403 H HD23 . LEU A 1 3 ? -0.073 -8.200 2.109  1.00 0.00 ? 3 LEU A HD23 15 
ATOM 1404 N N    . GLY A 1 4 ? 0.896  -1.544 2.231  1.00 0.00 ? 4 GLY A N    15 
ATOM 1405 C CA   . GLY A 1 4 ? 1.408  -0.302 2.815  1.00 0.00 ? 4 GLY A CA   15 
ATOM 1406 C C    . GLY A 1 4 ? 2.172  0.557  1.826  1.00 0.00 ? 4 GLY A C    15 
ATOM 1407 O O    . GLY A 1 4 ? 2.742  1.599  2.178  1.00 0.00 ? 4 GLY A O    15 
ATOM 1408 H H    . GLY A 1 4 ? 0.119  -1.493 1.548  1.00 0.00 ? 4 GLY A H    15 
ATOM 1409 H HA2  . GLY A 1 4 ? 0.559  0.274  3.206  1.00 0.00 ? 4 GLY A HA2  15 
ATOM 1410 H HA3  . GLY A 1 4 ? 2.072  -0.530 3.654  1.00 0.00 ? 4 GLY A HA3  15 
ATOM 1411 N N    . ILE A 1 5 ? 2.199  0.131  0.564  1.00 0.00 ? 5 ILE A N    15 
ATOM 1412 C CA   . ILE A 1 5 ? 2.821  0.913  -0.512 1.00 0.00 ? 5 ILE A CA   15 
ATOM 1413 C C    . ILE A 1 5 ? 1.798  1.923  -1.066 1.00 0.00 ? 5 ILE A C    15 
ATOM 1414 O O    . ILE A 1 5 ? 0.848  1.526  -1.767 1.00 0.00 ? 5 ILE A O    15 
ATOM 1415 C CB   . ILE A 1 5 ? 3.337  0.029  -1.667 1.00 0.00 ? 5 ILE A CB   15 
ATOM 1416 C CG1  . ILE A 1 5 ? 4.316  -1.024 -1.113 1.00 0.00 ? 5 ILE A CG1  15 
ATOM 1417 C CG2  . ILE A 1 5 ? 3.959  0.923  -2.728 1.00 0.00 ? 5 ILE A CG2  15 
ATOM 1418 C CD1  . ILE A 1 5 ? 4.755  -2.032 -2.207 1.00 0.00 ? 5 ILE A CD1  15 
ATOM 1419 H H    . ILE A 1 5 ? 1.753  -0.791 0.316  1.00 0.00 ? 5 ILE A H    15 
ATOM 1420 H HA   . ILE A 1 5 ? 3.655  1.464  -0.091 1.00 0.00 ? 5 ILE A HA   15 
ATOM 1421 H HB   . ILE A 1 5 ? 2.495  -0.480 -2.118 1.00 0.00 ? 5 ILE A HB   15 
ATOM 1422 H HG12 . ILE A 1 5 ? 5.184  -0.513 -0.688 1.00 0.00 ? 5 ILE A HG12 15 
ATOM 1423 H HG13 . ILE A 1 5 ? 3.828  -1.586 -0.333 1.00 0.00 ? 5 ILE A HG13 15 
ATOM 1424 H HG21 . ILE A 1 5 ? 4.684  1.610  -2.251 1.00 0.00 ? 5 ILE A HG21 15 
ATOM 1425 H HG22 . ILE A 1 5 ? 3.156  1.494  -3.206 1.00 0.00 ? 5 ILE A HG22 15 
ATOM 1426 H HG23 . ILE A 1 5 ? 4.449  0.313  -3.464 1.00 0.00 ? 5 ILE A HG23 15 
ATOM 1427 H HD11 . ILE A 1 5 ? 3.884  -2.438 -2.709 1.00 0.00 ? 5 ILE A HD11 15 
ATOM 1428 H HD12 . ILE A 1 5 ? 5.313  -2.854 -1.742 1.00 0.00 ? 5 ILE A HD12 15 
ATOM 1429 H HD13 . ILE A 1 5 ? 5.398  -1.510 -2.930 1.00 0.00 ? 5 ILE A HD13 15 
ATOM 1430 N N    . THR A 1 6 ? 2.032  3.203  -0.746 1.00 0.00 ? 6 THR A N    15 
ATOM 1431 C CA   . THR A 1 6 ? 1.191  4.375  -1.151 1.00 0.00 ? 6 THR A CA   15 
ATOM 1432 C C    . THR A 1 6 ? -0.250 4.302  -0.627 1.00 0.00 ? 6 THR A C    15 
ATOM 1433 O O    . THR A 1 6 ? -0.480 4.949  0.377  1.00 0.00 ? 6 THR A O    15 
ATOM 1434 C CB   . THR A 1 6 ? 1.227  4.654  -2.662 1.00 0.00 ? 6 THR A CB   15 
ATOM 1435 O OG1  . THR A 1 6 ? 2.608  4.653  -3.058 1.00 0.00 ? 6 THR A OG1  15 
ATOM 1436 C CG2  . THR A 1 6 ? 0.599  6.005  -3.001 1.00 0.00 ? 6 THR A CG2  15 
ATOM 1437 H H    . THR A 1 6 ? 2.821  3.401  -0.182 1.00 0.00 ? 6 THR A H    15 
ATOM 1438 H HA   . THR A 1 6 ? 1.626  5.239  -0.678 1.00 0.00 ? 6 THR A HA   15 
ATOM 1439 H HB   . THR A 1 6 ? 0.699  3.871  -3.201 1.00 0.00 ? 6 THR A HB   15 
ATOM 1440 H HG1  . THR A 1 6 ? 3.081  4.118  -2.445 1.00 0.00 ? 6 THR A HG1  15 
ATOM 1441 H HG21 . THR A 1 6 ? -0.406 6.066  -2.617 1.00 0.00 ? 6 THR A HG21 15 
ATOM 1442 H HG22 . THR A 1 6 ? 0.592  6.153  -4.072 1.00 0.00 ? 6 THR A HG22 15 
ATOM 1443 H HG23 . THR A 1 6 ? 1.195  6.813  -2.563 1.00 0.00 ? 6 THR A HG23 15 
ATOM 1444 N N    . ASP A 1 7 ? -1.152 3.569  -1.288 1.00 0.00 ? 7 ASP A N    15 
ATOM 1445 C CA   . ASP A 1 7 ? -2.554 3.494  -0.871 1.00 0.00 ? 7 ASP A CA   15 
ATOM 1446 C C    . ASP A 1 7 ? -3.070 2.067  -0.711 1.00 0.00 ? 7 ASP A C    15 
ATOM 1447 O O    . ASP A 1 7 ? -4.260 1.836  -0.496 1.00 0.00 ? 7 ASP A O    15 
ATOM 1448 C CB   . ASP A 1 7 ? -3.468 4.177  -1.888 1.00 0.00 ? 7 ASP A CB   15 
ATOM 1449 C CG   . ASP A 1 7 ? -3.305 5.671  -1.955 1.00 0.00 ? 7 ASP A CG   15 
ATOM 1450 O OD1  . ASP A 1 7 ? -3.345 6.171  -3.111 1.00 0.00 ? 7 ASP A OD1  15 
ATOM 1451 O OD2  . ASP A 1 7 ? -3.155 6.357  -0.940 1.00 0.00 ? 7 ASP A OD2  15 
ATOM 1452 H H    . ASP A 1 7 ? -0.865 3.040  -2.090 1.00 0.00 ? 7 ASP A H    15 
ATOM 1453 H HA   . ASP A 1 7 ? -2.682 3.992  0.088  1.00 0.00 ? 7 ASP A HA   15 
ATOM 1454 H HB2  . ASP A 1 7 ? -3.247 3.765  -2.872 1.00 0.00 ? 7 ASP A HB2  15 
ATOM 1455 H HB3  . ASP A 1 7 ? -4.516 3.968  -1.642 1.00 0.00 ? 7 ASP A HB3  15 
ATOM 1456 N N    . GLY A 1 1 ? -1.880 1.299  -0.519 1.00 0.00 ? 1 GLY A N    16 
ATOM 1457 C CA   . GLY A 1 1 ? -2.709 0.111  -0.811 1.00 0.00 ? 1 GLY A CA   16 
ATOM 1458 C C    . GLY A 1 1 ? -1.871 -1.141 -0.608 1.00 0.00 ? 1 GLY A C    16 
ATOM 1459 O O    . GLY A 1 1 ? -0.693 -1.066 -0.240 1.00 0.00 ? 1 GLY A O    16 
ATOM 1460 H H1   . GLY A 1 1 ? -0.921 1.311  -0.780 1.00 0.00 ? 1 GLY A H1   16 
ATOM 1461 H HA2  . GLY A 1 1 ? -3.580 0.092  -0.172 1.00 0.00 ? 1 GLY A HA2  16 
ATOM 1462 H HA3  . GLY A 1 1 ? -3.049 0.165  -1.868 1.00 0.00 ? 1 GLY A HA3  16 
ATOM 1463 N N    . LEU A 1 2 ? -2.457 -2.315 -0.870 1.00 0.00 ? 2 LEU A N    16 
ATOM 1464 C CA   . LEU A 1 2 ? -1.754 -3.618 -0.714 1.00 0.00 ? 2 LEU A CA   16 
ATOM 1465 C C    . LEU A 1 2 ? -1.026 -3.776 0.602  1.00 0.00 ? 2 LEU A C    16 
ATOM 1466 O O    . LEU A 1 2 ? -1.635 -3.916 1.640  1.00 0.00 ? 2 LEU A O    16 
ATOM 1467 C CB   . LEU A 1 2 ? -0.789 -3.806 -1.869 1.00 0.00 ? 2 LEU A CB   16 
ATOM 1468 C CG   . LEU A 1 2 ? -1.418 -3.810 -3.269 1.00 0.00 ? 2 LEU A CG   16 
ATOM 1469 C CD1  . LEU A 1 2 ? -0.296 -3.908 -4.341 1.00 0.00 ? 2 LEU A CD1  16 
ATOM 1470 C CD2  . LEU A 1 2 ? -2.364 -5.013 -3.469 1.00 0.00 ? 2 LEU A CD2  16 
ATOM 1471 H H    . LEU A 1 2 ? -3.398 -2.317 -1.174 1.00 0.00 ? 2 LEU A H    16 
ATOM 1472 H HA   . LEU A 1 2 ? -2.479 -4.426 -0.777 1.00 0.00 ? 2 LEU A HA   16 
ATOM 1473 H HB2  . LEU A 1 2 ? 0.001  -3.023 -1.858 1.00 0.00 ? 2 LEU A HB2  16 
ATOM 1474 H HB3  . LEU A 1 2 ? -0.319 -4.775 -1.732 1.00 0.00 ? 2 LEU A HB3  16 
ATOM 1475 H HG   . LEU A 1 2 ? -1.965 -2.867 -3.408 1.00 0.00 ? 2 LEU A HG   16 
ATOM 1476 H HD11 . LEU A 1 2 ? 0.384  -3.056 -4.263 1.00 0.00 ? 2 LEU A HD11 16 
ATOM 1477 H HD12 . LEU A 1 2 ? -0.735 -3.916 -5.341 1.00 0.00 ? 2 LEU A HD12 16 
ATOM 1478 H HD13 . LEU A 1 2 ? 0.267  -4.828 -4.190 1.00 0.00 ? 2 LEU A HD13 16 
ATOM 1479 H HD21 . LEU A 1 2 ? -3.192 -4.969 -2.776 1.00 0.00 ? 2 LEU A HD21 16 
ATOM 1480 H HD22 . LEU A 1 2 ? -1.810 -5.922 -3.297 1.00 0.00 ? 2 LEU A HD22 16 
ATOM 1481 H HD23 . LEU A 1 2 ? -2.740 -5.008 -4.489 1.00 0.00 ? 2 LEU A HD23 16 
ATOM 1482 N N    . LEU A 1 3 ? 0.329  -3.724 0.579  1.00 0.00 ? 3 LEU A N    16 
ATOM 1483 C CA   . LEU A 1 3 ? 1.124  -3.925 1.792  1.00 0.00 ? 3 LEU A CA   16 
ATOM 1484 C C    . LEU A 1 3 ? 1.324  -2.597 2.546  1.00 0.00 ? 3 LEU A C    16 
ATOM 1485 O O    . LEU A 1 3 ? 2.138  -2.541 3.478  1.00 0.00 ? 3 LEU A O    16 
ATOM 1486 C CB   . LEU A 1 3 ? 2.525  -4.506 1.444  1.00 0.00 ? 3 LEU A CB   16 
ATOM 1487 C CG   . LEU A 1 3 ? 2.648  -5.855 0.716  1.00 0.00 ? 3 LEU A CG   16 
ATOM 1488 C CD1  . LEU A 1 3 ? 2.943  -5.572 -0.786 1.00 0.00 ? 3 LEU A CD1  16 
ATOM 1489 C CD2  . LEU A 1 3 ? 3.773  -6.686 1.305  1.00 0.00 ? 3 LEU A CD2  16 
ATOM 1490 H H    . LEU A 1 3 ? 0.817  -3.572 -0.274 1.00 0.00 ? 3 LEU A H    16 
ATOM 1491 H HA   . LEU A 1 3 ? 0.594  -4.627 2.440  1.00 0.00 ? 3 LEU A HA   16 
ATOM 1492 H HB2  . LEU A 1 3 ? 3.052  -3.757 0.842  1.00 0.00 ? 3 LEU A HB2  16 
ATOM 1493 H HB3  . LEU A 1 3 ? 3.075  -4.593 2.359  1.00 0.00 ? 3 LEU A HB3  16 
ATOM 1494 H HG   . LEU A 1 3 ? 1.708  -6.406 0.811  1.00 0.00 ? 3 LEU A HG   16 
ATOM 1495 H HD11 . LEU A 1 3 ? 3.022  -6.516 -1.330 1.00 0.00 ? 3 LEU A HD11 16 
ATOM 1496 H HD12 . LEU A 1 3 ? 3.904  -5.038 -0.889 1.00 0.00 ? 3 LEU A HD12 16 
ATOM 1497 H HD13 . LEU A 1 3 ? 2.155  -4.987 -1.218 1.00 0.00 ? 3 LEU A HD13 16 
ATOM 1498 H HD21 . LEU A 1 3 ? 3.726  -7.681 0.884  1.00 0.00 ? 3 LEU A HD21 16 
ATOM 1499 H HD22 . LEU A 1 3 ? 3.629  -6.745 2.391  1.00 0.00 ? 3 LEU A HD22 16 
ATOM 1500 H HD23 . LEU A 1 3 ? 4.739  -6.228 1.065  1.00 0.00 ? 3 LEU A HD23 16 
ATOM 1501 N N    . GLY A 1 4 ? 0.574  -1.540 2.167  1.00 0.00 ? 4 GLY A N    16 
ATOM 1502 C CA   . GLY A 1 4 ? 0.732  -0.237 2.820  1.00 0.00 ? 4 GLY A CA   16 
ATOM 1503 C C    . GLY A 1 4 ? 1.664  0.648  1.995  1.00 0.00 ? 4 GLY A C    16 
ATOM 1504 O O    . GLY A 1 4 ? 2.064  1.732  2.386  1.00 0.00 ? 4 GLY A O    16 
ATOM 1505 H H    . GLY A 1 4 ? -0.118 -1.618 1.402  1.00 0.00 ? 4 GLY A H    16 
ATOM 1506 H HA2  . GLY A 1 4 ? -0.249 0.235  2.908  1.00 0.00 ? 4 GLY A HA2  16 
ATOM 1507 H HA3  . GLY A 1 4 ? 1.161  -0.389 3.817  1.00 0.00 ? 4 GLY A HA3  16 
ATOM 1508 N N    . ILE A 1 5 ? 1.989  0.160  0.815  1.00 0.00 ? 5 ILE A N    16 
ATOM 1509 C CA   . ILE A 1 5 ? 2.849  0.873  -0.114 1.00 0.00 ? 5 ILE A CA   16 
ATOM 1510 C C    . ILE A 1 5 ? 1.912  1.584  -1.058 1.00 0.00 ? 5 ILE A C    16 
ATOM 1511 O O    . ILE A 1 5 ? 0.987  0.962  -1.565 1.00 0.00 ? 5 ILE A O    16 
ATOM 1512 C CB   . ILE A 1 5 ? 3.842  -0.120 -0.847 1.00 0.00 ? 5 ILE A CB   16 
ATOM 1513 C CG1  . ILE A 1 5 ? 4.791  0.711  -1.731 1.00 0.00 ? 5 ILE A CG1  16 
ATOM 1514 C CG2  . ILE A 1 5 ? 3.060  -1.229 -1.594 1.00 0.00 ? 5 ILE A CG2  16 
ATOM 1515 C CD1  . ILE A 1 5 ? 5.975  -0.084 -2.366 1.00 0.00 ? 5 ILE A CD1  16 
ATOM 1516 H H    . ILE A 1 5 ? 1.576  -0.754 0.533  1.00 0.00 ? 5 ILE A H    16 
ATOM 1517 H HA   . ILE A 1 5 ? 3.440  1.617  0.433  1.00 0.00 ? 5 ILE A HA   16 
ATOM 1518 H HB   . ILE A 1 5 ? 4.468  -0.608 -0.080 1.00 0.00 ? 5 ILE A HB   16 
ATOM 1519 H HG12 . ILE A 1 5 ? 4.236  1.183  -2.534 1.00 0.00 ? 5 ILE A HG12 16 
ATOM 1520 H HG13 . ILE A 1 5 ? 5.207  1.512  -1.093 1.00 0.00 ? 5 ILE A HG13 16 
ATOM 1521 H HG21 . ILE A 1 5 ? 3.757  -1.962 -1.992 1.00 0.00 ? 5 ILE A HG21 16 
ATOM 1522 H HG22 . ILE A 1 5 ? 2.477  -0.812 -2.440 1.00 0.00 ? 5 ILE A HG22 16 
ATOM 1523 H HG23 . ILE A 1 5 ? 2.378  -1.763 -0.915 1.00 0.00 ? 5 ILE A HG23 16 
ATOM 1524 H HD11 . ILE A 1 5 ? 6.671  -0.392 -1.574 1.00 0.00 ? 5 ILE A HD11 16 
ATOM 1525 H HD12 . ILE A 1 5 ? 6.516  0.575  -3.061 1.00 0.00 ? 5 ILE A HD12 16 
ATOM 1526 H HD13 . ILE A 1 5 ? 5.633  -0.956 -2.892 1.00 0.00 ? 5 ILE A HD13 16 
ATOM 1527 N N    . THR A 1 6 ? 2.162  2.869  -1.297 1.00 0.00 ? 6 THR A N    16 
ATOM 1528 C CA   . THR A 1 6 ? 1.297  3.687  -2.146 1.00 0.00 ? 6 THR A CA   16 
ATOM 1529 C C    . THR A 1 6 ? -0.140 3.608  -1.676 1.00 0.00 ? 6 THR A C    16 
ATOM 1530 O O    . THR A 1 6 ? -1.073 3.613  -2.454 1.00 0.00 ? 6 THR A O    16 
ATOM 1531 C CB   . THR A 1 6 ? 1.378  3.204  -3.611 1.00 0.00 ? 6 THR A CB   16 
ATOM 1532 O OG1  . THR A 1 6 ? 2.687  2.689  -3.858 1.00 0.00 ? 6 THR A OG1  16 
ATOM 1533 C CG2  . THR A 1 6 ? 1.089  4.324  -4.597 1.00 0.00 ? 6 THR A CG2  16 
ATOM 1534 H H    . THR A 1 6 ? 2.974  3.311  -0.860 1.00 0.00 ? 6 THR A H    16 
ATOM 1535 H HA   . THR A 1 6 ? 1.627  4.725  -2.080 1.00 0.00 ? 6 THR A HA   16 
ATOM 1536 H HB   . THR A 1 6 ? 0.672  2.391  -3.755 1.00 0.00 ? 6 THR A HB   16 
ATOM 1537 H HG1  . THR A 1 6 ? 2.816  1.925  -3.292 1.00 0.00 ? 6 THR A HG1  16 
ATOM 1538 H HG21 . THR A 1 6 ? 1.559  5.251  -4.279 1.00 0.00 ? 6 THR A HG21 16 
ATOM 1539 H HG22 . THR A 1 6 ? 0.016  4.494  -4.674 1.00 0.00 ? 6 THR A HG22 16 
ATOM 1540 H HG23 . THR A 1 6 ? 1.459  4.077  -5.584 1.00 0.00 ? 6 THR A HG23 16 
ATOM 1541 N N    . ASP A 1 7 ? -0.273 3.597  -0.372 1.00 0.00 ? 7 ASP A N    16 
ATOM 1542 C CA   . ASP A 1 7 ? -1.545 3.553  0.350  1.00 0.00 ? 7 ASP A CA   16 
ATOM 1543 C C    . ASP A 1 7 ? -2.433 2.351  0.052  1.00 0.00 ? 7 ASP A C    16 
ATOM 1544 O O    . ASP A 1 7 ? -3.637 2.372  0.331  1.00 0.00 ? 7 ASP A O    16 
ATOM 1545 C CB   . ASP A 1 7 ? -2.325 4.878  0.140  1.00 0.00 ? 7 ASP A CB   16 
ATOM 1546 C CG   . ASP A 1 7 ? -1.488 6.094  0.444  1.00 0.00 ? 7 ASP A CG   16 
ATOM 1547 O OD1  . ASP A 1 7 ? -1.650 7.078  -0.331 1.00 0.00 ? 7 ASP A OD1  16 
ATOM 1548 O OD2  . ASP A 1 7 ? -0.702 6.090  1.410  1.00 0.00 ? 7 ASP A OD2  16 
ATOM 1549 H H    . ASP A 1 7 ? 0.564  3.626  0.210  1.00 0.00 ? 7 ASP A H    16 
ATOM 1550 H HA   . ASP A 1 7 ? -1.283 3.509  1.406  1.00 0.00 ? 7 ASP A HA   16 
ATOM 1551 H HB2  . ASP A 1 7 ? -2.685 4.909  -0.900 1.00 0.00 ? 7 ASP A HB2  16 
ATOM 1552 H HB3  . ASP A 1 7 ? -3.185 4.896  0.796  1.00 0.00 ? 7 ASP A HB3  16 
ATOM 1553 N N    . GLY A 1 1 ? -1.700 0.869  -1.602 1.00 0.00 ? 1 GLY A N    17 
ATOM 1554 C CA   . GLY A 1 1 ? -2.598 0.213  -0.658 1.00 0.00 ? 1 GLY A CA   17 
ATOM 1555 C C    . GLY A 1 1 ? -2.320 -1.272 -0.464 1.00 0.00 ? 1 GLY A C    17 
ATOM 1556 O O    . GLY A 1 1 ? -1.535 -1.917 -1.225 1.00 0.00 ? 1 GLY A O    17 
ATOM 1557 H H1   . GLY A 1 1 ? -0.910 1.368  -1.236 1.00 0.00 ? 1 GLY A H1   17 
ATOM 1558 H HA2  . GLY A 1 1 ? -2.544 0.726  0.285  1.00 0.00 ? 1 GLY A HA2  17 
ATOM 1559 H HA3  . GLY A 1 1 ? -3.596 0.309  -1.045 1.00 0.00 ? 1 GLY A HA3  17 
ATOM 1560 N N    . LEU A 1 2 ? -2.960 -1.833 0.611  1.00 0.00 ? 2 LEU A N    17 
ATOM 1561 C CA   . LEU A 1 2 ? -2.870 -3.272 0.989  1.00 0.00 ? 2 LEU A CA   17 
ATOM 1562 C C    . LEU A 1 2 ? -1.500 -3.835 1.449  1.00 0.00 ? 2 LEU A C    17 
ATOM 1563 O O    . LEU A 1 2 ? -1.434 -4.738 2.256  1.00 0.00 ? 2 LEU A O    17 
ATOM 1564 C CB   . LEU A 1 2 ? -3.399 -4.167 -0.162 1.00 0.00 ? 2 LEU A CB   17 
ATOM 1565 C CG   . LEU A 1 2 ? -3.967 -5.545 0.266  1.00 0.00 ? 2 LEU A CG   17 
ATOM 1566 C CD1  . LEU A 1 2 ? -5.262 -5.394 1.105  1.00 0.00 ? 2 LEU A CD1  17 
ATOM 1567 C CD2  . LEU A 1 2 ? -4.281 -6.376 -1.021 1.00 0.00 ? 2 LEU A CD2  17 
ATOM 1568 H H    . LEU A 1 2 ? -3.566 -1.248 1.190  1.00 0.00 ? 2 LEU A H    17 
ATOM 1569 H HA   . LEU A 1 2 ? -3.555 -3.412 1.809  1.00 0.00 ? 2 LEU A HA   17 
ATOM 1570 H HB2  . LEU A 1 2 ? -4.200 -3.616 -0.666 1.00 0.00 ? 2 LEU A HB2  17 
ATOM 1571 H HB3  . LEU A 1 2 ? -2.601 -4.333 -0.886 1.00 0.00 ? 2 LEU A HB3  17 
ATOM 1572 H HG   . LEU A 1 2 ? -3.228 -6.071 0.856  1.00 0.00 ? 2 LEU A HG   17 
ATOM 1573 H HD11 . LEU A 1 2 ? -5.671 -6.372 1.290  1.00 0.00 ? 2 LEU A HD11 17 
ATOM 1574 H HD12 . LEU A 1 2 ? -5.974 -4.805 0.539  1.00 0.00 ? 2 LEU A HD12 17 
ATOM 1575 H HD13 . LEU A 1 2 ? -5.035 -4.916 2.051  1.00 0.00 ? 2 LEU A HD13 17 
ATOM 1576 H HD21 . LEU A 1 2 ? -5.080 -5.885 -1.597 1.00 0.00 ? 2 LEU A HD21 17 
ATOM 1577 H HD22 . LEU A 1 2 ? -4.620 -7.366 -0.781 1.00 0.00 ? 2 LEU A HD22 17 
ATOM 1578 H HD23 . LEU A 1 2 ? -3.407 -6.479 -1.660 1.00 0.00 ? 2 LEU A HD23 17 
ATOM 1579 N N    . LEU A 1 3 ? -0.437 -3.291 0.887  1.00 0.00 ? 3 LEU A N    17 
ATOM 1580 C CA   . LEU A 1 3 ? 0.900  -3.739 1.201  1.00 0.00 ? 3 LEU A CA   17 
ATOM 1581 C C    . LEU A 1 3 ? 1.714  -2.851 2.101  1.00 0.00 ? 3 LEU A C    17 
ATOM 1582 O O    . LEU A 1 3 ? 2.888  -3.090 2.344  1.00 0.00 ? 3 LEU A O    17 
ATOM 1583 C CB   . LEU A 1 3 ? 1.660  -3.872 -0.137 1.00 0.00 ? 3 LEU A CB   17 
ATOM 1584 C CG   . LEU A 1 3 ? 1.034  -4.747 -1.245 1.00 0.00 ? 3 LEU A CG   17 
ATOM 1585 C CD1  . LEU A 1 3 ? 1.756  -4.586 -2.570 1.00 0.00 ? 3 LEU A CD1  17 
ATOM 1586 C CD2  . LEU A 1 3 ? 0.991  -6.239 -0.857 1.00 0.00 ? 3 LEU A CD2  17 
ATOM 1587 H H    . LEU A 1 3 ? -0.567 -2.532 0.211  1.00 0.00 ? 3 LEU A H    17 
ATOM 1588 H HA   . LEU A 1 3 ? 0.823  -4.727 1.644  1.00 0.00 ? 3 LEU A HA   17 
ATOM 1589 H HB2  . LEU A 1 3 ? 1.724  -2.860 -0.529 1.00 0.00 ? 3 LEU A HB2  17 
ATOM 1590 H HB3  . LEU A 1 3 ? 2.669  -4.227 0.059  1.00 0.00 ? 3 LEU A HB3  17 
ATOM 1591 H HG   . LEU A 1 3 ? 0.012  -4.405 -1.414 1.00 0.00 ? 3 LEU A HG   17 
ATOM 1592 H HD11 . LEU A 1 3 ? 1.107  -4.989 -3.352 1.00 0.00 ? 3 LEU A HD11 17 
ATOM 1593 H HD12 . LEU A 1 3 ? 2.703  -5.127 -2.549 1.00 0.00 ? 3 LEU A HD12 17 
ATOM 1594 H HD13 . LEU A 1 3 ? 1.915  -3.523 -2.785 1.00 0.00 ? 3 LEU A HD13 17 
ATOM 1595 H HD21 . LEU A 1 3 ? 0.354  -6.364 0.029  1.00 0.00 ? 3 LEU A HD21 17 
ATOM 1596 H HD22 . LEU A 1 3 ? 1.988  -6.607 -0.628 1.00 0.00 ? 3 LEU A HD22 17 
ATOM 1597 H HD23 . LEU A 1 3 ? 0.576  -6.830 -1.677 1.00 0.00 ? 3 LEU A HD23 17 
ATOM 1598 N N    . GLY A 1 4 ? 1.106  -1.773 2.615  1.00 0.00 ? 4 GLY A N    17 
ATOM 1599 C CA   . GLY A 1 4 ? 1.853  -0.830 3.425  1.00 0.00 ? 4 GLY A CA   17 
ATOM 1600 C C    . GLY A 1 4 ? 2.672  0.080  2.512  1.00 0.00 ? 4 GLY A C    17 
ATOM 1601 O O    . GLY A 1 4 ? 3.816  0.439  2.822  1.00 0.00 ? 4 GLY A O    17 
ATOM 1602 H H    . GLY A 1 4 ? 0.142  -1.616 2.454  1.00 0.00 ? 4 GLY A H    17 
ATOM 1603 H HA2  . GLY A 1 4 ? 1.178  -0.205 3.978  1.00 0.00 ? 4 GLY A HA2  17 
ATOM 1604 H HA3  . GLY A 1 4 ? 2.500  -1.380 4.109  1.00 0.00 ? 4 GLY A HA3  17 
ATOM 1605 N N    . ILE A 1 5 ? 2.078  0.465  1.409  1.00 0.00 ? 5 ILE A N    17 
ATOM 1606 C CA   . ILE A 1 5 ? 2.739  1.352  0.480  1.00 0.00 ? 5 ILE A CA   17 
ATOM 1607 C C    . ILE A 1 5 ? 1.582  2.136  -0.137 1.00 0.00 ? 5 ILE A C    17 
ATOM 1608 O O    . ILE A 1 5 ? 0.413  1.791  0.111  1.00 0.00 ? 5 ILE A O    17 
ATOM 1609 C CB   . ILE A 1 5 ? 3.548  0.510  -0.587 1.00 0.00 ? 5 ILE A CB   17 
ATOM 1610 C CG1  . ILE A 1 5 ? 4.557  1.441  -1.257 1.00 0.00 ? 5 ILE A CG1  17 
ATOM 1611 C CG2  . ILE A 1 5 ? 2.621  -0.196 -1.629 1.00 0.00 ? 5 ILE A CG2  17 
ATOM 1612 C CD1  . ILE A 1 5 ? 5.640  0.676  -2.056 1.00 0.00 ? 5 ILE A CD1  17 
ATOM 1613 H H    . ILE A 1 5 ? 1.138  0.193  1.201  1.00 0.00 ? 5 ILE A H    17 
ATOM 1614 H HA   . ILE A 1 5 ? 3.432  2.026  1.028  1.00 0.00 ? 5 ILE A HA   17 
ATOM 1615 H HB   . ILE A 1 5 ? 4.099  -0.256 -0.056 1.00 0.00 ? 5 ILE A HB   17 
ATOM 1616 H HG12 . ILE A 1 5 ? 4.034  2.157  -1.921 1.00 0.00 ? 5 ILE A HG12 17 
ATOM 1617 H HG13 . ILE A 1 5 ? 5.078  2.023  -0.500 1.00 0.00 ? 5 ILE A HG13 17 
ATOM 1618 H HG21 . ILE A 1 5 ? 3.213  -0.898 -2.218 1.00 0.00 ? 5 ILE A HG21 17 
ATOM 1619 H HG22 . ILE A 1 5 ? 2.217  0.525  -2.324 1.00 0.00 ? 5 ILE A HG22 17 
ATOM 1620 H HG23 . ILE A 1 5 ? 1.818  -0.732 -1.128 1.00 0.00 ? 5 ILE A HG23 17 
ATOM 1621 H HD11 . ILE A 1 5 ? 6.443  1.361  -2.377 1.00 0.00 ? 5 ILE A HD11 17 
ATOM 1622 H HD12 . ILE A 1 5 ? 5.219  0.156  -2.946 1.00 0.00 ? 5 ILE A HD12 17 
ATOM 1623 H HD13 . ILE A 1 5 ? 6.068  -0.069 -1.395 1.00 0.00 ? 5 ILE A HD13 17 
ATOM 1624 N N    . THR A 1 6 ? 1.882  3.171  -0.907 1.00 0.00 ? 6 THR A N    17 
ATOM 1625 C CA   . THR A 1 6 ? 0.817  4.079  -1.448 1.00 0.00 ? 6 THR A CA   17 
ATOM 1626 C C    . THR A 1 6 ? -0.184 3.442  -2.405 1.00 0.00 ? 6 THR A C    17 
ATOM 1627 O O    . THR A 1 6 ? -1.173 4.089  -2.723 1.00 0.00 ? 6 THR A O    17 
ATOM 1628 C CB   . THR A 1 6 ? 1.414  5.356  -2.166 1.00 0.00 ? 6 THR A CB   17 
ATOM 1629 O OG1  . THR A 1 6 ? 2.446  4.999  -3.074 1.00 0.00 ? 6 THR A OG1  17 
ATOM 1630 C CG2  . THR A 1 6 ? 2.015  6.289  -1.141 1.00 0.00 ? 6 THR A CG2  17 
ATOM 1631 H H    . THR A 1 6 ? 2.839  3.349  -1.155 1.00 0.00 ? 6 THR A H    17 
ATOM 1632 H HA   . THR A 1 6 ? 0.240  4.444  -0.590 1.00 0.00 ? 6 THR A HA   17 
ATOM 1633 H HB   . THR A 1 6 ? 0.632  5.882  -2.686 1.00 0.00 ? 6 THR A HB   17 
ATOM 1634 H HG1  . THR A 1 6 ? 2.084  4.499  -3.810 1.00 0.00 ? 6 THR A HG1  17 
ATOM 1635 H HG21 . THR A 1 6 ? 2.461  7.131  -1.664 1.00 0.00 ? 6 THR A HG21 17 
ATOM 1636 H HG22 . THR A 1 6 ? 2.746  5.768  -0.547 1.00 0.00 ? 6 THR A HG22 17 
ATOM 1637 H HG23 . THR A 1 6 ? 1.243  6.681  -0.480 1.00 0.00 ? 6 THR A HG23 17 
ATOM 1638 N N    . ASP A 1 7 ? 0.071  2.223  -2.843 1.00 0.00 ? 7 ASP A N    17 
ATOM 1639 C CA   . ASP A 1 7 ? -0.847 1.506  -3.743 1.00 0.00 ? 7 ASP A CA   17 
ATOM 1640 C C    . ASP A 1 7 ? -1.920 0.795  -2.923 1.00 0.00 ? 7 ASP A C    17 
ATOM 1641 O O    . ASP A 1 7 ? -2.882 0.191  -3.449 1.00 0.00 ? 7 ASP A O    17 
ATOM 1642 C CB   . ASP A 1 7 ? -0.077 0.463  -4.527 1.00 0.00 ? 7 ASP A CB   17 
ATOM 1643 C CG   . ASP A 1 7 ? 0.750  1.085  -5.638 1.00 0.00 ? 7 ASP A CG   17 
ATOM 1644 O OD1  . ASP A 1 7 ? 1.870  0.622  -5.849 1.00 0.00 ? 7 ASP A OD1  17 
ATOM 1645 O OD2  . ASP A 1 7 ? 0.266  1.998  -6.283 1.00 0.00 ? 7 ASP A OD2  17 
ATOM 1646 H H    . ASP A 1 7 ? 0.876  1.746  -2.569 1.00 0.00 ? 7 ASP A H    17 
ATOM 1647 H HA   . ASP A 1 7 ? -1.312 2.219  -4.436 1.00 0.00 ? 7 ASP A HA   17 
ATOM 1648 H HB2  . ASP A 1 7 ? 0.618  -0.077 -3.877 1.00 0.00 ? 7 ASP A HB2  17 
ATOM 1649 H HB3  . ASP A 1 7 ? -0.773 -0.265 -4.941 1.00 0.00 ? 7 ASP A HB3  17 
ATOM 1650 N N    . GLY A 1 1 ? -2.419 1.441  -0.995 1.00 0.00 ? 1 GLY A N    18 
ATOM 1651 C CA   . GLY A 1 1 ? -2.942 0.745  0.184  1.00 0.00 ? 1 GLY A CA   18 
ATOM 1652 C C    . GLY A 1 1 ? -2.429 -0.677 0.361  1.00 0.00 ? 1 GLY A C    18 
ATOM 1653 O O    . GLY A 1 1 ? -2.246 -1.201 1.473  1.00 0.00 ? 1 GLY A O    18 
ATOM 1654 H H1   . GLY A 1 1 ? -1.643 2.088  -0.882 1.00 0.00 ? 1 GLY A H1   18 
ATOM 1655 H HA2  . GLY A 1 1 ? -2.654 1.311  1.064  1.00 0.00 ? 1 GLY A HA2  18 
ATOM 1656 H HA3  . GLY A 1 1 ? -4.034 0.736  0.141  1.00 0.00 ? 1 GLY A HA3  18 
ATOM 1657 N N    . LEU A 1 2 ? -2.181 -1.356 -0.788 1.00 0.00 ? 2 LEU A N    18 
ATOM 1658 C CA   . LEU A 1 2 ? -1.627 -2.711 -0.828 1.00 0.00 ? 2 LEU A CA   18 
ATOM 1659 C C    . LEU A 1 2 ? -0.222 -2.719 -0.272 1.00 0.00 ? 2 LEU A C    18 
ATOM 1660 O O    . LEU A 1 2 ? 0.566  -1.828 -0.556 1.00 0.00 ? 2 LEU A O    18 
ATOM 1661 C CB   . LEU A 1 2 ? -1.565 -3.185 -2.285 1.00 0.00 ? 2 LEU A CB   18 
ATOM 1662 C CG   . LEU A 1 2 ? -2.932 -3.344 -2.976 1.00 0.00 ? 2 LEU A CG   18 
ATOM 1663 C CD1  . LEU A 1 2 ? -2.675 -3.692 -4.475 1.00 0.00 ? 2 LEU A CD1  18 
ATOM 1664 C CD2  . LEU A 1 2 ? -3.758 -4.489 -2.340 1.00 0.00 ? 2 LEU A CD2  18 
ATOM 1665 H H    . LEU A 1 2 ? -2.396 -0.915 -1.646 1.00 0.00 ? 2 LEU A H    18 
ATOM 1666 H HA   . LEU A 1 2 ? -2.251 -3.397 -0.241 1.00 0.00 ? 2 LEU A HA   18 
ATOM 1667 H HB2  . LEU A 1 2 ? -0.968 -2.488 -2.872 1.00 0.00 ? 2 LEU A HB2  18 
ATOM 1668 H HB3  . LEU A 1 2 ? -1.077 -4.147 -2.294 1.00 0.00 ? 2 LEU A HB3  18 
ATOM 1669 H HG   . LEU A 1 2 ? -3.505 -2.395 -2.918 1.00 0.00 ? 2 LEU A HG   18 
ATOM 1670 H HD11 . LEU A 1 2 ? -2.102 -4.613 -4.570 1.00 0.00 ? 2 LEU A HD11 18 
ATOM 1671 H HD12 . LEU A 1 2 ? -2.133 -2.871 -4.972 1.00 0.00 ? 2 LEU A HD12 18 
ATOM 1672 H HD13 . LEU A 1 2 ? -3.627 -3.821 -4.978 1.00 0.00 ? 2 LEU A HD13 18 
ATOM 1673 H HD21 . LEU A 1 2 ? -3.190 -5.410 -2.337 1.00 0.00 ? 2 LEU A HD21 18 
ATOM 1674 H HD22 . LEU A 1 2 ? -4.679 -4.614 -2.943 1.00 0.00 ? 2 LEU A HD22 18 
ATOM 1675 H HD23 . LEU A 1 2 ? -4.043 -4.219 -1.311 1.00 0.00 ? 2 LEU A HD23 18 
ATOM 1676 N N    . LEU A 1 3 ? 0.062  -3.723 0.567  1.00 0.00 ? 3 LEU A N    18 
ATOM 1677 C CA   . LEU A 1 3 ? 1.338  -3.864 1.310  1.00 0.00 ? 3 LEU A CA   18 
ATOM 1678 C C    . LEU A 1 3 ? 1.588  -2.603 2.184  1.00 0.00 ? 3 LEU A C    18 
ATOM 1679 O O    . LEU A 1 3 ? 2.674  -2.407 2.732  1.00 0.00 ? 3 LEU A O    18 
ATOM 1680 C CB   . LEU A 1 3 ? 2.542  -4.124 0.341  1.00 0.00 ? 3 LEU A CB   18 
ATOM 1681 C CG   . LEU A 1 3 ? 3.892  -4.659 0.872  1.00 0.00 ? 3 LEU A CG   18 
ATOM 1682 C CD1  . LEU A 1 3 ? 3.756  -6.067 1.462  1.00 0.00 ? 3 LEU A CD1  18 
ATOM 1683 C CD2  . LEU A 1 3 ? 4.902  -4.611 -0.223 1.00 0.00 ? 3 LEU A CD2  18 
ATOM 1684 H H    . LEU A 1 3 ? -0.632 -4.433 0.733  1.00 0.00 ? 3 LEU A H    18 
ATOM 1685 H HA   . LEU A 1 3 ? 1.237  -4.726 1.980  1.00 0.00 ? 3 LEU A HA   18 
ATOM 1686 H HB2  . LEU A 1 3 ? 2.198  -4.834 -0.399 1.00 0.00 ? 3 LEU A HB2  18 
ATOM 1687 H HB3  . LEU A 1 3 ? 2.743  -3.186 -0.189 1.00 0.00 ? 3 LEU A HB3  18 
ATOM 1688 H HG   . LEU A 1 3 ? 4.262  -4.011 1.660  1.00 0.00 ? 3 LEU A HG   18 
ATOM 1689 H HD11 . LEU A 1 3 ? 2.901  -6.094 2.142  1.00 0.00 ? 3 LEU A HD11 18 
ATOM 1690 H HD12 . LEU A 1 3 ? 4.657  -6.287 2.018  1.00 0.00 ? 3 LEU A HD12 18 
ATOM 1691 H HD13 . LEU A 1 3 ? 3.627  -6.800 0.633  1.00 0.00 ? 3 LEU A HD13 18 
ATOM 1692 H HD21 . LEU A 1 3 ? 5.894  -4.886 0.172  1.00 0.00 ? 3 LEU A HD21 18 
ATOM 1693 H HD22 . LEU A 1 3 ? 4.961  -3.608 -0.603 1.00 0.00 ? 3 LEU A HD22 18 
ATOM 1694 H HD23 . LEU A 1 3 ? 4.579  -5.283 -1.025 1.00 0.00 ? 3 LEU A HD23 18 
ATOM 1695 N N    . GLY A 1 4 ? 0.561  -1.754 2.303  1.00 0.00 ? 4 GLY A N    18 
ATOM 1696 C CA   . GLY A 1 4 ? 0.654  -0.537 3.082  1.00 0.00 ? 4 GLY A CA   18 
ATOM 1697 C C    . GLY A 1 4 ? 1.742  0.396  2.570  1.00 0.00 ? 4 GLY A C    18 
ATOM 1698 O O    . GLY A 1 4 ? 2.281  1.208  3.310  1.00 0.00 ? 4 GLY A O    18 
ATOM 1699 H H    . GLY A 1 4 ? -0.308 -1.948 1.827  1.00 0.00 ? 4 GLY A H    18 
ATOM 1700 H HA2  . GLY A 1 4 ? -0.312 -0.031 3.078  1.00 0.00 ? 4 GLY A HA2  18 
ATOM 1701 H HA3  . GLY A 1 4 ? 0.900  -0.816 4.112  1.00 0.00 ? 4 GLY A HA3  18 
ATOM 1702 N N    . ILE A 1 5 ? 2.109  0.282  1.287  1.00 0.00 ? 5 ILE A N    18 
ATOM 1703 C CA   . ILE A 1 5 ? 3.201  1.085  0.732  1.00 0.00 ? 5 ILE A CA   18 
ATOM 1704 C C    . ILE A 1 5 ? 2.765  2.096  -0.337 1.00 0.00 ? 5 ILE A C    18 
ATOM 1705 O O    . ILE A 1 5 ? 3.243  3.197  -0.331 1.00 0.00 ? 5 ILE A O    18 
ATOM 1706 C CB   . ILE A 1 5 ? 4.378  0.144  0.261  1.00 0.00 ? 5 ILE A CB   18 
ATOM 1707 C CG1  . ILE A 1 5 ? 5.639  0.969  -0.051 1.00 0.00 ? 5 ILE A CG1  18 
ATOM 1708 C CG2  . ILE A 1 5 ? 3.974  -0.731 -0.929 1.00 0.00 ? 5 ILE A CG2  18 
ATOM 1709 C CD1  . ILE A 1 5 ? 6.928  0.134  -0.272 1.00 0.00 ? 5 ILE A CD1  18 
ATOM 1710 H H    . ILE A 1 5 ? 1.668  -0.419 0.697  1.00 0.00 ? 5 ILE A H    18 
ATOM 1711 H HA   . ILE A 1 5 ? 3.613  1.678  1.548  1.00 0.00 ? 5 ILE A HA   18 
ATOM 1712 H HB   . ILE A 1 5 ? 4.616  -0.522 1.107  1.00 0.00 ? 5 ILE A HB   18 
ATOM 1713 H HG12 . ILE A 1 5 ? 5.450  1.563  -0.965 1.00 0.00 ? 5 ILE A HG12 18 
ATOM 1714 H HG13 . ILE A 1 5 ? 5.800  1.648  0.788  1.00 0.00 ? 5 ILE A HG13 18 
ATOM 1715 H HG21 . ILE A 1 5 ? 3.988  -0.126 -1.810 1.00 0.00 ? 5 ILE A HG21 18 
ATOM 1716 H HG22 . ILE A 1 5 ? 2.965  -1.145 -0.765 1.00 0.00 ? 5 ILE A HG22 18 
ATOM 1717 H HG23 . ILE A 1 5 ? 4.686  -1.558 -1.003 1.00 0.00 ? 5 ILE A HG23 18 
ATOM 1718 H HD11 . ILE A 1 5 ? 7.783  0.802  -0.347 1.00 0.00 ? 5 ILE A HD11 18 
ATOM 1719 H HD12 . ILE A 1 5 ? 6.857  -0.439 -1.206 1.00 0.00 ? 5 ILE A HD12 18 
ATOM 1720 H HD13 . ILE A 1 5 ? 7.081  -0.546 0.558  1.00 0.00 ? 5 ILE A HD13 18 
ATOM 1721 N N    . THR A 1 6 ? 1.818  1.729  -1.230 1.00 0.00 ? 6 THR A N    18 
ATOM 1722 C CA   . THR A 1 6 ? 1.367  2.638  -2.278 1.00 0.00 ? 6 THR A CA   18 
ATOM 1723 C C    . THR A 1 6 ? -0.151 2.781  -2.372 1.00 0.00 ? 6 THR A C    18 
ATOM 1724 O O    . THR A 1 6 ? -0.719 3.641  -1.705 1.00 0.00 ? 6 THR A O    18 
ATOM 1725 C CB   . THR A 1 6 ? 1.957  2.256  -3.672 1.00 0.00 ? 6 THR A CB   18 
ATOM 1726 O OG1  . THR A 1 6 ? 1.682  0.864  -3.942 1.00 0.00 ? 6 THR A OG1  18 
ATOM 1727 C CG2  . THR A 1 6 ? 3.459  2.430  -3.738 1.00 0.00 ? 6 THR A CG2  18 
ATOM 1728 H H    . THR A 1 6 ? 1.458  0.816  -1.208 1.00 0.00 ? 6 THR A H    18 
ATOM 1729 H HA   . THR A 1 6 ? 1.758  3.628  -2.028 1.00 0.00 ? 6 THR A HA   18 
ATOM 1730 H HB   . THR A 1 6 ? 1.503  2.888  -4.446 1.00 0.00 ? 6 THR A HB   18 
ATOM 1731 H HG1  . THR A 1 6 ? 1.779  0.706  -4.912 1.00 0.00 ? 6 THR A HG1  18 
ATOM 1732 H HG21 . THR A 1 6 ? 3.744  3.418  -3.357 1.00 0.00 ? 6 THR A HG21 18 
ATOM 1733 H HG22 . THR A 1 6 ? 3.793  2.336  -4.782 1.00 0.00 ? 6 THR A HG22 18 
ATOM 1734 H HG23 . THR A 1 6 ? 3.926  1.658  -3.134 1.00 0.00 ? 6 THR A HG23 18 
ATOM 1735 N N    . ASP A 1 7 ? -0.826 1.943  -3.175 1.00 0.00 ? 7 ASP A N    18 
ATOM 1736 C CA   . ASP A 1 7 ? -2.268 2.005  -3.351 1.00 0.00 ? 7 ASP A CA   18 
ATOM 1737 C C    . ASP A 1 7 ? -2.951 1.257  -2.201 1.00 0.00 ? 7 ASP A C    18 
ATOM 1738 O O    . ASP A 1 7 ? -3.921 0.526  -2.416 1.00 0.00 ? 7 ASP A O    18 
ATOM 1739 C CB   . ASP A 1 7 ? -2.692 1.445  -4.697 1.00 0.00 ? 7 ASP A CB   18 
ATOM 1740 C CG   . ASP A 1 7 ? -2.440 2.428  -5.842 1.00 0.00 ? 7 ASP A CG   18 
ATOM 1741 O OD1  . ASP A 1 7 ? -2.022 1.986  -6.958 1.00 0.00 ? 7 ASP A OD1  18 
ATOM 1742 O OD2  . ASP A 1 7 ? -2.681 3.674  -5.600 1.00 0.00 ? 7 ASP A OD2  18 
ATOM 1743 H H    . ASP A 1 7 ? -0.306 1.217  -3.687 1.00 0.00 ? 7 ASP A H    18 
ATOM 1744 H HA   . ASP A 1 7 ? -2.581 3.041  -3.303 1.00 0.00 ? 7 ASP A HA   18 
ATOM 1745 H HB2  . ASP A 1 7 ? -2.160 0.517  -4.891 1.00 0.00 ? 7 ASP A HB2  18 
ATOM 1746 H HB3  . ASP A 1 7 ? -3.764 1.238  -4.666 1.00 0.00 ? 7 ASP A HB3  18 
ATOM 1747 N N    . GLY A 1 1 ? -1.540 0.934  -0.682 1.00 0.00 ? 1 GLY A N    19 
ATOM 1748 C CA   . GLY A 1 1 ? -1.856 -0.334 -1.314 1.00 0.00 ? 1 GLY A CA   19 
ATOM 1749 C C    . GLY A 1 1 ? -2.146 -1.460 -0.329 1.00 0.00 ? 1 GLY A C    19 
ATOM 1750 O O    . GLY A 1 1 ? -2.271 -1.302 0.885  1.00 0.00 ? 1 GLY A O    19 
ATOM 1751 H H1   . GLY A 1 1 ? -0.593 1.249  -0.699 1.00 0.00 ? 1 GLY A H1   19 
ATOM 1752 H HA2  . GLY A 1 1 ? -2.716 -0.142 -1.980 1.00 0.00 ? 1 GLY A HA2  19 
ATOM 1753 H HA3  . GLY A 1 1 ? -1.014 -0.615 -1.941 1.00 0.00 ? 1 GLY A HA3  19 
ATOM 1754 N N    . LEU A 1 2 ? -2.210 -2.665 -0.877 1.00 0.00 ? 2 LEU A N    19 
ATOM 1755 C CA   . LEU A 1 2 ? -2.518 -3.853 -0.082 1.00 0.00 ? 2 LEU A CA   19 
ATOM 1756 C C    . LEU A 1 2 ? -1.505 -4.038 1.052  1.00 0.00 ? 2 LEU A C    19 
ATOM 1757 O O    . LEU A 1 2 ? -1.822 -4.481 2.156  1.00 0.00 ? 2 LEU A O    19 
ATOM 1758 C CB   . LEU A 1 2 ? -2.496 -5.085 -0.994 1.00 0.00 ? 2 LEU A CB   19 
ATOM 1759 C CG   . LEU A 1 2 ? -3.497 -5.134 -2.174 1.00 0.00 ? 2 LEU A CG   19 
ATOM 1760 C CD1  . LEU A 1 2 ? -3.159 -6.397 -2.996 1.00 0.00 ? 2 LEU A CD1  19 
ATOM 1761 C CD2  . LEU A 1 2 ? -4.980 -5.194 -1.772 1.00 0.00 ? 2 LEU A CD2  19 
ATOM 1762 H H    . LEU A 1 2 ? -2.098 -2.768 -1.853 1.00 0.00 ? 2 LEU A H    19 
ATOM 1763 H HA   . LEU A 1 2 ? -3.511 -3.734 0.364  1.00 0.00 ? 2 LEU A HA   19 
ATOM 1764 H HB2  . LEU A 1 2 ? -1.486 -5.159 -1.410 1.00 0.00 ? 2 LEU A HB2  19 
ATOM 1765 H HB3  . LEU A 1 2 ? -2.681 -5.971 -0.389 1.00 0.00 ? 2 LEU A HB3  19 
ATOM 1766 H HG   . LEU A 1 2 ? -3.357 -4.265 -2.802 1.00 0.00 ? 2 LEU A HG   19 
ATOM 1767 H HD11 . LEU A 1 2 ? -3.896 -6.503 -3.801 1.00 0.00 ? 2 LEU A HD11 19 
ATOM 1768 H HD12 . LEU A 1 2 ? -3.181 -7.283 -2.366 1.00 0.00 ? 2 LEU A HD12 19 
ATOM 1769 H HD13 . LEU A 1 2 ? -2.178 -6.296 -3.451 1.00 0.00 ? 2 LEU A HD13 19 
ATOM 1770 H HD21 . LEU A 1 2 ? -5.198 -4.426 -1.022 1.00 0.00 ? 2 LEU A HD21 19 
ATOM 1771 H HD22 . LEU A 1 2 ? -5.234 -6.174 -1.362 1.00 0.00 ? 2 LEU A HD22 19 
ATOM 1772 H HD23 . LEU A 1 2 ? -5.592 -5.001 -2.649 1.00 0.00 ? 2 LEU A HD23 19 
ATOM 1773 N N    . LEU A 1 3 ? -0.242 -3.709 0.749  1.00 0.00 ? 3 LEU A N    19 
ATOM 1774 C CA   . LEU A 1 3 ? 0.870  -3.893 1.696  1.00 0.00 ? 3 LEU A CA   19 
ATOM 1775 C C    . LEU A 1 3 ? 1.372  -2.536 2.203  1.00 0.00 ? 3 LEU A C    19 
ATOM 1776 O O    . LEU A 1 3 ? 2.487  -2.424 2.660  1.00 0.00 ? 3 LEU A O    19 
ATOM 1777 C CB   . LEU A 1 3 ? 1.975  -4.784 1.024  1.00 0.00 ? 3 LEU A CB   19 
ATOM 1778 C CG   . LEU A 1 3 ? 2.612  -4.551 -0.393 1.00 0.00 ? 3 LEU A CG   19 
ATOM 1779 C CD1  . LEU A 1 3 ? 1.852  -5.359 -1.547 1.00 0.00 ? 3 LEU A CD1  19 
ATOM 1780 C CD2  . LEU A 1 3 ? 2.724  -3.142 -0.801 1.00 0.00 ? 3 LEU A CD2  19 
ATOM 1781 H H    . LEU A 1 3 ? -0.040 -3.321 -0.157 1.00 0.00 ? 3 LEU A H    19 
ATOM 1782 H HA   . LEU A 1 3 ? 0.505  -4.458 2.551  1.00 0.00 ? 3 LEU A HA   19 
ATOM 1783 H HB2  . LEU A 1 3 ? 2.819  -4.803 1.710  1.00 0.00 ? 3 LEU A HB2  19 
ATOM 1784 H HB3  . LEU A 1 3 ? 1.577  -5.805 0.996  1.00 0.00 ? 3 LEU A HB3  19 
ATOM 1785 H HG   . LEU A 1 3 ? 3.617  -4.973 -0.360 1.00 0.00 ? 3 LEU A HG   19 
ATOM 1786 H HD11 . LEU A 1 3 ? 2.462  -5.340 -2.455 1.00 0.00 ? 3 LEU A HD11 19 
ATOM 1787 H HD12 . LEU A 1 3 ? 0.911  -4.875 -1.720 1.00 0.00 ? 3 LEU A HD12 19 
ATOM 1788 H HD13 . LEU A 1 3 ? 1.705  -6.394 -1.240 1.00 0.00 ? 3 LEU A HD13 19 
ATOM 1789 H HD21 . LEU A 1 3 ? 3.289  -2.598 -0.043 1.00 0.00 ? 3 LEU A HD21 19 
ATOM 1790 H HD22 . LEU A 1 3 ? 1.745  -2.719 -0.902 1.00 0.00 ? 3 LEU A HD22 19 
ATOM 1791 H HD23 . LEU A 1 3 ? 3.235  -3.080 -1.762 1.00 0.00 ? 3 LEU A HD23 19 
ATOM 1792 N N    . GLY A 1 4 ? 0.504  -1.519 2.145  1.00 0.00 ? 4 GLY A N    19 
ATOM 1793 C CA   . GLY A 1 4 ? 0.840  -0.206 2.632  1.00 0.00 ? 4 GLY A CA   19 
ATOM 1794 C C    . GLY A 1 4 ? 1.602  0.754  1.750  1.00 0.00 ? 4 GLY A C    19 
ATOM 1795 O O    . GLY A 1 4 ? 1.470  1.957  1.920  1.00 0.00 ? 4 GLY A O    19 
ATOM 1796 H H    . GLY A 1 4 ? -0.416 -1.659 1.787  1.00 0.00 ? 4 GLY A H    19 
ATOM 1797 H HA2  . GLY A 1 4 ? -0.097 0.307  2.870  1.00 0.00 ? 4 GLY A HA2  19 
ATOM 1798 H HA3  . GLY A 1 4 ? 1.395  -0.318 3.544  1.00 0.00 ? 4 GLY A HA3  19 
ATOM 1799 N N    . ILE A 1 5 ? 2.392  0.257  0.793  1.00 0.00 ? 5 ILE A N    19 
ATOM 1800 C CA   . ILE A 1 5 ? 3.133  1.179  -0.082 1.00 0.00 ? 5 ILE A CA   19 
ATOM 1801 C C    . ILE A 1 5 ? 2.052  1.874  -0.896 1.00 0.00 ? 5 ILE A C    19 
ATOM 1802 O O    . ILE A 1 5 ? 1.189  1.217  -1.442 1.00 0.00 ? 5 ILE A O    19 
ATOM 1803 C CB   . ILE A 1 5 ? 4.149  0.447  -1.054 1.00 0.00 ? 5 ILE A CB   19 
ATOM 1804 C CG1  . ILE A 1 5 ? 5.229  -0.304 -0.254 1.00 0.00 ? 5 ILE A CG1  19 
ATOM 1805 C CG2  . ILE A 1 5 ? 4.825  1.447  -2.047 1.00 0.00 ? 5 ILE A CG2  19 
ATOM 1806 C CD1  . ILE A 1 5 ? 6.113  -1.294 -1.102 1.00 0.00 ? 5 ILE A CD1  19 
ATOM 1807 H H    . ILE A 1 5 ? 2.501  -0.731 0.673  1.00 0.00 ? 5 ILE A H    19 
ATOM 1808 H HA   . ILE A 1 5 ? 3.669  1.917  0.516  1.00 0.00 ? 5 ILE A HA   19 
ATOM 1809 H HB   . ILE A 1 5 ? 3.550  -0.276 -1.630 1.00 0.00 ? 5 ILE A HB   19 
ATOM 1810 H HG12 . ILE A 1 5 ? 5.894  0.432  0.233  1.00 0.00 ? 5 ILE A HG12 19 
ATOM 1811 H HG13 . ILE A 1 5 ? 4.718  -0.864 0.519  1.00 0.00 ? 5 ILE A HG13 19 
ATOM 1812 H HG21 . ILE A 1 5 ? 4.066  1.911  -2.684 1.00 0.00 ? 5 ILE A HG21 19 
ATOM 1813 H HG22 . ILE A 1 5 ? 5.532  0.914  -2.678 1.00 0.00 ? 5 ILE A HG22 19 
ATOM 1814 H HG23 . ILE A 1 5 ? 5.347  2.237  -1.478 1.00 0.00 ? 5 ILE A HG23 19 
ATOM 1815 H HD11 . ILE A 1 5 ? 6.579  -0.763 -1.927 1.00 0.00 ? 5 ILE A HD11 19 
ATOM 1816 H HD12 . ILE A 1 5 ? 5.466  -2.094 -1.475 1.00 0.00 ? 5 ILE A HD12 19 
ATOM 1817 H HD13 . ILE A 1 5 ? 6.900  -1.718 -0.456 1.00 0.00 ? 5 ILE A HD13 19 
ATOM 1818 N N    . THR A 1 6 ? 2.114  3.216  -0.960 1.00 0.00 ? 6 THR A N    19 
ATOM 1819 C CA   . THR A 1 6 ? 1.115  4.054  -1.663 1.00 0.00 ? 6 THR A CA   19 
ATOM 1820 C C    . THR A 1 6 ? -0.338 3.638  -1.385 1.00 0.00 ? 6 THR A C    19 
ATOM 1821 O O    . THR A 1 6 ? -1.187 3.581  -2.283 1.00 0.00 ? 6 THR A O    19 
ATOM 1822 C CB   . THR A 1 6 ? 1.434  4.233  -3.185 1.00 0.00 ? 6 THR A CB   19 
ATOM 1823 O OG1  . THR A 1 6 ? 0.614  5.248  -3.765 1.00 0.00 ? 6 THR A OG1  19 
ATOM 1824 C CG2  . THR A 1 6 ? 1.337  2.971  -4.004 1.00 0.00 ? 6 THR A CG2  19 
ATOM 1825 H H    . THR A 1 6 ? 2.873  3.679  -0.527 1.00 0.00 ? 6 THR A H    19 
ATOM 1826 H HA   . THR A 1 6 ? 1.203  5.047  -1.230 1.00 0.00 ? 6 THR A HA   19 
ATOM 1827 H HB   . THR A 1 6 ? 2.469  4.582  -3.268 1.00 0.00 ? 6 THR A HB   19 
ATOM 1828 H HG1  . THR A 1 6 ? -0.315 5.014  -3.632 1.00 0.00 ? 6 THR A HG1  19 
ATOM 1829 H HG21 . THR A 1 6 ? 0.405  2.427  -3.807 1.00 0.00 ? 6 THR A HG21 19 
ATOM 1830 H HG22 . THR A 1 6 ? 2.143  2.324  -3.764 1.00 0.00 ? 6 THR A HG22 19 
ATOM 1831 H HG23 . THR A 1 6 ? 1.382  3.204  -5.062 1.00 0.00 ? 6 THR A HG23 19 
ATOM 1832 N N    . ASP A 1 7 ? -0.596 3.399  -0.102 1.00 0.00 ? 7 ASP A N    19 
ATOM 1833 C CA   . ASP A 1 7 ? -1.925 3.013  0.462  1.00 0.00 ? 7 ASP A CA   19 
ATOM 1834 C C    . ASP A 1 7 ? -2.451 1.693  -0.111 1.00 0.00 ? 7 ASP A C    19 
ATOM 1835 O O    . ASP A 1 7 ? -3.655 1.403  -0.029 1.00 0.00 ? 7 ASP A O    19 
ATOM 1836 C CB   . ASP A 1 7 ? -2.950 4.132  0.302  1.00 0.00 ? 7 ASP A CB   19 
ATOM 1837 C CG   . ASP A 1 7 ? -2.636 5.360  1.148  1.00 0.00 ? 7 ASP A CG   19 
ATOM 1838 O OD1  . ASP A 1 7 ? -1.966 5.247  2.206  1.00 0.00 ? 7 ASP A OD1  19 
ATOM 1839 O OD2  . ASP A 1 7 ? -3.094 6.427  0.752  1.00 0.00 ? 7 ASP A OD2  19 
ATOM 1840 H H    . ASP A 1 7 ? 0.158  3.505  0.580  1.00 0.00 ? 7 ASP A H    19 
ATOM 1841 H HA   . ASP A 1 7 ? -1.791 2.865  1.526  1.00 0.00 ? 7 ASP A HA   19 
ATOM 1842 H HB2  . ASP A 1 7 ? -3.024 4.426  -0.750 1.00 0.00 ? 7 ASP A HB2  19 
ATOM 1843 H HB3  . ASP A 1 7 ? -3.913 3.760  0.611  1.00 0.00 ? 7 ASP A HB3  19 
ATOM 1844 N N    . GLY A 1 1 ? -1.805 1.262  -0.441 1.00 0.00 ? 1 GLY A N    20 
ATOM 1845 C CA   . GLY A 1 1 ? -2.574 0.073  -0.847 1.00 0.00 ? 1 GLY A CA   20 
ATOM 1846 C C    . GLY A 1 1 ? -1.736 -1.184 -0.730 1.00 0.00 ? 1 GLY A C    20 
ATOM 1847 O O    . GLY A 1 1 ? -0.543 -1.124 -0.473 1.00 0.00 ? 1 GLY A O    20 
ATOM 1848 H H1   . GLY A 1 1 ? -0.824 1.289  -0.635 1.00 0.00 ? 1 GLY A H1   20 
ATOM 1849 H HA2  . GLY A 1 1 ? -3.431 -0.055 -0.168 1.00 0.00 ? 1 GLY A HA2  20 
ATOM 1850 H HA3  . GLY A 1 1 ? -2.934 0.222  -1.850 1.00 0.00 ? 1 GLY A HA3  20 
ATOM 1851 N N    . LEU A 1 2 ? -2.361 -2.352 -0.923 1.00 0.00 ? 2 LEU A N    20 
ATOM 1852 C CA   . LEU A 1 2 ? -1.672 -3.662 -0.815 1.00 0.00 ? 2 LEU A CA   20 
ATOM 1853 C C    . LEU A 1 2 ? -0.984 -3.855 0.536  1.00 0.00 ? 2 LEU A C    20 
ATOM 1854 O O    . LEU A 1 2 ? -1.651 -4.167 1.507  1.00 0.00 ? 2 LEU A O    20 
ATOM 1855 C CB   . LEU A 1 2 ? -0.665 -3.861 -1.975 1.00 0.00 ? 2 LEU A CB   20 
ATOM 1856 C CG   . LEU A 1 2 ? -1.187 -3.833 -3.432 1.00 0.00 ? 2 LEU A CG   20 
ATOM 1857 C CD1  . LEU A 1 2 ? 0.010  -3.816 -4.413 1.00 0.00 ? 2 LEU A CD1  20 
ATOM 1858 C CD2  . LEU A 1 2 ? -2.048 -5.037 -3.722 1.00 0.00 ? 2 LEU A CD2  20 
ATOM 1859 H H    . LEU A 1 2 ? -3.375 -2.343 -1.197 1.00 0.00 ? 2 LEU A H    20 
ATOM 1860 H HA   . LEU A 1 2 ? -2.425 -4.435 -0.891 1.00 0.00 ? 2 LEU A HA   20 
ATOM 1861 H HB2  . LEU A 1 2 ? 0.091  -3.076 -1.888 1.00 0.00 ? 2 LEU A HB2  20 
ATOM 1862 H HB3  . LEU A 1 2 ? -0.163 -4.814 -1.787 1.00 0.00 ? 2 LEU A HB3  20 
ATOM 1863 H HG   . LEU A 1 2 ? -1.776 -2.917 -3.582 1.00 0.00 ? 2 LEU A HG   20 
ATOM 1864 H HD11 . LEU A 1 2 ? 0.590  -2.900 -4.251 1.00 0.00 ? 2 LEU A HD11 20 
ATOM 1865 H HD12 . LEU A 1 2 ? -0.345 -3.838 -5.448 1.00 0.00 ? 2 LEU A HD12 20 
ATOM 1866 H HD13 . LEU A 1 2 ? 0.644  -4.694 -4.243 1.00 0.00 ? 2 LEU A HD13 20 
ATOM 1867 H HD21 . LEU A 1 2 ? -2.367 -5.016 -4.768 1.00 0.00 ? 2 LEU A HD21 20 
ATOM 1868 H HD22 . LEU A 1 2 ? -2.926 -5.021 -3.057 1.00 0.00 ? 2 LEU A HD22 20 
ATOM 1869 H HD23 . LEU A 1 2 ? -1.474 -5.957 -3.558 1.00 0.00 ? 2 LEU A HD23 20 
ATOM 1870 N N    . LEU A 1 3 ? 0.329  -3.702 0.588  1.00 0.00 ? 3 LEU A N    20 
ATOM 1871 C CA   . LEU A 1 3 ? 1.076  -3.884 1.833  1.00 0.00 ? 3 LEU A CA   20 
ATOM 1872 C C    . LEU A 1 3 ? 1.237  -2.585 2.611  1.00 0.00 ? 3 LEU A C    20 
ATOM 1873 O O    . LEU A 1 3 ? 1.932  -2.495 3.596  1.00 0.00 ? 3 LEU A O    20 
ATOM 1874 C CB   . LEU A 1 3 ? 2.479  -4.480 1.550  1.00 0.00 ? 3 LEU A CB   20 
ATOM 1875 C CG   . LEU A 1 3 ? 2.643  -5.951 1.116  1.00 0.00 ? 3 LEU A CG   20 
ATOM 1876 C CD1  . LEU A 1 3 ? 2.117  -6.182 -0.306 1.00 0.00 ? 3 LEU A CD1  20 
ATOM 1877 C CD2  . LEU A 1 3 ? 4.102  -6.378 1.166  1.00 0.00 ? 3 LEU A CD2  20 
ATOM 1878 H H    . LEU A 1 3 ? 0.832  -3.440 -0.210 1.00 0.00 ? 3 LEU A H    20 
ATOM 1879 H HA   . LEU A 1 3 ? 0.538  -4.576 2.464  1.00 0.00 ? 3 LEU A HA   20 
ATOM 1880 H HB2  . LEU A 1 3 ? 2.924  -3.817 0.807  1.00 0.00 ? 3 LEU A HB2  20 
ATOM 1881 H HB3  . LEU A 1 3 ? 3.063  -4.343 2.496  1.00 0.00 ? 3 LEU A HB3  20 
ATOM 1882 H HG   . LEU A 1 3 ? 2.093  -6.629 1.798  1.00 0.00 ? 3 LEU A HG   20 
ATOM 1883 H HD11 . LEU A 1 3 ? 1.043  -6.103 -0.304 1.00 0.00 ? 3 LEU A HD11 20 
ATOM 1884 H HD12 . LEU A 1 3 ? 2.399  -7.177 -0.656 1.00 0.00 ? 3 LEU A HD12 20 
ATOM 1885 H HD13 . LEU A 1 3 ? 2.544  -5.440 -0.969 1.00 0.00 ? 3 LEU A HD13 20 
ATOM 1886 H HD21 . LEU A 1 3 ? 4.663  -5.810 0.439  1.00 0.00 ? 3 LEU A HD21 20 
ATOM 1887 H HD22 . LEU A 1 3 ? 4.199  -7.426 0.937  1.00 0.00 ? 3 LEU A HD22 20 
ATOM 1888 H HD23 . LEU A 1 3 ? 4.508  -6.180 2.156  1.00 0.00 ? 3 LEU A HD23 20 
ATOM 1889 N N    . GLY A 1 4 ? 0.561  -1.540 2.137  1.00 0.00 ? 4 GLY A N    20 
ATOM 1890 C CA   . GLY A 1 4 ? 0.671  -0.189 2.705  1.00 0.00 ? 4 GLY A CA   20 
ATOM 1891 C C    . GLY A 1 4 ? 1.486  0.714  1.772  1.00 0.00 ? 4 GLY A C    20 
ATOM 1892 O O    . GLY A 1 4 ? 1.597  1.934  1.960  1.00 0.00 ? 4 GLY A O    20 
ATOM 1893 H H    . GLY A 1 4 ? -0.044 -1.654 1.336  1.00 0.00 ? 4 GLY A H    20 
ATOM 1894 H HA2  . GLY A 1 4 ? -0.320 0.237  2.822  1.00 0.00 ? 4 GLY A HA2  20 
ATOM 1895 H HA3  . GLY A 1 4 ? 1.148  -0.239 3.698  1.00 0.00 ? 4 GLY A HA3  20 
ATOM 1896 N N    . ILE A 1 5 ? 2.063  0.090  0.749  1.00 0.00 ? 5 ILE A N    20 
ATOM 1897 C CA   . ILE A 1 5 ? 2.837  0.789  -0.289 1.00 0.00 ? 5 ILE A CA   20 
ATOM 1898 C C    . ILE A 1 5 ? 1.832  1.609  -1.082 1.00 0.00 ? 5 ILE A C    20 
ATOM 1899 O O    . ILE A 1 5 ? 0.828  1.069  -1.488 1.00 0.00 ? 5 ILE A O    20 
ATOM 1900 C CB   . ILE A 1 5 ? 3.582  -0.267 -1.230 1.00 0.00 ? 5 ILE A CB   20 
ATOM 1901 C CG1  . ILE A 1 5 ? 4.483  -1.185 -0.374 1.00 0.00 ? 5 ILE A CG1  20 
ATOM 1902 C CG2  . ILE A 1 5 ? 4.400  0.444  -2.360 1.00 0.00 ? 5 ILE A CG2  20 
ATOM 1903 C CD1  . ILE A 1 5 ? 4.938  -2.481 -1.113 1.00 0.00 ? 5 ILE A CD1  20 
ATOM 1904 H H    . ILE A 1 5 ? 1.962  -0.892 0.676  1.00 0.00 ? 5 ILE A H    20 
ATOM 1905 H HA   . ILE A 1 5 ? 3.560  1.452  0.179  1.00 0.00 ? 5 ILE A HA   20 
ATOM 1906 H HB   . ILE A 1 5 ? 2.826  -0.886 -1.707 1.00 0.00 ? 5 ILE A HB   20 
ATOM 1907 H HG12 . ILE A 1 5 ? 5.350  -0.617 -0.037 1.00 0.00 ? 5 ILE A HG12 20 
ATOM 1908 H HG13 . ILE A 1 5 ? 3.927  -1.492 0.508  1.00 0.00 ? 5 ILE A HG13 20 
ATOM 1909 H HG21 . ILE A 1 5 ? 4.939  -0.295 -2.948 1.00 0.00 ? 5 ILE A HG21 20 
ATOM 1910 H HG22 . ILE A 1 5 ? 5.111  1.159  -1.913 1.00 0.00 ? 5 ILE A HG22 20 
ATOM 1911 H HG23 . ILE A 1 5 ? 3.700  0.967  -3.021 1.00 0.00 ? 5 ILE A HG23 20 
ATOM 1912 H HD11 . ILE A 1 5 ? 5.277  -3.209 -0.366 1.00 0.00 ? 5 ILE A HD11 20 
ATOM 1913 H HD12 . ILE A 1 5 ? 5.754  -2.261 -1.809 1.00 0.00 ? 5 ILE A HD12 20 
ATOM 1914 H HD13 . ILE A 1 5 ? 4.097  -2.895 -1.670 1.00 0.00 ? 5 ILE A HD13 20 
ATOM 1915 N N    . THR A 1 6 ? 2.095  2.900  -1.274 1.00 0.00 ? 6 THR A N    20 
ATOM 1916 C CA   . THR A 1 6 ? 1.196  3.803  -2.044 1.00 0.00 ? 6 THR A CA   20 
ATOM 1917 C C    . THR A 1 6 ? -0.234 3.763  -1.480 1.00 0.00 ? 6 THR A C    20 
ATOM 1918 O O    . THR A 1 6 ? -1.210 3.860  -2.205 1.00 0.00 ? 6 THR A O    20 
ATOM 1919 C CB   . THR A 1 6 ? 1.317  3.562  -3.624 1.00 0.00 ? 6 THR A CB   20 
ATOM 1920 O OG1  . THR A 1 6 ? 0.851  4.749  -4.281 1.00 0.00 ? 6 THR A OG1  20 
ATOM 1921 C CG2  . THR A 1 6 ? 0.610  2.315  -4.184 1.00 0.00 ? 6 THR A CG2  20 
ATOM 1922 H H    . THR A 1 6 ? 2.931  3.302  -0.882 1.00 0.00 ? 6 THR A H    20 
ATOM 1923 H HA   . THR A 1 6 ? 1.556  4.811  -1.865 1.00 0.00 ? 6 THR A HA   20 
ATOM 1924 H HB   . THR A 1 6 ? 2.376  3.466  -3.868 1.00 0.00 ? 6 THR A HB   20 
ATOM 1925 H HG1  . THR A 1 6 ? 1.108  4.715  -5.203 1.00 0.00 ? 6 THR A HG1  20 
ATOM 1926 H HG21 . THR A 1 6 ? 0.426  2.453  -5.241 1.00 0.00 ? 6 THR A HG21 20 
ATOM 1927 H HG22 . THR A 1 6 ? -0.347 2.156  -3.678 1.00 0.00 ? 6 THR A HG22 20 
ATOM 1928 H HG23 . THR A 1 6 ? 1.227  1.443  -4.017 1.00 0.00 ? 6 THR A HG23 20 
ATOM 1929 N N    . ASP A 1 7 ? -0.292 3.604  -0.143 1.00 0.00 ? 7 ASP A N    20 
ATOM 1930 C CA   . ASP A 1 7 ? -1.559 3.473  0.645  1.00 0.00 ? 7 ASP A CA   20 
ATOM 1931 C C    . ASP A 1 7 ? -2.417 2.267  0.196  1.00 0.00 ? 7 ASP A C    20 
ATOM 1932 O O    . ASP A 1 7 ? -3.626 2.222  0.475  1.00 0.00 ? 7 ASP A O    20 
ATOM 1933 C CB   . ASP A 1 7 ? -2.394 4.786  0.625  1.00 0.00 ? 7 ASP A CB   20 
ATOM 1934 C CG   . ASP A 1 7 ? -1.591 6.001  1.178  1.00 0.00 ? 7 ASP A CG   20 
ATOM 1935 O OD1  . ASP A 1 7 ? -1.592 6.193  2.392  1.00 0.00 ? 7 ASP A OD1  20 
ATOM 1936 O OD2  . ASP A 1 7 ? -0.991 6.750  0.381  1.00 0.00 ? 7 ASP A OD2  20 
ATOM 1937 H H    . ASP A 1 7 ? 0.558  3.560  0.357  1.00 0.00 ? 7 ASP A H    20 
ATOM 1938 H HA   . ASP A 1 7 ? -1.292 3.298  1.706  1.00 0.00 ? 7 ASP A HA   20 
ATOM 1939 H HB2  . ASP A 1 7 ? -2.688 5.018  -0.407 1.00 0.00 ? 7 ASP A HB2  20 
ATOM 1940 H HB3  . ASP A 1 7 ? -3.280 4.601  1.218  1.00 0.00 ? 7 ASP A HB3  20 
# 
